data_4IX2
#
_entry.id   4IX2
#
_cell.length_a   167.180
_cell.length_b   167.158
_cell.length_c   93.082
_cell.angle_alpha   90.000
_cell.angle_beta   90.000
_cell.angle_gamma   90.000
#
_symmetry.space_group_name_H-M   'C 2 2 2'
#
loop_
_entity.id
_entity.type
_entity.pdbx_description
1 polymer "Inosine-5'-monophosphate dehydrogenase"
2 non-polymer 'INOSINIC ACID'
3 non-polymer 'POTASSIUM ION'
4 water water
#
_entity_poly.entity_id   1
_entity_poly.type   'polypeptide(L)'
_entity_poly.pdbx_seq_one_letter_code
;SNAMHMLRIAKEALTFDDVLLVPAHSTVLPNTADLRTRLTKNIALNIPMVSASMDTVTEARLAIALAQEGGIGFIHKNMS
IEQQAAQVHQVKISGGLRVGAAVGAAPGNEERVKALVEAGVDVLLIDSSHGHSEGVLQRIRETRAAYPHLEIIGGNVATA
EGARALIEAGVSAVKVGIGPGSICTTRIVTGVGVPQITAIADAAGVANEYGIPVIADGGIRFSGDISKAIAAGASCVMVG
SMFAGTEEAPGEVILYQGRSYKAYRGMGSLGAMSKGSSDRYFQTDNAADKLVPEGIEGRIAYKGHLKEIIHQQMGGLRSC
MGLTGSATVEDLRTKAQFVRISGAGMKESHVHDVQITKEAPNYRLG
;
_entity_poly.pdbx_strand_id   A,B,C,D
#
loop_
_chem_comp.id
_chem_comp.type
_chem_comp.name
_chem_comp.formula
IMP non-polymer 'INOSINIC ACID' 'C10 H13 N4 O8 P'
K non-polymer 'POTASSIUM ION' 'K 1'
#
# COMPACT_ATOMS: atom_id res chain seq x y z
N MET A 6 -2.98 -37.26 -20.10
CA MET A 6 -4.41 -37.00 -20.06
C MET A 6 -4.85 -36.45 -18.71
N LEU A 7 -5.66 -35.40 -18.73
CA LEU A 7 -6.11 -34.75 -17.50
C LEU A 7 -7.22 -35.56 -16.84
N ARG A 8 -7.09 -35.77 -15.54
CA ARG A 8 -8.04 -36.59 -14.79
C ARG A 8 -9.22 -35.77 -14.26
N ILE A 9 -10.11 -35.39 -15.18
CA ILE A 9 -11.32 -34.64 -14.82
C ILE A 9 -12.43 -35.60 -14.43
N ALA A 10 -12.92 -35.47 -13.20
CA ALA A 10 -13.97 -36.35 -12.70
C ALA A 10 -15.32 -36.05 -13.36
N LYS A 11 -15.70 -34.77 -13.35
CA LYS A 11 -16.99 -34.35 -13.86
C LYS A 11 -17.06 -32.83 -13.97
N GLU A 12 -18.22 -32.32 -14.37
CA GLU A 12 -18.49 -30.90 -14.32
C GLU A 12 -19.25 -30.63 -13.02
N ALA A 13 -18.98 -29.49 -12.38
CA ALA A 13 -19.63 -29.17 -11.11
C ALA A 13 -20.30 -27.81 -11.16
N LEU A 14 -21.46 -27.71 -10.53
CA LEU A 14 -22.28 -26.50 -10.60
C LEU A 14 -22.48 -25.87 -9.22
N THR A 15 -22.64 -24.54 -9.20
CA THR A 15 -22.99 -23.85 -7.98
C THR A 15 -24.33 -23.12 -8.15
N PHE A 16 -24.70 -22.32 -7.15
CA PHE A 16 -26.02 -21.70 -7.09
C PHE A 16 -26.42 -20.88 -8.32
N ASP A 17 -25.47 -20.14 -8.88
CA ASP A 17 -25.76 -19.25 -10.01
C ASP A 17 -25.76 -19.98 -11.37
N ASP A 18 -25.50 -21.29 -11.33
CA ASP A 18 -25.47 -22.10 -12.54
C ASP A 18 -26.84 -22.69 -12.86
N VAL A 19 -27.77 -22.56 -11.92
CA VAL A 19 -29.08 -23.18 -12.05
C VAL A 19 -30.26 -22.27 -11.69
N LEU A 20 -31.45 -22.70 -12.09
CA LEU A 20 -32.69 -22.06 -11.67
C LEU A 20 -33.74 -23.14 -11.42
N LEU A 21 -34.67 -22.89 -10.51
CA LEU A 21 -35.74 -23.84 -10.25
C LEU A 21 -36.84 -23.71 -11.29
N VAL A 22 -37.33 -24.84 -11.78
CA VAL A 22 -38.36 -24.85 -12.80
C VAL A 22 -39.75 -24.73 -12.18
N PRO A 23 -40.48 -23.66 -12.54
CA PRO A 23 -41.85 -23.46 -12.06
C PRO A 23 -42.78 -24.57 -12.54
N ALA A 24 -43.75 -24.96 -11.72
CA ALA A 24 -44.64 -26.05 -12.07
C ALA A 24 -46.05 -25.84 -11.54
N HIS A 25 -46.94 -26.80 -11.82
CA HIS A 25 -48.31 -26.74 -11.33
C HIS A 25 -48.34 -26.72 -9.82
N SER A 26 -49.16 -25.86 -9.24
CA SER A 26 -49.19 -25.69 -7.79
C SER A 26 -50.59 -25.64 -7.19
N THR A 27 -50.77 -26.38 -6.10
CA THR A 27 -51.99 -26.29 -5.30
C THR A 27 -51.60 -25.81 -3.91
N VAL A 28 -50.57 -24.98 -3.84
CA VAL A 28 -50.05 -24.49 -2.58
C VAL A 28 -49.91 -22.97 -2.59
N LEU A 29 -50.47 -22.31 -1.58
CA LEU A 29 -50.23 -20.89 -1.38
C LEU A 29 -48.96 -20.71 -0.54
N PRO A 30 -48.17 -19.67 -0.86
CA PRO A 30 -46.92 -19.39 -0.13
C PRO A 30 -47.12 -19.30 1.38
N ASN A 31 -48.26 -18.77 1.82
CA ASN A 31 -48.55 -18.68 3.24
C ASN A 31 -49.05 -20.01 3.82
N THR A 32 -49.12 -21.02 2.98
CA THR A 32 -49.58 -22.34 3.40
C THR A 32 -48.48 -23.39 3.23
N ALA A 33 -47.29 -22.93 2.84
CA ALA A 33 -46.15 -23.82 2.68
C ALA A 33 -45.67 -24.31 4.04
N ASP A 34 -45.26 -25.57 4.10
CA ASP A 34 -44.77 -26.15 5.35
C ASP A 34 -43.25 -26.17 5.35
N LEU A 35 -42.65 -25.43 6.28
CA LEU A 35 -41.20 -25.29 6.35
C LEU A 35 -40.56 -26.26 7.32
N ARG A 36 -41.37 -27.13 7.91
CA ARG A 36 -40.85 -28.13 8.85
C ARG A 36 -39.89 -29.09 8.16
N THR A 37 -38.79 -29.39 8.83
CA THR A 37 -37.77 -30.28 8.28
C THR A 37 -36.97 -30.94 9.40
N ARG A 38 -35.97 -31.75 9.02
CA ARG A 38 -35.12 -32.40 10.02
C ARG A 38 -33.69 -31.87 9.97
N LEU A 39 -33.12 -31.59 11.15
CA LEU A 39 -31.71 -31.24 11.24
C LEU A 39 -30.90 -32.53 11.25
N THR A 40 -31.23 -33.41 12.20
CA THR A 40 -30.64 -34.72 12.27
C THR A 40 -31.72 -35.76 12.01
N LYS A 41 -31.35 -37.04 12.11
CA LYS A 41 -32.29 -38.13 11.89
C LYS A 41 -33.34 -38.12 12.99
N ASN A 42 -32.96 -37.63 14.17
CA ASN A 42 -33.84 -37.60 15.34
C ASN A 42 -34.21 -36.19 15.77
N ILE A 43 -33.81 -35.19 14.99
CA ILE A 43 -34.10 -33.79 15.32
C ILE A 43 -34.79 -33.06 14.18
N ALA A 44 -36.00 -32.56 14.47
CA ALA A 44 -36.78 -31.83 13.47
C ALA A 44 -36.76 -30.32 13.72
N LEU A 45 -36.72 -29.55 12.65
CA LEU A 45 -36.75 -28.09 12.74
C LEU A 45 -38.07 -27.57 12.17
N ASN A 46 -38.51 -26.42 12.66
CA ASN A 46 -39.69 -25.76 12.11
C ASN A 46 -39.36 -24.93 10.86
N ILE A 47 -38.15 -24.41 10.81
CA ILE A 47 -37.63 -23.76 9.61
C ILE A 47 -36.28 -24.37 9.22
N PRO A 48 -36.02 -24.49 7.92
CA PRO A 48 -34.79 -25.13 7.45
C PRO A 48 -33.56 -24.23 7.52
N MET A 49 -33.31 -23.62 8.68
CA MET A 49 -32.15 -22.76 8.85
C MET A 49 -31.41 -23.03 10.16
N VAL A 50 -30.10 -23.17 10.08
CA VAL A 50 -29.25 -23.25 11.25
C VAL A 50 -28.07 -22.29 11.09
N SER A 51 -27.60 -21.74 12.20
CA SER A 51 -26.53 -20.75 12.15
C SER A 51 -25.15 -21.40 12.15
N ALA A 52 -24.17 -20.68 11.62
CA ALA A 52 -22.78 -21.13 11.62
C ALA A 52 -22.16 -20.99 13.00
N SER A 53 -21.37 -21.98 13.41
CA SER A 53 -20.71 -21.95 14.70
C SER A 53 -19.44 -21.09 14.66
N MET A 54 -19.63 -19.78 14.58
CA MET A 54 -18.51 -18.86 14.41
C MET A 54 -18.55 -17.74 15.45
N ASP A 55 -17.38 -17.24 15.83
CA ASP A 55 -17.28 -16.22 16.87
C ASP A 55 -17.95 -14.91 16.49
N THR A 56 -18.09 -14.68 15.19
CA THR A 56 -18.71 -13.48 14.69
C THR A 56 -20.16 -13.73 14.30
N VAL A 57 -20.64 -14.94 14.54
CA VAL A 57 -21.98 -15.31 14.12
C VAL A 57 -22.88 -15.79 15.26
N THR A 58 -22.48 -16.83 15.95
CA THR A 58 -23.36 -17.48 16.91
C THR A 58 -22.80 -17.63 18.32
N GLU A 59 -23.34 -16.83 19.22
CA GLU A 59 -23.16 -17.08 20.64
C GLU A 59 -24.54 -17.37 21.23
N ALA A 60 -24.69 -17.16 22.53
CA ALA A 60 -25.94 -17.48 23.20
C ALA A 60 -27.11 -16.58 22.77
N ARG A 61 -26.82 -15.31 22.50
CA ARG A 61 -27.87 -14.35 22.17
C ARG A 61 -28.58 -14.65 20.85
N LEU A 62 -27.80 -14.93 19.80
CA LEU A 62 -28.36 -15.26 18.49
C LEU A 62 -29.03 -16.62 18.50
N ALA A 63 -28.39 -17.57 19.18
CA ALA A 63 -28.91 -18.94 19.23
C ALA A 63 -30.31 -18.99 19.82
N ILE A 64 -30.60 -18.06 20.72
CA ILE A 64 -31.94 -17.96 21.31
C ILE A 64 -32.94 -17.41 20.29
N ALA A 65 -32.59 -16.27 19.70
CA ALA A 65 -33.43 -15.62 18.71
C ALA A 65 -33.73 -16.54 17.53
N LEU A 66 -32.72 -17.31 17.14
CA LEU A 66 -32.88 -18.25 16.02
C LEU A 66 -33.78 -19.41 16.42
N ALA A 67 -33.58 -19.94 17.62
CA ALA A 67 -34.37 -21.07 18.09
C ALA A 67 -35.83 -20.67 18.26
N GLN A 68 -36.07 -19.41 18.64
CA GLN A 68 -37.43 -18.89 18.77
C GLN A 68 -38.16 -18.86 17.43
N GLU A 69 -37.38 -18.78 16.35
CA GLU A 69 -37.97 -18.73 15.01
C GLU A 69 -38.07 -20.13 14.40
N GLY A 70 -37.52 -21.12 15.11
CA GLY A 70 -37.66 -22.50 14.69
C GLY A 70 -36.37 -23.18 14.26
N GLY A 71 -35.28 -22.43 14.27
CA GLY A 71 -33.99 -22.97 13.85
C GLY A 71 -33.14 -23.44 15.00
N ILE A 72 -31.86 -23.68 14.74
CA ILE A 72 -30.93 -24.08 15.79
C ILE A 72 -29.58 -23.38 15.63
N GLY A 73 -29.15 -22.72 16.69
CA GLY A 73 -27.84 -22.09 16.71
C GLY A 73 -26.76 -23.04 17.19
N PHE A 74 -25.55 -22.87 16.67
CA PHE A 74 -24.41 -23.66 17.11
C PHE A 74 -23.37 -22.78 17.79
N ILE A 75 -23.17 -23.00 19.10
CA ILE A 75 -22.17 -22.25 19.85
C ILE A 75 -20.79 -22.58 19.32
N HIS A 76 -20.02 -21.55 19.00
CA HIS A 76 -18.65 -21.74 18.51
C HIS A 76 -17.73 -22.16 19.66
N LYS A 77 -16.55 -22.65 19.32
CA LYS A 77 -15.65 -23.20 20.32
C LYS A 77 -14.44 -22.31 20.57
N ASN A 78 -14.53 -21.05 20.14
CA ASN A 78 -13.48 -20.08 20.41
C ASN A 78 -13.65 -19.40 21.76
N MET A 79 -13.97 -20.21 22.77
CA MET A 79 -14.11 -19.75 24.14
C MET A 79 -13.79 -20.90 25.09
N SER A 80 -13.80 -20.62 26.38
CA SER A 80 -13.53 -21.65 27.38
C SER A 80 -14.69 -22.65 27.41
N ILE A 81 -14.42 -23.84 27.95
CA ILE A 81 -15.43 -24.87 28.07
C ILE A 81 -16.59 -24.39 28.93
N GLU A 82 -16.26 -23.82 30.08
CA GLU A 82 -17.26 -23.34 31.02
C GLU A 82 -18.15 -22.29 30.38
N GLN A 83 -17.52 -21.33 29.70
CA GLN A 83 -18.25 -20.28 29.00
C GLN A 83 -19.14 -20.85 27.92
N GLN A 84 -18.63 -21.85 27.20
CA GLN A 84 -19.40 -22.50 26.16
C GLN A 84 -20.52 -23.32 26.77
N ALA A 85 -20.23 -23.98 27.88
CA ALA A 85 -21.23 -24.76 28.60
C ALA A 85 -22.26 -23.81 29.22
N ALA A 86 -21.80 -22.63 29.62
CA ALA A 86 -22.68 -21.63 30.22
C ALA A 86 -23.73 -21.18 29.23
N GLN A 87 -23.30 -20.92 28.00
CA GLN A 87 -24.18 -20.41 26.96
C GLN A 87 -25.23 -21.43 26.52
N VAL A 88 -24.84 -22.70 26.46
CA VAL A 88 -25.77 -23.76 26.10
C VAL A 88 -26.93 -23.81 27.10
N HIS A 89 -26.60 -23.97 28.37
CA HIS A 89 -27.58 -23.99 29.46
C HIS A 89 -28.40 -22.70 29.45
N GLN A 90 -27.72 -21.59 29.23
CA GLN A 90 -28.36 -20.30 29.13
C GLN A 90 -29.40 -20.29 28.01
N VAL A 91 -29.08 -20.94 26.91
CA VAL A 91 -30.02 -21.08 25.81
C VAL A 91 -31.11 -22.10 26.19
N LYS A 92 -30.71 -23.18 26.86
CA LYS A 92 -31.63 -24.23 27.25
C LYS A 92 -32.73 -23.74 28.18
N ILE A 93 -32.39 -22.77 29.04
CA ILE A 93 -33.34 -22.26 30.02
C ILE A 93 -34.14 -21.07 29.51
N SER A 94 -34.32 -20.98 28.20
CA SER A 94 -35.10 -19.89 27.63
C SER A 94 -36.38 -20.39 26.95
N GLY A 95 -37.09 -21.28 27.63
CA GLY A 95 -38.34 -21.80 27.12
C GLY A 95 -38.17 -23.14 26.46
N GLY A 96 -37.20 -23.91 26.94
CA GLY A 96 -36.92 -25.23 26.40
C GLY A 96 -36.47 -25.19 24.95
N LEU A 97 -35.53 -24.29 24.68
CA LEU A 97 -34.98 -24.14 23.34
C LEU A 97 -33.93 -25.20 23.04
N ARG A 98 -33.86 -25.60 21.77
CA ARG A 98 -32.84 -26.54 21.32
C ARG A 98 -31.59 -25.79 20.90
N VAL A 99 -30.43 -26.40 21.13
CA VAL A 99 -29.16 -25.75 20.83
C VAL A 99 -28.06 -26.76 20.51
N GLY A 100 -27.22 -26.43 19.53
CA GLY A 100 -26.08 -27.24 19.21
C GLY A 100 -24.80 -26.57 19.65
N ALA A 101 -23.72 -27.33 19.73
CA ALA A 101 -22.41 -26.78 20.12
C ALA A 101 -21.31 -27.47 19.33
N ALA A 102 -20.37 -26.67 18.83
CA ALA A 102 -19.31 -27.21 17.99
C ALA A 102 -18.08 -27.58 18.81
N VAL A 103 -17.30 -28.51 18.29
CA VAL A 103 -16.03 -28.90 18.91
C VAL A 103 -14.99 -29.18 17.84
N GLY A 104 -13.72 -29.21 18.24
CA GLY A 104 -12.65 -29.55 17.32
C GLY A 104 -12.59 -31.05 17.13
N ALA A 105 -11.96 -31.49 16.04
CA ALA A 105 -11.85 -32.91 15.75
C ALA A 105 -10.59 -33.51 16.36
N ALA A 106 -9.66 -32.64 16.77
CA ALA A 106 -8.41 -33.09 17.36
C ALA A 106 -8.63 -33.52 18.82
N PRO A 107 -7.81 -34.47 19.30
CA PRO A 107 -7.86 -34.90 20.70
C PRO A 107 -7.61 -33.75 21.65
N GLY A 108 -8.43 -33.65 22.69
CA GLY A 108 -8.37 -32.54 23.62
C GLY A 108 -9.74 -31.95 23.85
N ASN A 109 -10.67 -32.24 22.92
CA ASN A 109 -12.06 -31.84 23.07
C ASN A 109 -12.85 -32.85 23.88
N GLU A 110 -12.12 -33.77 24.50
CA GLU A 110 -12.72 -34.89 25.24
C GLU A 110 -13.67 -34.42 26.34
N GLU A 111 -13.19 -33.55 27.21
CA GLU A 111 -14.01 -33.06 28.32
C GLU A 111 -14.86 -31.85 27.94
N ARG A 112 -14.52 -31.20 26.83
CA ARG A 112 -15.36 -30.12 26.33
C ARG A 112 -16.69 -30.68 25.89
N VAL A 113 -16.64 -31.79 25.16
CA VAL A 113 -17.83 -32.52 24.76
C VAL A 113 -18.56 -33.01 26.00
N LYS A 114 -17.81 -33.58 26.94
CA LYS A 114 -18.35 -34.09 28.19
C LYS A 114 -19.20 -33.04 28.91
N ALA A 115 -18.64 -31.85 29.08
CA ALA A 115 -19.34 -30.77 29.76
C ALA A 115 -20.58 -30.32 28.99
N LEU A 116 -20.44 -30.20 27.67
CA LEU A 116 -21.57 -29.82 26.82
C LEU A 116 -22.71 -30.83 26.94
N VAL A 117 -22.36 -32.12 26.97
CA VAL A 117 -23.35 -33.17 27.20
C VAL A 117 -23.98 -32.99 28.57
N GLU A 118 -23.14 -32.68 29.57
CA GLU A 118 -23.62 -32.37 30.90
C GLU A 118 -24.41 -31.07 30.90
N ALA A 119 -24.02 -30.16 30.03
CA ALA A 119 -24.72 -28.88 29.90
C ALA A 119 -26.04 -29.05 29.19
N GLY A 120 -26.27 -30.25 28.66
CA GLY A 120 -27.52 -30.59 28.01
C GLY A 120 -27.62 -30.05 26.60
N VAL A 121 -26.54 -30.20 25.83
CA VAL A 121 -26.56 -29.79 24.43
C VAL A 121 -27.38 -30.78 23.61
N ASP A 122 -28.19 -30.28 22.69
CA ASP A 122 -29.13 -31.11 21.96
C ASP A 122 -28.49 -31.82 20.78
N VAL A 123 -27.42 -31.24 20.25
CA VAL A 123 -26.72 -31.82 19.10
C VAL A 123 -25.27 -31.36 19.04
N LEU A 124 -24.36 -32.32 18.96
CA LEU A 124 -22.93 -32.02 18.93
C LEU A 124 -22.43 -31.89 17.49
N LEU A 125 -21.65 -30.85 17.22
CA LEU A 125 -21.05 -30.67 15.92
C LEU A 125 -19.54 -30.83 15.99
N ILE A 126 -19.03 -31.85 15.30
CA ILE A 126 -17.59 -32.02 15.19
C ILE A 126 -17.12 -31.26 13.95
N ASP A 127 -16.39 -30.17 14.18
CA ASP A 127 -16.00 -29.29 13.08
C ASP A 127 -14.59 -29.55 12.55
N SER A 128 -14.47 -29.60 11.22
CA SER A 128 -13.18 -29.77 10.56
C SER A 128 -13.21 -29.25 9.13
N SER A 129 -12.03 -28.92 8.60
CA SER A 129 -11.93 -28.46 7.22
C SER A 129 -12.08 -29.64 6.25
N HIS A 130 -11.89 -30.85 6.78
CA HIS A 130 -11.90 -32.05 5.96
C HIS A 130 -12.57 -33.20 6.70
N GLY A 131 -13.87 -33.36 6.48
CA GLY A 131 -14.64 -34.40 7.14
C GLY A 131 -14.29 -35.81 6.67
N HIS A 132 -13.62 -35.91 5.53
CA HIS A 132 -13.29 -37.21 4.97
C HIS A 132 -11.89 -37.68 5.40
N SER A 133 -11.33 -36.99 6.38
CA SER A 133 -10.03 -37.38 6.94
C SER A 133 -10.21 -38.39 8.07
N GLU A 134 -9.34 -39.40 8.10
CA GLU A 134 -9.47 -40.50 9.05
C GLU A 134 -9.44 -40.03 10.51
N GLY A 135 -8.62 -39.03 10.79
CA GLY A 135 -8.53 -38.46 12.12
C GLY A 135 -9.87 -37.91 12.60
N VAL A 136 -10.62 -37.35 11.65
CA VAL A 136 -11.94 -36.83 11.96
C VAL A 136 -12.95 -37.96 12.07
N LEU A 137 -12.82 -38.93 11.17
CA LEU A 137 -13.68 -40.11 11.18
C LEU A 137 -13.58 -40.87 12.50
N GLN A 138 -12.37 -40.99 13.02
CA GLN A 138 -12.13 -41.74 14.26
C GLN A 138 -12.66 -41.02 15.49
N ARG A 139 -12.68 -39.69 15.45
CA ARG A 139 -13.20 -38.93 16.56
C ARG A 139 -14.72 -39.08 16.64
N ILE A 140 -15.35 -39.28 15.49
CA ILE A 140 -16.79 -39.52 15.47
C ILE A 140 -17.10 -40.90 16.04
N ARG A 141 -16.34 -41.90 15.60
CA ARG A 141 -16.49 -43.25 16.09
C ARG A 141 -16.32 -43.31 17.61
N GLU A 142 -15.29 -42.65 18.12
CA GLU A 142 -15.05 -42.62 19.56
C GLU A 142 -16.15 -41.86 20.29
N THR A 143 -16.66 -40.81 19.66
CA THR A 143 -17.69 -39.98 20.27
C THR A 143 -19.05 -40.69 20.22
N ARG A 144 -19.30 -41.42 19.14
CA ARG A 144 -20.55 -42.14 18.97
C ARG A 144 -20.73 -43.22 20.05
N ALA A 145 -19.66 -43.98 20.31
CA ALA A 145 -19.73 -45.07 21.28
C ALA A 145 -20.01 -44.56 22.69
N ALA A 146 -19.35 -43.46 23.06
CA ALA A 146 -19.50 -42.88 24.40
C ALA A 146 -20.91 -42.37 24.64
N TYR A 147 -21.54 -41.85 23.59
CA TYR A 147 -22.90 -41.35 23.68
C TYR A 147 -23.73 -41.92 22.54
N PRO A 148 -24.17 -43.19 22.70
CA PRO A 148 -24.81 -44.00 21.65
C PRO A 148 -26.00 -43.34 20.96
N HIS A 149 -26.71 -42.45 21.64
CA HIS A 149 -27.89 -41.84 21.06
C HIS A 149 -27.85 -40.32 21.06
N LEU A 150 -26.67 -39.76 21.27
CA LEU A 150 -26.46 -38.33 21.13
C LEU A 150 -26.44 -37.97 19.65
N GLU A 151 -27.11 -36.88 19.29
CA GLU A 151 -27.14 -36.45 17.90
C GLU A 151 -25.86 -35.71 17.55
N ILE A 152 -25.14 -36.25 16.56
CA ILE A 152 -23.83 -35.72 16.18
C ILE A 152 -23.78 -35.36 14.70
N ILE A 153 -23.18 -34.21 14.40
CA ILE A 153 -23.03 -33.78 13.01
C ILE A 153 -21.57 -33.73 12.60
N GLY A 154 -21.25 -34.36 11.48
CA GLY A 154 -19.88 -34.41 11.00
C GLY A 154 -19.68 -33.64 9.71
N GLY A 155 -18.46 -33.18 9.48
CA GLY A 155 -18.13 -32.43 8.29
C GLY A 155 -16.77 -31.78 8.37
N ASN A 156 -16.37 -31.10 7.30
CA ASN A 156 -17.20 -30.96 6.11
C ASN A 156 -16.72 -31.85 4.96
N VAL A 157 -17.66 -32.25 4.11
CA VAL A 157 -17.35 -33.00 2.90
C VAL A 157 -18.08 -32.40 1.72
N ALA A 158 -17.86 -32.97 0.54
CA ALA A 158 -18.52 -32.51 -0.67
C ALA A 158 -18.68 -33.66 -1.65
N THR A 159 -18.41 -34.87 -1.16
CA THR A 159 -18.43 -36.04 -2.02
C THR A 159 -19.33 -37.14 -1.45
N ALA A 160 -19.69 -38.09 -2.30
CA ALA A 160 -20.58 -39.18 -1.95
C ALA A 160 -19.93 -40.11 -0.92
N GLU A 161 -18.70 -40.55 -1.21
CA GLU A 161 -17.98 -41.43 -0.29
C GLU A 161 -17.64 -40.71 1.01
N GLY A 162 -17.36 -39.41 0.89
CA GLY A 162 -17.09 -38.59 2.06
C GLY A 162 -18.31 -38.53 2.95
N ALA A 163 -19.48 -38.48 2.31
CA ALA A 163 -20.75 -38.55 3.01
C ALA A 163 -20.97 -39.96 3.54
N ARG A 164 -20.58 -40.94 2.74
CA ARG A 164 -20.72 -42.34 3.13
C ARG A 164 -19.81 -42.69 4.30
N ALA A 165 -18.56 -42.23 4.23
CA ALA A 165 -17.60 -42.47 5.30
C ALA A 165 -18.06 -41.86 6.63
N LEU A 166 -18.65 -40.67 6.57
CA LEU A 166 -19.14 -40.01 7.78
C LEU A 166 -20.30 -40.78 8.40
N ILE A 167 -21.14 -41.37 7.55
CA ILE A 167 -22.35 -42.06 8.02
C ILE A 167 -22.04 -43.32 8.82
N GLU A 168 -21.12 -44.14 8.34
CA GLU A 168 -20.77 -45.35 9.08
C GLU A 168 -19.93 -45.00 10.31
N ALA A 169 -19.40 -43.79 10.36
CA ALA A 169 -18.70 -43.32 11.54
C ALA A 169 -19.73 -43.13 12.64
N GLY A 170 -20.97 -42.86 12.24
CA GLY A 170 -22.09 -42.82 13.17
C GLY A 170 -22.81 -41.49 13.27
N VAL A 171 -22.62 -40.64 12.27
CA VAL A 171 -23.23 -39.31 12.29
C VAL A 171 -24.76 -39.36 12.18
N SER A 172 -25.40 -38.32 12.68
CA SER A 172 -26.85 -38.18 12.62
C SER A 172 -27.23 -37.26 11.46
N ALA A 173 -26.23 -36.57 10.94
CA ALA A 173 -26.41 -35.66 9.80
C ALA A 173 -25.07 -35.34 9.18
N VAL A 174 -25.04 -35.18 7.86
CA VAL A 174 -23.80 -34.86 7.16
C VAL A 174 -23.81 -33.41 6.70
N LYS A 175 -22.78 -32.66 7.08
CA LYS A 175 -22.70 -31.26 6.69
C LYS A 175 -21.84 -31.09 5.44
N VAL A 176 -22.42 -30.43 4.44
CA VAL A 176 -21.79 -30.31 3.12
C VAL A 176 -21.26 -28.91 2.86
N GLY A 177 -20.02 -28.84 2.40
CA GLY A 177 -19.45 -27.56 1.99
C GLY A 177 -17.96 -27.44 2.18
N ILE A 178 -17.22 -27.51 1.08
CA ILE A 178 -15.77 -27.33 1.10
C ILE A 178 -15.40 -26.14 0.22
N GLY A 179 -15.29 -24.96 0.83
CA GLY A 179 -14.93 -23.77 0.08
C GLY A 179 -15.94 -22.64 -0.17
N PRO A 180 -17.26 -22.94 -0.21
CA PRO A 180 -18.15 -21.86 -0.68
C PRO A 180 -18.36 -20.72 0.31
N GLY A 181 -17.74 -20.80 1.48
CA GLY A 181 -17.88 -19.76 2.49
C GLY A 181 -17.51 -18.38 1.98
N SER A 182 -18.35 -17.40 2.27
CA SER A 182 -18.14 -16.02 1.81
C SER A 182 -16.79 -15.48 2.28
N ILE A 183 -16.41 -15.81 3.51
CA ILE A 183 -15.14 -15.36 4.06
C ILE A 183 -14.06 -16.44 3.91
N CYS A 184 -14.33 -17.43 3.06
CA CYS A 184 -13.42 -18.55 2.89
C CYS A 184 -12.57 -18.39 1.63
N THR A 185 -11.31 -18.80 1.72
CA THR A 185 -10.39 -18.72 0.58
C THR A 185 -9.77 -20.08 0.32
N THR A 186 -10.32 -21.11 0.95
CA THR A 186 -9.81 -22.47 0.85
C THR A 186 -9.61 -22.97 -0.59
N ARG A 187 -10.60 -22.73 -1.44
CA ARG A 187 -10.52 -23.16 -2.83
C ARG A 187 -9.40 -22.45 -3.58
N ILE A 188 -9.08 -21.23 -3.15
CA ILE A 188 -8.02 -20.44 -3.78
C ILE A 188 -6.65 -20.90 -3.31
N VAL A 189 -6.47 -20.98 -2.00
CA VAL A 189 -5.18 -21.29 -1.40
C VAL A 189 -4.77 -22.75 -1.62
N THR A 190 -5.74 -23.66 -1.62
CA THR A 190 -5.46 -25.08 -1.77
C THR A 190 -5.65 -25.58 -3.20
N GLY A 191 -6.67 -25.05 -3.88
CA GLY A 191 -7.02 -25.51 -5.20
C GLY A 191 -8.03 -26.64 -5.13
N VAL A 192 -8.44 -26.96 -3.91
CA VAL A 192 -9.35 -28.06 -3.63
C VAL A 192 -10.73 -27.51 -3.28
N GLY A 193 -11.78 -28.12 -3.82
CA GLY A 193 -13.14 -27.71 -3.54
C GLY A 193 -14.14 -28.19 -4.57
N VAL A 194 -15.42 -28.17 -4.21
CA VAL A 194 -16.50 -28.53 -5.13
C VAL A 194 -17.62 -27.51 -5.04
N PRO A 195 -18.03 -26.93 -6.18
CA PRO A 195 -19.16 -26.03 -6.26
C PRO A 195 -20.37 -26.60 -5.53
N GLN A 196 -21.02 -25.78 -4.72
CA GLN A 196 -21.91 -26.26 -3.66
C GLN A 196 -23.14 -27.05 -4.13
N ILE A 197 -23.73 -26.63 -5.25
CA ILE A 197 -24.90 -27.35 -5.77
C ILE A 197 -24.56 -28.82 -6.06
N THR A 198 -23.43 -29.05 -6.71
CA THR A 198 -22.94 -30.40 -6.99
C THR A 198 -22.56 -31.13 -5.69
N ALA A 199 -21.98 -30.39 -4.76
CA ALA A 199 -21.58 -30.94 -3.47
C ALA A 199 -22.77 -31.52 -2.70
N ILE A 200 -23.87 -30.79 -2.69
CA ILE A 200 -25.06 -31.22 -1.96
C ILE A 200 -25.65 -32.48 -2.56
N ALA A 201 -25.90 -32.45 -3.87
CA ALA A 201 -26.54 -33.56 -4.58
C ALA A 201 -25.76 -34.86 -4.48
N ASP A 202 -24.44 -34.78 -4.62
CA ASP A 202 -23.59 -35.96 -4.53
C ASP A 202 -23.69 -36.59 -3.14
N ALA A 203 -23.65 -35.75 -2.11
CA ALA A 203 -23.78 -36.21 -0.74
C ALA A 203 -25.21 -36.66 -0.47
N ALA A 204 -26.17 -35.96 -1.08
CA ALA A 204 -27.57 -36.32 -0.96
C ALA A 204 -27.85 -37.72 -1.51
N GLY A 205 -27.13 -38.10 -2.55
CA GLY A 205 -27.30 -39.40 -3.17
C GLY A 205 -26.98 -40.55 -2.23
N VAL A 206 -26.03 -40.34 -1.32
CA VAL A 206 -25.63 -41.36 -0.36
C VAL A 206 -26.46 -41.27 0.93
N ALA A 207 -26.58 -40.07 1.47
CA ALA A 207 -27.31 -39.87 2.72
C ALA A 207 -28.77 -40.33 2.63
N ASN A 208 -29.36 -40.22 1.45
CA ASN A 208 -30.72 -40.69 1.20
C ASN A 208 -30.89 -42.19 1.46
N GLU A 209 -29.82 -42.95 1.24
CA GLU A 209 -29.84 -44.39 1.44
C GLU A 209 -30.05 -44.73 2.91
N TYR A 210 -29.56 -43.85 3.78
CA TYR A 210 -29.57 -44.09 5.21
C TYR A 210 -30.63 -43.25 5.92
N GLY A 211 -31.40 -42.49 5.16
CA GLY A 211 -32.41 -41.60 5.73
C GLY A 211 -31.78 -40.53 6.62
N ILE A 212 -30.53 -40.19 6.33
CA ILE A 212 -29.79 -39.19 7.10
C ILE A 212 -29.84 -37.83 6.43
N PRO A 213 -30.27 -36.79 7.17
CA PRO A 213 -30.41 -35.43 6.63
C PRO A 213 -29.07 -34.81 6.21
N VAL A 214 -29.14 -33.92 5.22
CA VAL A 214 -27.96 -33.22 4.72
C VAL A 214 -28.03 -31.72 5.02
N ILE A 215 -26.95 -31.18 5.58
CA ILE A 215 -26.89 -29.76 5.88
C ILE A 215 -25.99 -29.04 4.88
N ALA A 216 -26.58 -28.15 4.08
CA ALA A 216 -25.81 -27.36 3.13
C ALA A 216 -25.15 -26.18 3.84
N ASP A 217 -23.83 -26.14 3.79
CA ASP A 217 -23.06 -25.17 4.57
C ASP A 217 -22.18 -24.27 3.70
N GLY A 218 -22.52 -22.99 3.63
CA GLY A 218 -21.70 -22.00 2.95
C GLY A 218 -22.15 -21.70 1.54
N GLY A 219 -22.03 -20.44 1.14
CA GLY A 219 -22.32 -20.04 -0.22
C GLY A 219 -23.66 -19.37 -0.45
N ILE A 220 -24.57 -19.47 0.52
CA ILE A 220 -25.88 -18.86 0.38
C ILE A 220 -25.80 -17.34 0.51
N ARG A 221 -26.25 -16.64 -0.53
CA ARG A 221 -26.15 -15.17 -0.56
C ARG A 221 -27.51 -14.52 -0.72
N PHE A 222 -28.44 -15.24 -1.35
CA PHE A 222 -29.79 -14.74 -1.52
C PHE A 222 -30.79 -15.78 -1.03
N SER A 223 -32.03 -15.36 -0.80
CA SER A 223 -33.05 -16.28 -0.35
C SER A 223 -33.32 -17.37 -1.38
N GLY A 224 -33.11 -17.06 -2.65
CA GLY A 224 -33.28 -18.06 -3.70
C GLY A 224 -32.25 -19.16 -3.63
N ASP A 225 -31.12 -18.88 -2.98
CA ASP A 225 -30.07 -19.88 -2.81
C ASP A 225 -30.51 -20.96 -1.85
N ILE A 226 -31.34 -20.59 -0.88
CA ILE A 226 -31.90 -21.55 0.06
C ILE A 226 -32.70 -22.61 -0.67
N SER A 227 -33.56 -22.15 -1.58
CA SER A 227 -34.44 -23.04 -2.33
C SER A 227 -33.64 -24.00 -3.20
N LYS A 228 -32.52 -23.51 -3.73
CA LYS A 228 -31.68 -24.30 -4.62
C LYS A 228 -30.90 -25.35 -3.84
N ALA A 229 -30.43 -24.98 -2.66
CA ALA A 229 -29.70 -25.90 -1.80
C ALA A 229 -30.62 -27.03 -1.36
N ILE A 230 -31.84 -26.67 -0.98
CA ILE A 230 -32.82 -27.67 -0.57
C ILE A 230 -33.19 -28.58 -1.73
N ALA A 231 -33.43 -27.98 -2.89
CA ALA A 231 -33.77 -28.75 -4.08
C ALA A 231 -32.60 -29.62 -4.52
N ALA A 232 -31.37 -29.21 -4.18
CA ALA A 232 -30.20 -30.02 -4.50
C ALA A 232 -30.15 -31.26 -3.62
N GLY A 233 -30.88 -31.21 -2.51
CA GLY A 233 -30.96 -32.35 -1.62
C GLY A 233 -30.76 -32.04 -0.15
N ALA A 234 -30.53 -30.77 0.18
CA ALA A 234 -30.28 -30.39 1.57
C ALA A 234 -31.56 -30.36 2.40
N SER A 235 -31.45 -30.80 3.66
CA SER A 235 -32.57 -30.74 4.57
C SER A 235 -32.70 -29.33 5.15
N CYS A 236 -31.55 -28.68 5.32
CA CYS A 236 -31.51 -27.30 5.78
C CYS A 236 -30.17 -26.67 5.41
N VAL A 237 -30.03 -25.38 5.68
CA VAL A 237 -28.81 -24.66 5.32
C VAL A 237 -28.13 -24.02 6.54
N MET A 238 -26.80 -24.10 6.56
CA MET A 238 -26.03 -23.39 7.57
C MET A 238 -25.45 -22.11 6.97
N VAL A 239 -25.81 -20.98 7.54
CA VAL A 239 -25.41 -19.69 7.01
C VAL A 239 -24.64 -18.83 8.00
N GLY A 240 -23.77 -17.98 7.48
CA GLY A 240 -23.00 -17.05 8.28
C GLY A 240 -23.22 -15.60 7.87
N SER A 241 -23.03 -15.31 6.58
CA SER A 241 -23.19 -13.95 6.06
C SER A 241 -24.61 -13.42 6.19
N MET A 242 -25.56 -14.31 6.41
CA MET A 242 -26.95 -13.91 6.59
C MET A 242 -27.25 -13.52 8.04
N PHE A 243 -26.50 -14.09 8.96
CA PHE A 243 -26.70 -13.83 10.39
C PHE A 243 -25.66 -12.86 10.91
N ALA A 244 -24.59 -12.69 10.13
CA ALA A 244 -23.66 -11.61 10.35
C ALA A 244 -24.36 -10.33 9.98
N GLY A 245 -24.39 -9.38 10.91
CA GLY A 245 -25.04 -8.11 10.67
C GLY A 245 -26.22 -7.89 11.60
N THR A 246 -26.99 -8.95 11.81
CA THR A 246 -28.17 -8.87 12.67
C THR A 246 -27.77 -8.48 14.08
N GLU A 247 -28.72 -7.87 14.79
CA GLU A 247 -28.46 -7.31 16.12
C GLU A 247 -28.00 -8.37 17.11
N GLU A 248 -28.62 -9.55 17.05
CA GLU A 248 -28.39 -10.61 18.04
C GLU A 248 -27.00 -11.25 17.96
N ALA A 249 -26.41 -11.25 16.77
CA ALA A 249 -25.07 -11.80 16.57
C ALA A 249 -24.03 -11.02 17.37
N PRO A 250 -22.90 -11.67 17.70
CA PRO A 250 -21.84 -10.98 18.46
C PRO A 250 -21.29 -9.77 17.71
N GLY A 251 -20.63 -8.87 18.45
CA GLY A 251 -20.02 -7.70 17.85
C GLY A 251 -20.94 -6.49 17.83
N GLU A 252 -20.34 -5.30 17.93
CA GLU A 252 -21.10 -4.06 17.90
C GLU A 252 -21.20 -3.49 16.49
N VAL A 253 -22.12 -2.56 16.30
CA VAL A 253 -22.33 -1.93 15.01
C VAL A 253 -21.24 -0.90 14.69
N ILE A 254 -20.74 -0.94 13.46
CA ILE A 254 -19.71 0.00 13.02
C ILE A 254 -20.24 0.94 11.95
N LEU A 255 -20.22 2.24 12.24
CA LEU A 255 -20.57 3.25 11.27
C LEU A 255 -19.32 3.56 10.45
N TYR A 256 -19.36 3.25 9.15
CA TYR A 256 -18.19 3.45 8.31
C TYR A 256 -18.53 4.04 6.94
N GLN A 257 -17.94 5.20 6.65
CA GLN A 257 -18.10 5.87 5.37
C GLN A 257 -19.56 6.06 4.93
N GLY A 258 -20.46 6.22 5.91
CA GLY A 258 -21.84 6.52 5.62
C GLY A 258 -22.87 5.57 6.22
N ARG A 259 -22.50 4.30 6.36
CA ARG A 259 -23.47 3.28 6.76
C ARG A 259 -22.98 2.36 7.89
N SER A 260 -23.89 1.50 8.34
CA SER A 260 -23.63 0.62 9.47
C SER A 260 -23.07 -0.74 9.06
N TYR A 261 -22.22 -1.31 9.91
CA TYR A 261 -21.58 -2.59 9.64
C TYR A 261 -21.35 -3.39 10.91
N LYS A 262 -21.03 -4.67 10.73
CA LYS A 262 -20.58 -5.51 11.82
C LYS A 262 -19.39 -6.32 11.34
N ALA A 263 -18.63 -6.89 12.28
CA ALA A 263 -17.47 -7.70 11.94
C ALA A 263 -17.88 -9.13 11.61
N TYR A 264 -17.41 -9.62 10.47
CA TYR A 264 -17.65 -11.01 10.07
C TYR A 264 -16.36 -11.63 9.55
N ARG A 265 -15.76 -12.52 10.35
CA ARG A 265 -14.46 -13.07 10.02
C ARG A 265 -14.46 -14.58 9.82
N GLY A 266 -13.44 -15.08 9.14
CA GLY A 266 -13.26 -16.51 8.95
C GLY A 266 -12.62 -17.15 10.16
N MET A 267 -13.26 -18.20 10.68
CA MET A 267 -12.75 -18.91 11.85
C MET A 267 -11.42 -19.61 11.55
N PRO A 293 -3.38 -19.24 6.28
CA PRO A 293 -4.73 -18.74 6.54
C PRO A 293 -5.71 -19.19 5.46
N GLU A 294 -6.89 -19.66 5.88
CA GLU A 294 -7.91 -20.12 4.94
C GLU A 294 -9.05 -19.11 4.85
N GLY A 295 -9.20 -18.31 5.90
CA GLY A 295 -10.25 -17.32 5.96
C GLY A 295 -9.73 -15.91 6.15
N ILE A 296 -10.64 -14.95 6.17
CA ILE A 296 -10.28 -13.54 6.33
C ILE A 296 -11.17 -12.82 7.34
N GLU A 297 -10.73 -11.65 7.77
CA GLU A 297 -11.46 -10.82 8.72
C GLU A 297 -12.10 -9.67 7.95
N GLY A 298 -13.43 -9.64 7.89
CA GLY A 298 -14.13 -8.67 7.06
C GLY A 298 -15.24 -7.91 7.76
N ARG A 299 -16.00 -7.16 6.97
CA ARG A 299 -17.14 -6.38 7.48
C ARG A 299 -18.40 -6.71 6.68
N ILE A 300 -19.55 -6.68 7.35
CA ILE A 300 -20.80 -7.04 6.71
C ILE A 300 -21.92 -6.13 7.18
N ALA A 301 -22.81 -5.75 6.26
CA ALA A 301 -23.91 -4.82 6.54
C ALA A 301 -24.79 -5.25 7.71
N TYR A 302 -25.00 -4.32 8.64
CA TYR A 302 -25.88 -4.50 9.78
C TYR A 302 -27.30 -4.81 9.32
N LYS A 303 -27.90 -5.86 9.89
CA LYS A 303 -29.16 -6.38 9.40
C LYS A 303 -30.33 -6.22 10.36
N GLY A 304 -30.19 -5.33 11.34
CA GLY A 304 -31.25 -5.10 12.30
C GLY A 304 -31.53 -6.31 13.16
N HIS A 305 -32.81 -6.60 13.37
CA HIS A 305 -33.20 -7.76 14.15
C HIS A 305 -33.28 -9.03 13.32
N LEU A 306 -32.74 -10.12 13.88
CA LEU A 306 -32.72 -11.43 13.23
C LEU A 306 -34.11 -11.85 12.74
N LYS A 307 -35.13 -11.59 13.56
CA LYS A 307 -36.50 -12.00 13.30
C LYS A 307 -37.00 -11.54 11.93
N GLU A 308 -36.59 -10.34 11.52
CA GLU A 308 -36.98 -9.81 10.23
C GLU A 308 -36.20 -10.49 9.11
N ILE A 309 -34.93 -10.77 9.36
CA ILE A 309 -34.10 -11.44 8.36
C ILE A 309 -34.68 -12.79 8.00
N ILE A 310 -35.00 -13.60 9.00
CA ILE A 310 -35.61 -14.90 8.76
C ILE A 310 -36.94 -14.73 8.05
N HIS A 311 -37.71 -13.73 8.46
CA HIS A 311 -38.98 -13.44 7.83
C HIS A 311 -38.81 -13.14 6.35
N GLN A 312 -37.80 -12.35 6.02
CA GLN A 312 -37.48 -12.05 4.63
C GLN A 312 -36.96 -13.29 3.90
N GLN A 313 -36.05 -14.00 4.54
CA GLN A 313 -35.44 -15.20 3.96
C GLN A 313 -36.45 -16.33 3.73
N MET A 314 -37.29 -16.59 4.73
CA MET A 314 -38.26 -17.67 4.61
C MET A 314 -39.47 -17.27 3.77
N GLY A 315 -39.53 -15.99 3.42
CA GLY A 315 -40.58 -15.48 2.56
C GLY A 315 -40.28 -15.79 1.10
N GLY A 316 -39.01 -15.89 0.77
CA GLY A 316 -38.59 -16.27 -0.57
C GLY A 316 -38.76 -17.75 -0.82
N LEU A 317 -38.48 -18.55 0.21
CA LEU A 317 -38.64 -20.00 0.12
C LEU A 317 -40.11 -20.36 -0.06
N ARG A 318 -40.96 -19.78 0.77
CA ARG A 318 -42.39 -20.00 0.70
C ARG A 318 -42.95 -19.62 -0.66
N SER A 319 -42.45 -18.52 -1.21
CA SER A 319 -42.84 -18.09 -2.55
C SER A 319 -42.35 -19.09 -3.59
N CYS A 320 -41.14 -19.61 -3.37
CA CYS A 320 -40.59 -20.62 -4.28
C CYS A 320 -41.41 -21.90 -4.24
N MET A 321 -41.73 -22.32 -3.02
CA MET A 321 -42.55 -23.50 -2.80
C MET A 321 -43.95 -23.34 -3.39
N GLY A 322 -44.35 -22.08 -3.59
CA GLY A 322 -45.61 -21.80 -4.26
C GLY A 322 -45.45 -21.88 -5.76
N LEU A 323 -44.28 -21.47 -6.24
CA LEU A 323 -44.00 -21.46 -7.68
C LEU A 323 -43.76 -22.86 -8.24
N THR A 324 -43.27 -23.76 -7.41
CA THR A 324 -42.91 -25.10 -7.88
C THR A 324 -43.88 -26.18 -7.41
N GLY A 325 -45.00 -25.76 -6.83
CA GLY A 325 -45.98 -26.70 -6.31
C GLY A 325 -45.45 -27.58 -5.19
N SER A 326 -44.60 -27.01 -4.35
CA SER A 326 -43.99 -27.75 -3.24
C SER A 326 -44.72 -27.49 -1.92
N ALA A 327 -45.61 -28.41 -1.55
CA ALA A 327 -46.37 -28.25 -0.31
C ALA A 327 -45.48 -28.37 0.93
N THR A 328 -44.43 -29.18 0.83
CA THR A 328 -43.53 -29.38 1.95
C THR A 328 -42.10 -29.10 1.53
N VAL A 329 -41.17 -29.28 2.47
CA VAL A 329 -39.76 -29.15 2.16
C VAL A 329 -39.29 -30.41 1.45
N GLU A 330 -39.86 -31.55 1.84
CA GLU A 330 -39.57 -32.81 1.17
C GLU A 330 -40.06 -32.80 -0.27
N ASP A 331 -41.13 -32.05 -0.51
CA ASP A 331 -41.63 -31.85 -1.87
C ASP A 331 -40.59 -31.12 -2.71
N LEU A 332 -40.00 -30.07 -2.14
CA LEU A 332 -38.97 -29.30 -2.83
C LEU A 332 -37.67 -30.08 -2.91
N ARG A 333 -37.36 -30.81 -1.84
CA ARG A 333 -36.07 -31.48 -1.71
C ARG A 333 -35.94 -32.68 -2.64
N THR A 334 -37.07 -33.26 -3.03
CA THR A 334 -37.04 -34.52 -3.76
C THR A 334 -37.61 -34.45 -5.19
N LYS A 335 -38.55 -33.54 -5.41
CA LYS A 335 -39.29 -33.54 -6.67
C LYS A 335 -39.12 -32.29 -7.54
N ALA A 336 -38.46 -31.27 -6.99
CA ALA A 336 -38.24 -30.02 -7.72
C ALA A 336 -37.23 -30.21 -8.85
N GLN A 337 -37.44 -29.50 -9.95
CA GLN A 337 -36.59 -29.61 -11.13
C GLN A 337 -35.68 -28.42 -11.30
N PHE A 338 -34.60 -28.60 -12.05
CA PHE A 338 -33.65 -27.52 -12.33
C PHE A 338 -33.50 -27.32 -13.83
N VAL A 339 -33.01 -26.14 -14.20
CA VAL A 339 -32.52 -25.90 -15.55
C VAL A 339 -31.18 -25.20 -15.43
N ARG A 340 -30.24 -25.57 -16.31
CA ARG A 340 -28.94 -24.93 -16.30
C ARG A 340 -28.97 -23.64 -17.10
N ILE A 341 -28.35 -22.60 -16.55
CA ILE A 341 -28.34 -21.29 -17.21
C ILE A 341 -26.92 -20.78 -17.39
N SER A 342 -26.76 -19.79 -18.26
CA SER A 342 -25.46 -19.17 -18.50
C SER A 342 -25.30 -17.94 -17.61
N GLY A 343 -24.16 -17.27 -17.73
CA GLY A 343 -23.93 -16.02 -17.01
C GLY A 343 -24.87 -14.95 -17.52
N ALA A 344 -25.22 -15.06 -18.80
CA ALA A 344 -26.19 -14.18 -19.42
C ALA A 344 -27.57 -14.40 -18.80
N GLY A 345 -27.86 -15.65 -18.45
CA GLY A 345 -29.13 -15.98 -17.81
C GLY A 345 -29.19 -15.44 -16.40
N MET A 346 -28.07 -15.53 -15.69
CA MET A 346 -28.00 -15.00 -14.33
C MET A 346 -28.14 -13.48 -14.33
N LYS A 347 -27.52 -12.83 -15.32
CA LYS A 347 -27.63 -11.38 -15.45
C LYS A 347 -29.07 -10.97 -15.71
N GLU A 348 -29.81 -11.84 -16.39
CA GLU A 348 -31.22 -11.60 -16.65
C GLU A 348 -32.04 -11.82 -15.38
N SER A 349 -31.58 -12.74 -14.55
CA SER A 349 -32.25 -13.06 -13.29
C SER A 349 -32.18 -11.90 -12.32
N HIS A 350 -31.01 -11.29 -12.23
CA HIS A 350 -30.83 -10.10 -11.40
C HIS A 350 -31.63 -8.94 -11.96
N VAL A 351 -31.68 -7.86 -11.19
CA VAL A 351 -32.19 -6.59 -11.70
C VAL A 351 -31.18 -6.07 -12.69
N HIS A 352 -31.66 -5.59 -13.84
CA HIS A 352 -30.76 -5.13 -14.90
C HIS A 352 -31.32 -3.96 -15.69
N ASP A 353 -30.41 -3.16 -16.25
CA ASP A 353 -30.74 -2.08 -17.19
C ASP A 353 -31.72 -1.06 -16.61
N VAL A 354 -31.54 -0.77 -15.32
CA VAL A 354 -32.30 0.26 -14.64
C VAL A 354 -31.50 0.66 -13.40
N GLN A 355 -31.56 1.93 -13.04
CA GLN A 355 -30.82 2.45 -11.89
C GLN A 355 -31.70 2.41 -10.63
N ILE A 356 -31.51 1.38 -9.81
CA ILE A 356 -32.27 1.20 -8.57
C ILE A 356 -32.24 2.44 -7.69
N THR A 357 -33.41 2.85 -7.19
CA THR A 357 -33.51 4.05 -6.36
C THR A 357 -33.98 3.70 -4.95
N LYS A 358 -34.55 2.52 -4.80
CA LYS A 358 -35.01 2.03 -3.50
C LYS A 358 -34.75 0.53 -3.37
N GLU A 359 -33.59 0.18 -2.83
CA GLU A 359 -33.23 -1.22 -2.65
C GLU A 359 -34.13 -1.90 -1.62
N ALA A 360 -34.65 -3.07 -2.00
CA ALA A 360 -35.47 -3.87 -1.10
C ALA A 360 -34.60 -4.49 0.00
N PRO A 361 -35.14 -4.60 1.22
CA PRO A 361 -34.41 -5.21 2.33
C PRO A 361 -33.93 -6.63 2.03
N ASN A 362 -34.63 -7.35 1.17
CA ASN A 362 -34.21 -8.70 0.79
C ASN A 362 -33.34 -8.71 -0.46
N TYR A 363 -33.07 -7.53 -1.01
CA TYR A 363 -32.21 -7.41 -2.18
C TYR A 363 -30.98 -6.63 -1.79
N ARG A 364 -30.53 -6.84 -0.55
CA ARG A 364 -29.38 -6.15 -0.01
C ARG A 364 -28.13 -6.39 -0.84
N LEU B 7 4.61 36.36 17.74
CA LEU B 7 4.24 36.12 16.36
C LEU B 7 5.07 37.00 15.42
N ARG B 8 6.13 36.43 14.86
CA ARG B 8 7.05 37.18 14.02
C ARG B 8 6.73 37.04 12.52
N ILE B 9 5.57 37.55 12.13
CA ILE B 9 5.16 37.57 10.73
C ILE B 9 5.78 38.79 10.04
N ALA B 10 6.74 38.54 9.15
CA ALA B 10 7.44 39.62 8.48
C ALA B 10 6.48 40.39 7.57
N LYS B 11 5.77 39.65 6.72
CA LYS B 11 4.83 40.23 5.78
C LYS B 11 4.06 39.12 5.07
N GLU B 12 3.18 39.50 4.16
CA GLU B 12 2.49 38.54 3.30
C GLU B 12 3.36 38.26 2.09
N ALA B 13 3.11 37.15 1.41
CA ALA B 13 3.89 36.78 0.25
C ALA B 13 3.00 36.16 -0.82
N LEU B 14 3.23 36.58 -2.06
CA LEU B 14 2.38 36.18 -3.18
C LEU B 14 3.10 35.26 -4.15
N THR B 15 2.34 34.42 -4.84
CA THR B 15 2.89 33.62 -5.91
C THR B 15 2.11 33.83 -7.22
N PHE B 16 2.40 33.01 -8.22
CA PHE B 16 1.90 33.25 -9.58
C PHE B 16 0.38 33.35 -9.69
N ASP B 17 -0.35 32.55 -8.91
CA ASP B 17 -1.79 32.55 -9.00
C ASP B 17 -2.46 33.59 -8.10
N ASP B 18 -1.65 34.38 -7.39
CA ASP B 18 -2.18 35.41 -6.51
C ASP B 18 -2.34 36.73 -7.24
N VAL B 19 -1.83 36.80 -8.47
CA VAL B 19 -1.84 38.04 -9.21
C VAL B 19 -2.18 37.86 -10.68
N LEU B 20 -2.53 38.96 -11.33
CA LEU B 20 -2.71 39.01 -12.77
C LEU B 20 -2.05 40.28 -13.29
N LEU B 21 -1.70 40.30 -14.56
CA LEU B 21 -1.12 41.50 -15.15
C LEU B 21 -2.22 42.41 -15.69
N VAL B 22 -2.03 43.71 -15.54
CA VAL B 22 -3.04 44.69 -15.94
C VAL B 22 -2.86 45.12 -17.40
N PRO B 23 -3.91 44.95 -18.21
CA PRO B 23 -3.91 45.37 -19.61
C PRO B 23 -3.74 46.89 -19.74
N ALA B 24 -3.03 47.34 -20.77
CA ALA B 24 -2.74 48.76 -20.91
C ALA B 24 -2.56 49.20 -22.36
N HIS B 25 -2.34 50.49 -22.54
CA HIS B 25 -2.15 51.09 -23.86
C HIS B 25 -0.92 50.54 -24.56
N SER B 26 -1.09 50.08 -25.79
CA SER B 26 -0.02 49.40 -26.51
C SER B 26 0.20 49.91 -27.93
N THR B 27 1.47 50.05 -28.30
CA THR B 27 1.86 50.31 -29.68
C THR B 27 2.69 49.14 -30.17
N VAL B 28 2.44 47.97 -29.57
CA VAL B 28 3.22 46.77 -29.86
C VAL B 28 2.32 45.63 -30.32
N LEU B 29 2.68 45.02 -31.45
CA LEU B 29 2.01 43.81 -31.90
C LEU B 29 2.75 42.62 -31.30
N PRO B 30 2.04 41.49 -31.11
CA PRO B 30 2.68 40.29 -30.57
C PRO B 30 3.91 39.87 -31.39
N ASN B 31 3.90 40.14 -32.68
CA ASN B 31 5.01 39.78 -33.55
C ASN B 31 6.13 40.83 -33.55
N THR B 32 5.85 41.99 -32.99
CA THR B 32 6.82 43.09 -32.97
C THR B 32 7.54 43.20 -31.63
N ALA B 33 7.12 42.41 -30.65
CA ALA B 33 7.71 42.44 -29.33
C ALA B 33 9.19 42.04 -29.36
N ASP B 34 9.97 42.65 -28.47
CA ASP B 34 11.39 42.32 -28.37
C ASP B 34 11.62 41.42 -27.15
N LEU B 35 12.12 40.21 -27.41
CA LEU B 35 12.31 39.22 -26.37
C LEU B 35 13.75 39.19 -25.85
N ARG B 36 14.55 40.15 -26.31
CA ARG B 36 15.94 40.25 -25.89
C ARG B 36 16.05 40.64 -24.42
N THR B 37 16.98 40.01 -23.71
CA THR B 37 17.20 40.28 -22.29
C THR B 37 18.61 39.87 -21.88
N ARG B 38 18.92 40.01 -20.59
CA ARG B 38 20.24 39.64 -20.08
C ARG B 38 20.15 38.47 -19.10
N LEU B 39 21.03 37.49 -19.28
CA LEU B 39 21.15 36.41 -18.32
C LEU B 39 22.00 36.89 -17.15
N THR B 40 23.22 37.32 -17.47
CA THR B 40 24.10 37.97 -16.49
C THR B 40 24.36 39.40 -16.93
N LYS B 41 25.10 40.15 -16.12
CA LYS B 41 25.38 41.55 -16.37
C LYS B 41 26.08 41.75 -17.71
N ASN B 42 26.92 40.79 -18.08
CA ASN B 42 27.66 40.84 -19.33
C ASN B 42 27.18 39.80 -20.35
N ILE B 43 26.10 39.10 -19.99
CA ILE B 43 25.54 38.07 -20.88
C ILE B 43 24.09 38.36 -21.23
N ALA B 44 23.80 38.42 -22.53
CA ALA B 44 22.46 38.74 -23.00
C ALA B 44 21.83 37.58 -23.75
N LEU B 45 20.52 37.45 -23.65
CA LEU B 45 19.79 36.39 -24.34
C LEU B 45 18.78 36.97 -25.33
N ASN B 46 18.47 36.21 -26.38
CA ASN B 46 17.46 36.62 -27.35
C ASN B 46 16.04 36.28 -26.90
N ILE B 47 15.90 35.27 -26.04
CA ILE B 47 14.65 34.98 -25.35
C ILE B 47 14.90 34.76 -23.86
N PRO B 48 13.97 35.22 -23.01
CA PRO B 48 14.15 35.12 -21.56
C PRO B 48 13.94 33.69 -21.04
N MET B 49 14.75 32.75 -21.52
CA MET B 49 14.59 31.36 -21.12
C MET B 49 15.90 30.61 -20.91
N VAL B 50 16.02 30.01 -19.74
CA VAL B 50 17.14 29.11 -19.46
C VAL B 50 16.59 27.83 -18.84
N SER B 51 17.34 26.74 -18.99
CA SER B 51 16.89 25.46 -18.47
C SER B 51 17.48 25.18 -17.10
N ALA B 52 16.87 24.25 -16.38
CA ALA B 52 17.40 23.82 -15.09
C ALA B 52 18.55 22.85 -15.31
N SER B 53 19.57 22.94 -14.48
CA SER B 53 20.73 22.05 -14.58
C SER B 53 20.42 20.74 -13.90
N MET B 54 19.57 19.94 -14.53
CA MET B 54 19.10 18.70 -13.94
C MET B 54 19.28 17.54 -14.90
N ASP B 55 19.55 16.36 -14.36
CA ASP B 55 19.84 15.18 -15.16
C ASP B 55 18.64 14.76 -16.02
N THR B 56 17.45 15.16 -15.58
CA THR B 56 16.23 14.85 -16.31
C THR B 56 15.81 15.99 -17.22
N VAL B 57 16.63 17.03 -17.29
CA VAL B 57 16.29 18.22 -18.08
C VAL B 57 17.36 18.61 -19.10
N THR B 58 18.57 18.88 -18.62
CA THR B 58 19.57 19.51 -19.48
C THR B 58 20.87 18.72 -19.66
N GLU B 59 21.06 18.20 -20.86
CA GLU B 59 22.36 17.68 -21.29
C GLU B 59 22.77 18.46 -22.53
N ALA B 60 23.74 17.93 -23.27
CA ALA B 60 24.24 18.62 -24.45
C ALA B 60 23.17 18.78 -25.54
N ARG B 61 22.35 17.74 -25.72
CA ARG B 61 21.37 17.73 -26.80
C ARG B 61 20.29 18.80 -26.65
N LEU B 62 19.73 18.92 -25.45
CA LEU B 62 18.69 19.92 -25.19
C LEU B 62 19.28 21.33 -25.18
N ALA B 63 20.47 21.46 -24.60
CA ALA B 63 21.13 22.76 -24.48
C ALA B 63 21.44 23.37 -25.85
N ILE B 64 21.55 22.51 -26.86
CA ILE B 64 21.77 22.98 -28.22
C ILE B 64 20.47 23.46 -28.84
N ALA B 65 19.42 22.65 -28.74
CA ALA B 65 18.12 23.02 -29.25
C ALA B 65 17.61 24.28 -28.57
N LEU B 66 17.93 24.41 -27.28
CA LEU B 66 17.56 25.58 -26.51
C LEU B 66 18.33 26.81 -26.96
N ALA B 67 19.64 26.66 -27.10
CA ALA B 67 20.49 27.76 -27.53
C ALA B 67 20.20 28.18 -28.97
N GLN B 68 19.70 27.26 -29.78
CA GLN B 68 19.35 27.58 -31.16
C GLN B 68 18.14 28.50 -31.23
N GLU B 69 17.32 28.48 -30.19
CA GLU B 69 16.12 29.29 -30.15
C GLU B 69 16.34 30.58 -29.37
N GLY B 70 17.57 30.81 -28.92
CA GLY B 70 17.93 32.06 -28.28
C GLY B 70 18.19 32.00 -26.78
N GLY B 71 18.02 30.83 -26.18
CA GLY B 71 18.22 30.68 -24.74
C GLY B 71 19.57 30.10 -24.37
N ILE B 72 19.68 29.63 -23.12
CA ILE B 72 20.92 29.01 -22.63
C ILE B 72 20.62 27.84 -21.69
N GLY B 73 21.25 26.71 -21.97
CA GLY B 73 21.13 25.55 -21.12
C GLY B 73 22.31 25.41 -20.17
N PHE B 74 22.05 24.81 -19.01
CA PHE B 74 23.09 24.57 -18.01
C PHE B 74 23.28 23.07 -17.80
N ILE B 75 24.46 22.58 -18.16
CA ILE B 75 24.78 21.17 -17.96
C ILE B 75 24.82 20.86 -16.47
N HIS B 76 24.19 19.77 -16.06
CA HIS B 76 24.16 19.39 -14.66
C HIS B 76 25.49 18.75 -14.21
N LYS B 77 25.65 18.61 -12.89
CA LYS B 77 26.91 18.15 -12.32
C LYS B 77 26.92 16.65 -12.01
N ASN B 78 25.79 15.99 -12.27
CA ASN B 78 25.68 14.56 -12.00
C ASN B 78 26.30 13.70 -13.12
N MET B 79 27.55 14.01 -13.43
CA MET B 79 28.35 13.26 -14.39
C MET B 79 29.82 13.58 -14.15
N SER B 80 30.71 12.85 -14.82
CA SER B 80 32.14 13.06 -14.64
C SER B 80 32.56 14.44 -15.13
N ILE B 81 33.76 14.86 -14.75
CA ILE B 81 34.31 16.14 -15.20
C ILE B 81 34.44 16.14 -16.72
N GLU B 82 35.07 15.08 -17.24
CA GLU B 82 35.30 14.95 -18.67
C GLU B 82 33.99 14.98 -19.47
N GLN B 83 33.04 14.15 -19.05
CA GLN B 83 31.74 14.06 -19.71
C GLN B 83 31.05 15.42 -19.78
N GLN B 84 31.10 16.15 -18.67
CA GLN B 84 30.52 17.48 -18.60
C GLN B 84 31.31 18.47 -19.43
N ALA B 85 32.64 18.42 -19.32
CA ALA B 85 33.51 19.31 -20.08
C ALA B 85 33.43 19.02 -21.58
N ALA B 86 33.17 17.76 -21.93
CA ALA B 86 33.04 17.36 -23.32
C ALA B 86 31.73 17.86 -23.90
N GLN B 87 30.69 17.89 -23.08
CA GLN B 87 29.40 18.38 -23.52
C GLN B 87 29.41 19.89 -23.72
N VAL B 88 30.19 20.57 -22.88
CA VAL B 88 30.34 22.01 -23.02
C VAL B 88 30.89 22.33 -24.41
N HIS B 89 32.08 21.83 -24.72
CA HIS B 89 32.73 22.08 -26.00
C HIS B 89 31.86 21.61 -27.16
N GLN B 90 31.15 20.50 -26.97
CA GLN B 90 30.26 19.97 -27.99
C GLN B 90 29.16 20.97 -28.34
N VAL B 91 28.55 21.53 -27.31
CA VAL B 91 27.53 22.55 -27.49
C VAL B 91 28.12 23.81 -28.10
N LYS B 92 29.34 24.15 -27.66
CA LYS B 92 30.00 25.37 -28.12
C LYS B 92 30.45 25.32 -29.58
N ILE B 93 30.70 24.13 -30.10
CA ILE B 93 31.07 23.97 -31.50
C ILE B 93 29.88 23.53 -32.33
N SER B 94 28.68 23.74 -31.79
CA SER B 94 27.45 23.35 -32.46
C SER B 94 26.70 24.55 -33.03
N GLY B 95 27.45 25.58 -33.42
CA GLY B 95 26.85 26.77 -33.99
C GLY B 95 27.21 28.05 -33.25
N GLY B 96 28.34 28.01 -32.55
CA GLY B 96 28.77 29.16 -31.77
C GLY B 96 27.79 29.45 -30.65
N LEU B 97 27.30 28.38 -30.04
CA LEU B 97 26.26 28.49 -29.03
C LEU B 97 26.86 28.79 -27.65
N ARG B 98 26.15 29.59 -26.87
CA ARG B 98 26.57 29.91 -25.52
C ARG B 98 26.04 28.83 -24.58
N VAL B 99 26.85 28.44 -23.59
CA VAL B 99 26.45 27.38 -22.69
C VAL B 99 26.88 27.67 -21.25
N GLY B 100 26.12 27.15 -20.30
CA GLY B 100 26.47 27.25 -18.89
C GLY B 100 26.65 25.88 -18.29
N ALA B 101 27.25 25.82 -17.11
CA ALA B 101 27.47 24.54 -16.43
C ALA B 101 27.43 24.70 -14.92
N ALA B 102 26.64 23.85 -14.27
CA ALA B 102 26.45 23.93 -12.82
C ALA B 102 27.56 23.22 -12.06
N VAL B 103 27.95 23.81 -10.93
CA VAL B 103 28.96 23.22 -10.06
C VAL B 103 28.49 23.27 -8.61
N GLY B 104 28.95 22.30 -7.82
CA GLY B 104 28.60 22.25 -6.41
C GLY B 104 29.22 23.39 -5.63
N ALA B 105 28.65 23.70 -4.48
CA ALA B 105 29.13 24.79 -3.64
C ALA B 105 30.20 24.30 -2.66
N ALA B 106 30.24 22.99 -2.44
CA ALA B 106 31.22 22.38 -1.56
C ALA B 106 32.56 22.25 -2.28
N PRO B 107 33.67 22.30 -1.52
CA PRO B 107 34.99 22.13 -2.12
C PRO B 107 35.15 20.77 -2.79
N GLY B 108 35.84 20.75 -3.92
CA GLY B 108 35.97 19.53 -4.71
C GLY B 108 35.64 19.84 -6.16
N ASN B 109 34.82 20.87 -6.36
CA ASN B 109 34.47 21.35 -7.69
C ASN B 109 35.57 22.24 -8.27
N GLU B 110 36.60 22.49 -7.46
CA GLU B 110 37.71 23.35 -7.85
C GLU B 110 38.30 22.98 -9.21
N GLU B 111 38.72 21.72 -9.34
CA GLU B 111 39.26 21.24 -10.61
C GLU B 111 38.16 21.05 -11.63
N ARG B 112 36.95 20.76 -11.15
CA ARG B 112 35.80 20.62 -12.06
C ARG B 112 35.48 21.96 -12.69
N VAL B 113 35.45 23.01 -11.88
CA VAL B 113 35.25 24.36 -12.37
C VAL B 113 36.37 24.75 -13.33
N LYS B 114 37.61 24.54 -12.90
CA LYS B 114 38.79 24.87 -13.69
C LYS B 114 38.75 24.24 -15.08
N ALA B 115 38.33 22.98 -15.15
CA ALA B 115 38.19 22.27 -16.42
C ALA B 115 37.10 22.89 -17.29
N LEU B 116 36.00 23.28 -16.67
CA LEU B 116 34.90 23.93 -17.37
C LEU B 116 35.35 25.27 -17.94
N VAL B 117 36.16 26.00 -17.17
CA VAL B 117 36.72 27.26 -17.63
C VAL B 117 37.66 27.00 -18.81
N GLU B 118 38.42 25.91 -18.72
CA GLU B 118 39.30 25.51 -19.80
C GLU B 118 38.51 24.94 -20.96
N ALA B 119 37.32 24.43 -20.65
CA ALA B 119 36.40 23.99 -21.70
C ALA B 119 35.69 25.21 -22.28
N GLY B 120 35.95 26.37 -21.69
CA GLY B 120 35.49 27.64 -22.20
C GLY B 120 34.02 27.95 -21.94
N VAL B 121 33.49 27.41 -20.84
CA VAL B 121 32.10 27.63 -20.50
C VAL B 121 31.80 29.13 -20.36
N ASP B 122 30.69 29.56 -20.93
CA ASP B 122 30.39 30.99 -21.01
C ASP B 122 29.96 31.56 -19.67
N VAL B 123 29.29 30.73 -18.87
CA VAL B 123 28.79 31.17 -17.58
C VAL B 123 28.78 30.04 -16.57
N LEU B 124 29.36 30.29 -15.40
CA LEU B 124 29.42 29.29 -14.34
C LEU B 124 28.22 29.41 -13.42
N LEU B 125 27.56 28.29 -13.16
CA LEU B 125 26.45 28.24 -12.22
C LEU B 125 26.85 27.52 -10.95
N ILE B 126 26.89 28.25 -9.84
CA ILE B 126 27.12 27.63 -8.55
C ILE B 126 25.77 27.50 -7.85
N ASP B 127 25.19 26.30 -7.87
CA ASP B 127 23.86 26.10 -7.33
C ASP B 127 23.86 25.37 -5.98
N SER B 128 23.18 25.95 -5.01
CA SER B 128 22.99 25.35 -3.70
C SER B 128 21.55 25.52 -3.25
N SER B 129 21.14 24.77 -2.25
CA SER B 129 19.79 24.91 -1.69
C SER B 129 19.64 26.27 -1.04
N HIS B 130 20.74 26.80 -0.51
CA HIS B 130 20.71 28.07 0.20
C HIS B 130 21.83 28.99 -0.29
N GLY B 131 21.47 30.01 -1.06
CA GLY B 131 22.45 30.94 -1.59
C GLY B 131 22.96 31.89 -0.53
N HIS B 132 22.18 32.04 0.54
CA HIS B 132 22.52 32.98 1.60
C HIS B 132 23.34 32.31 2.70
N SER B 133 23.90 31.14 2.38
CA SER B 133 24.73 30.42 3.33
C SER B 133 26.21 30.79 3.15
N GLU B 134 26.88 30.99 4.28
CA GLU B 134 28.26 31.47 4.29
C GLU B 134 29.22 30.57 3.50
N GLY B 135 28.99 29.27 3.56
CA GLY B 135 29.82 28.31 2.86
C GLY B 135 29.72 28.49 1.36
N VAL B 136 28.54 28.90 0.92
CA VAL B 136 28.30 29.16 -0.50
C VAL B 136 28.90 30.50 -0.90
N LEU B 137 28.72 31.51 -0.04
CA LEU B 137 29.22 32.85 -0.34
C LEU B 137 30.72 32.87 -0.54
N GLN B 138 31.44 32.21 0.37
CA GLN B 138 32.90 32.20 0.32
C GLN B 138 33.44 31.48 -0.92
N ARG B 139 32.71 30.47 -1.37
CA ARG B 139 33.10 29.75 -2.57
C ARG B 139 32.95 30.66 -3.77
N ILE B 140 31.90 31.47 -3.76
CA ILE B 140 31.69 32.48 -4.80
C ILE B 140 32.80 33.50 -4.74
N ARG B 141 33.16 33.92 -3.52
CA ARG B 141 34.27 34.82 -3.30
C ARG B 141 35.56 34.21 -3.82
N GLU B 142 35.76 32.93 -3.53
CA GLU B 142 36.93 32.20 -4.00
C GLU B 142 36.94 32.11 -5.52
N THR B 143 35.79 31.82 -6.10
CA THR B 143 35.70 31.66 -7.53
C THR B 143 35.83 32.99 -8.25
N ARG B 144 35.23 34.03 -7.68
CA ARG B 144 35.29 35.37 -8.28
C ARG B 144 36.72 35.90 -8.30
N ALA B 145 37.40 35.79 -7.16
CA ALA B 145 38.79 36.25 -7.05
C ALA B 145 39.70 35.47 -7.99
N ALA B 146 39.43 34.18 -8.15
CA ALA B 146 40.22 33.33 -9.04
C ALA B 146 39.94 33.63 -10.50
N TYR B 147 38.67 33.90 -10.82
CA TYR B 147 38.27 34.21 -12.19
C TYR B 147 37.49 35.51 -12.24
N PRO B 148 38.19 36.65 -12.14
CA PRO B 148 37.59 37.98 -12.03
C PRO B 148 36.69 38.40 -13.19
N HIS B 149 36.79 37.71 -14.32
CA HIS B 149 35.98 38.08 -15.47
C HIS B 149 34.90 37.04 -15.79
N LEU B 150 35.00 35.88 -15.15
CA LEU B 150 34.07 34.79 -15.41
C LEU B 150 32.65 35.11 -14.94
N GLU B 151 31.70 34.94 -15.84
CA GLU B 151 30.29 35.14 -15.52
C GLU B 151 29.82 34.04 -14.57
N ILE B 152 29.40 34.44 -13.37
CA ILE B 152 29.04 33.49 -12.34
C ILE B 152 27.64 33.76 -11.79
N ILE B 153 26.82 32.71 -11.74
CA ILE B 153 25.48 32.82 -11.18
C ILE B 153 25.38 32.07 -9.86
N GLY B 154 24.98 32.77 -8.80
CA GLY B 154 24.86 32.17 -7.49
C GLY B 154 23.43 32.01 -7.03
N GLY B 155 23.19 31.03 -6.18
CA GLY B 155 21.86 30.76 -5.67
C GLY B 155 21.83 29.53 -4.77
N ASN B 156 20.67 29.23 -4.20
CA ASN B 156 19.47 30.02 -4.44
C ASN B 156 19.07 30.88 -3.24
N VAL B 157 18.52 32.04 -3.52
CA VAL B 157 17.99 32.92 -2.46
C VAL B 157 16.54 33.27 -2.76
N ALA B 158 15.89 33.93 -1.80
CA ALA B 158 14.52 34.38 -1.99
C ALA B 158 14.30 35.67 -1.22
N THR B 159 15.38 36.25 -0.73
CA THR B 159 15.32 37.47 0.07
C THR B 159 16.24 38.55 -0.48
N ALA B 160 15.97 39.79 -0.09
CA ALA B 160 16.76 40.94 -0.53
C ALA B 160 18.19 40.86 -0.03
N GLU B 161 18.34 40.60 1.27
CA GLU B 161 19.65 40.45 1.87
C GLU B 161 20.35 39.19 1.35
N GLY B 162 19.56 38.19 1.00
CA GLY B 162 20.09 37.00 0.36
C GLY B 162 20.65 37.37 -1.01
N ALA B 163 19.96 38.27 -1.69
CA ALA B 163 20.39 38.77 -3.00
C ALA B 163 21.57 39.71 -2.84
N ARG B 164 21.50 40.55 -1.81
CA ARG B 164 22.56 41.51 -1.53
C ARG B 164 23.85 40.80 -1.15
N ALA B 165 23.75 39.75 -0.35
CA ALA B 165 24.93 39.01 0.06
C ALA B 165 25.63 38.36 -1.13
N LEU B 166 24.84 37.84 -2.07
CA LEU B 166 25.37 37.22 -3.27
C LEU B 166 26.15 38.19 -4.15
N ILE B 167 25.68 39.43 -4.20
CA ILE B 167 26.21 40.42 -5.13
C ILE B 167 27.65 40.86 -4.83
N GLU B 168 27.93 41.25 -3.60
CA GLU B 168 29.29 41.65 -3.25
C GLU B 168 30.19 40.43 -3.04
N ALA B 169 29.57 39.26 -2.97
CA ALA B 169 30.33 38.01 -2.94
C ALA B 169 30.98 37.82 -4.30
N GLY B 170 30.34 38.37 -5.34
CA GLY B 170 30.94 38.43 -6.66
C GLY B 170 30.15 37.83 -7.80
N VAL B 171 28.83 37.68 -7.65
CA VAL B 171 28.00 37.11 -8.71
C VAL B 171 27.71 38.13 -9.80
N SER B 172 27.41 37.63 -10.99
CA SER B 172 27.04 38.47 -12.12
C SER B 172 25.54 38.33 -12.40
N ALA B 173 24.90 37.40 -11.70
CA ALA B 173 23.47 37.18 -11.81
C ALA B 173 22.97 36.42 -10.59
N VAL B 174 21.83 36.84 -10.05
CA VAL B 174 21.26 36.19 -8.89
C VAL B 174 20.05 35.33 -9.28
N LYS B 175 20.10 34.05 -8.92
CA LYS B 175 18.99 33.14 -9.19
C LYS B 175 18.09 32.99 -7.96
N VAL B 176 16.79 33.19 -8.16
CA VAL B 176 15.83 33.23 -7.07
C VAL B 176 14.85 32.05 -7.14
N GLY B 177 14.59 31.45 -5.99
CA GLY B 177 13.65 30.34 -5.91
C GLY B 177 14.00 29.37 -4.80
N ILE B 178 13.32 29.50 -3.66
CA ILE B 178 13.49 28.56 -2.56
C ILE B 178 12.21 27.74 -2.38
N GLY B 179 12.14 26.59 -3.05
CA GLY B 179 11.00 25.71 -2.90
C GLY B 179 9.90 25.62 -3.96
N PRO B 180 9.78 26.59 -4.89
CA PRO B 180 8.58 26.49 -5.73
C PRO B 180 8.68 25.44 -6.83
N GLY B 181 9.76 24.66 -6.84
CA GLY B 181 9.95 23.63 -7.84
C GLY B 181 8.85 22.59 -7.86
N SER B 182 8.40 22.24 -9.07
CA SER B 182 7.29 21.30 -9.24
C SER B 182 7.57 19.96 -8.57
N ILE B 183 8.84 19.55 -8.62
CA ILE B 183 9.27 18.30 -8.02
C ILE B 183 9.98 18.52 -6.68
N CYS B 184 9.79 19.72 -6.10
CA CYS B 184 10.48 20.08 -4.87
C CYS B 184 9.54 20.03 -3.65
N THR B 185 10.04 19.53 -2.53
CA THR B 185 9.26 19.44 -1.30
C THR B 185 9.94 20.18 -0.15
N THR B 186 10.89 21.05 -0.50
CA THR B 186 11.64 21.82 0.48
C THR B 186 10.73 22.61 1.43
N ARG B 187 9.76 23.33 0.88
CA ARG B 187 8.87 24.14 1.69
C ARG B 187 8.04 23.29 2.66
N ILE B 188 7.90 22.01 2.35
CA ILE B 188 7.11 21.13 3.19
C ILE B 188 7.97 20.47 4.27
N VAL B 189 9.07 19.86 3.84
CA VAL B 189 9.95 19.12 4.73
C VAL B 189 10.65 20.04 5.74
N THR B 190 10.99 21.24 5.30
CA THR B 190 11.74 22.18 6.13
C THR B 190 10.83 23.16 6.86
N GLY B 191 9.82 23.68 6.15
CA GLY B 191 8.96 24.71 6.67
C GLY B 191 9.43 26.09 6.24
N VAL B 192 10.52 26.09 5.46
CA VAL B 192 11.13 27.33 5.00
C VAL B 192 10.79 27.56 3.52
N GLY B 193 10.50 28.80 3.17
CA GLY B 193 10.19 29.12 1.78
C GLY B 193 9.55 30.48 1.58
N VAL B 194 9.68 31.02 0.37
CA VAL B 194 9.05 32.29 0.02
C VAL B 194 8.35 32.16 -1.33
N PRO B 195 7.02 32.36 -1.36
CA PRO B 195 6.22 32.35 -2.58
C PRO B 195 6.89 33.15 -3.69
N GLN B 196 7.00 32.55 -4.87
CA GLN B 196 7.96 32.98 -5.90
C GLN B 196 7.82 34.43 -6.40
N ILE B 197 6.59 34.90 -6.58
CA ILE B 197 6.36 36.28 -7.01
C ILE B 197 7.01 37.28 -6.05
N THR B 198 6.84 37.04 -4.75
CA THR B 198 7.42 37.92 -3.73
C THR B 198 8.93 37.73 -3.66
N ALA B 199 9.38 36.50 -3.86
CA ALA B 199 10.82 36.21 -3.82
C ALA B 199 11.56 36.95 -4.93
N ILE B 200 10.92 37.07 -6.10
CA ILE B 200 11.56 37.75 -7.22
C ILE B 200 11.70 39.24 -6.93
N ALA B 201 10.61 39.84 -6.47
CA ALA B 201 10.54 41.29 -6.26
C ALA B 201 11.52 41.80 -5.22
N ASP B 202 11.62 41.11 -4.08
CA ASP B 202 12.52 41.52 -3.02
C ASP B 202 13.97 41.42 -3.47
N ALA B 203 14.27 40.37 -4.22
CA ALA B 203 15.60 40.22 -4.79
C ALA B 203 15.83 41.25 -5.88
N ALA B 204 14.77 41.57 -6.62
CA ALA B 204 14.86 42.56 -7.69
C ALA B 204 15.16 43.93 -7.12
N GLY B 205 14.62 44.20 -5.93
CA GLY B 205 14.84 45.47 -5.25
C GLY B 205 16.31 45.75 -4.98
N VAL B 206 17.07 44.71 -4.70
CA VAL B 206 18.51 44.84 -4.46
C VAL B 206 19.30 44.78 -5.76
N ALA B 207 18.98 43.79 -6.59
CA ALA B 207 19.70 43.55 -7.84
C ALA B 207 19.65 44.76 -8.77
N ASN B 208 18.49 45.39 -8.86
CA ASN B 208 18.32 46.58 -9.69
C ASN B 208 19.30 47.68 -9.32
N GLU B 209 19.65 47.74 -8.03
CA GLU B 209 20.57 48.75 -7.52
C GLU B 209 21.98 48.54 -8.06
N TYR B 210 22.31 47.30 -8.38
CA TYR B 210 23.66 46.95 -8.83
C TYR B 210 23.71 46.65 -10.33
N GLY B 211 22.56 46.61 -10.98
CA GLY B 211 22.49 46.33 -12.40
C GLY B 211 22.65 44.84 -12.69
N ILE B 212 22.45 44.04 -11.64
CA ILE B 212 22.58 42.60 -11.75
C ILE B 212 21.25 41.97 -12.13
N PRO B 213 21.25 41.11 -13.16
CA PRO B 213 20.03 40.43 -13.62
C PRO B 213 19.56 39.34 -12.64
N VAL B 214 18.25 39.11 -12.61
CA VAL B 214 17.64 38.11 -11.74
C VAL B 214 17.04 36.97 -12.56
N ILE B 215 17.37 35.73 -12.18
CA ILE B 215 16.77 34.56 -12.82
C ILE B 215 15.70 33.96 -11.90
N ALA B 216 14.47 33.94 -12.40
CA ALA B 216 13.37 33.35 -11.65
C ALA B 216 13.37 31.85 -11.86
N ASP B 217 13.54 31.11 -10.77
CA ASP B 217 13.73 29.67 -10.87
C ASP B 217 12.71 28.88 -10.07
N GLY B 218 11.89 28.11 -10.77
CA GLY B 218 10.92 27.25 -10.14
C GLY B 218 9.53 27.86 -10.08
N GLY B 219 8.51 27.00 -10.21
CA GLY B 219 7.13 27.42 -10.03
C GLY B 219 6.42 27.75 -11.33
N ILE B 220 7.19 27.96 -12.39
CA ILE B 220 6.62 28.28 -13.70
C ILE B 220 5.88 27.09 -14.28
N ARG B 221 4.58 27.26 -14.49
CA ARG B 221 3.74 26.17 -14.99
C ARG B 221 3.11 26.51 -16.34
N PHE B 222 2.51 27.69 -16.43
CA PHE B 222 1.92 28.13 -17.67
C PHE B 222 2.74 29.26 -18.27
N SER B 223 2.46 29.60 -19.53
CA SER B 223 3.18 30.66 -20.22
C SER B 223 2.91 32.01 -19.58
N GLY B 224 1.73 32.17 -19.00
CA GLY B 224 1.38 33.41 -18.32
C GLY B 224 2.21 33.65 -17.07
N ASP B 225 2.78 32.58 -16.53
CA ASP B 225 3.65 32.67 -15.35
C ASP B 225 5.00 33.28 -15.69
N ILE B 226 5.40 33.18 -16.96
CA ILE B 226 6.64 33.79 -17.42
C ILE B 226 6.50 35.30 -17.37
N SER B 227 5.36 35.77 -17.85
CA SER B 227 5.05 37.20 -17.89
C SER B 227 5.07 37.78 -16.49
N LYS B 228 4.50 37.05 -15.55
CA LYS B 228 4.41 37.49 -14.16
C LYS B 228 5.79 37.52 -13.50
N ALA B 229 6.58 36.48 -13.76
CA ALA B 229 7.92 36.37 -13.18
C ALA B 229 8.82 37.50 -13.66
N ILE B 230 8.74 37.80 -14.95
CA ILE B 230 9.47 38.92 -15.52
C ILE B 230 8.96 40.23 -14.93
N ALA B 231 7.65 40.40 -14.96
CA ALA B 231 7.05 41.60 -14.39
C ALA B 231 7.35 41.73 -12.90
N ALA B 232 7.57 40.60 -12.24
CA ALA B 232 7.96 40.60 -10.84
C ALA B 232 9.36 41.16 -10.64
N GLY B 233 10.16 41.13 -11.71
CA GLY B 233 11.47 41.75 -11.68
C GLY B 233 12.56 40.92 -12.31
N ALA B 234 12.24 39.67 -12.64
CA ALA B 234 13.22 38.75 -13.20
C ALA B 234 13.58 39.11 -14.64
N SER B 235 14.84 38.90 -15.00
CA SER B 235 15.29 39.15 -16.37
C SER B 235 14.92 37.97 -17.26
N CYS B 236 14.83 36.79 -16.67
CA CYS B 236 14.44 35.58 -17.40
C CYS B 236 14.00 34.52 -16.41
N VAL B 237 13.59 33.36 -16.93
CA VAL B 237 13.12 32.29 -16.06
C VAL B 237 13.87 30.98 -16.30
N MET B 238 14.10 30.24 -15.23
CA MET B 238 14.68 28.91 -15.34
C MET B 238 13.58 27.86 -15.16
N VAL B 239 13.30 27.13 -16.24
CA VAL B 239 12.21 26.17 -16.24
C VAL B 239 12.68 24.72 -16.28
N GLY B 240 11.96 23.84 -15.60
CA GLY B 240 12.30 22.43 -15.57
C GLY B 240 11.22 21.56 -16.19
N SER B 241 10.05 21.54 -15.56
CA SER B 241 8.95 20.69 -16.02
C SER B 241 8.33 21.19 -17.32
N MET B 242 8.76 22.35 -17.79
CA MET B 242 8.33 22.84 -19.09
C MET B 242 9.25 22.32 -20.19
N PHE B 243 10.50 22.01 -19.82
CA PHE B 243 11.46 21.45 -20.77
C PHE B 243 11.50 19.93 -20.63
N ALA B 244 11.17 19.45 -19.45
CA ALA B 244 11.01 18.02 -19.22
C ALA B 244 9.84 17.53 -20.05
N GLY B 245 10.06 16.50 -20.85
CA GLY B 245 9.01 15.95 -21.69
C GLY B 245 9.31 16.12 -23.16
N THR B 246 10.04 17.18 -23.49
CA THR B 246 10.41 17.45 -24.87
C THR B 246 11.32 16.37 -25.41
N GLU B 247 11.46 16.31 -26.73
CA GLU B 247 12.26 15.30 -27.40
C GLU B 247 13.73 15.35 -26.99
N GLU B 248 14.28 16.57 -26.93
CA GLU B 248 15.71 16.76 -26.75
C GLU B 248 16.19 16.48 -25.31
N ALA B 249 15.26 16.39 -24.37
CA ALA B 249 15.62 16.12 -22.97
C ALA B 249 16.16 14.70 -22.81
N PRO B 250 16.95 14.47 -21.75
CA PRO B 250 17.47 13.12 -21.46
C PRO B 250 16.36 12.12 -21.16
N GLY B 251 16.64 10.83 -21.37
CA GLY B 251 15.67 9.78 -21.13
C GLY B 251 14.82 9.47 -22.35
N GLU B 252 14.11 8.34 -22.32
CA GLU B 252 13.23 7.97 -23.42
C GLU B 252 11.76 8.24 -23.10
N VAL B 253 10.87 7.61 -23.88
CA VAL B 253 9.44 7.85 -23.76
C VAL B 253 8.73 6.71 -23.04
N ILE B 254 7.82 7.05 -22.13
CA ILE B 254 7.06 6.05 -21.39
C ILE B 254 5.61 6.01 -21.86
N LEU B 255 5.18 4.82 -22.29
CA LEU B 255 3.78 4.61 -22.66
C LEU B 255 3.04 3.98 -21.49
N TYR B 256 2.54 4.81 -20.58
CA TYR B 256 1.82 4.32 -19.41
C TYR B 256 0.36 4.76 -19.44
N GLN B 257 -0.53 3.77 -19.48
CA GLN B 257 -1.98 4.00 -19.51
C GLN B 257 -2.44 4.90 -20.66
N GLY B 258 -1.89 4.67 -21.86
CA GLY B 258 -2.38 5.33 -23.05
C GLY B 258 -1.76 6.67 -23.41
N ARG B 259 -0.85 7.15 -22.57
CA ARG B 259 -0.19 8.43 -22.82
C ARG B 259 1.32 8.25 -22.94
N SER B 260 1.97 9.26 -23.51
CA SER B 260 3.43 9.26 -23.60
C SER B 260 4.01 10.16 -22.50
N TYR B 261 5.00 9.64 -21.79
CA TYR B 261 5.61 10.36 -20.68
C TYR B 261 7.13 10.33 -20.73
N LYS B 262 7.75 11.26 -20.03
CA LYS B 262 9.18 11.26 -19.83
C LYS B 262 9.47 11.38 -18.34
N ALA B 263 10.63 10.87 -17.91
CA ALA B 263 10.99 10.92 -16.49
C ALA B 263 11.48 12.31 -16.10
N TYR B 264 11.00 12.79 -14.95
CA TYR B 264 11.40 14.08 -14.41
C TYR B 264 11.48 14.02 -12.88
N ARG B 265 12.68 14.22 -12.35
CA ARG B 265 12.92 14.04 -10.92
C ARG B 265 13.78 15.15 -10.35
N GLY B 266 13.82 15.23 -9.02
CA GLY B 266 14.64 16.24 -8.34
C GLY B 266 16.09 15.83 -8.27
N MET B 267 16.96 16.81 -8.04
CA MET B 267 18.40 16.56 -8.01
C MET B 267 18.93 16.50 -6.58
N PRO B 293 15.65 13.83 1.96
CA PRO B 293 15.24 14.13 0.58
C PRO B 293 14.39 15.39 0.50
N GLU B 294 14.76 16.31 -0.39
CA GLU B 294 14.03 17.55 -0.58
C GLU B 294 13.17 17.48 -1.83
N GLY B 295 13.33 16.39 -2.60
CA GLY B 295 12.63 16.23 -3.85
C GLY B 295 12.18 14.80 -4.12
N ILE B 296 11.38 14.64 -5.18
CA ILE B 296 10.83 13.34 -5.55
C ILE B 296 11.18 12.97 -6.99
N GLU B 297 10.82 11.75 -7.37
CA GLU B 297 10.99 11.28 -8.75
C GLU B 297 9.62 11.05 -9.36
N GLY B 298 9.40 11.58 -10.56
CA GLY B 298 8.08 11.48 -11.19
C GLY B 298 8.10 11.40 -12.70
N ARG B 299 6.91 11.52 -13.29
CA ARG B 299 6.76 11.53 -14.74
C ARG B 299 6.04 12.79 -15.18
N ILE B 300 6.39 13.28 -16.36
CA ILE B 300 5.74 14.46 -16.92
C ILE B 300 5.52 14.21 -18.41
N ALA B 301 4.44 14.77 -18.95
CA ALA B 301 3.99 14.49 -20.32
C ALA B 301 5.05 14.75 -21.39
N TYR B 302 5.08 13.87 -22.39
CA TYR B 302 5.96 14.05 -23.54
C TYR B 302 5.53 15.28 -24.32
N LYS B 303 6.51 16.09 -24.74
CA LYS B 303 6.21 17.39 -25.33
C LYS B 303 6.67 17.55 -26.78
N GLY B 304 7.06 16.45 -27.41
CA GLY B 304 7.54 16.50 -28.78
C GLY B 304 8.83 17.29 -28.88
N HIS B 305 8.99 18.03 -29.98
CA HIS B 305 10.18 18.85 -30.16
C HIS B 305 10.13 20.12 -29.33
N LEU B 306 11.28 20.50 -28.77
CA LEU B 306 11.38 21.69 -27.93
C LEU B 306 11.05 22.96 -28.70
N LYS B 307 11.43 22.98 -29.97
CA LYS B 307 11.21 24.13 -30.84
C LYS B 307 9.77 24.62 -30.81
N GLU B 308 8.82 23.68 -30.79
CA GLU B 308 7.41 24.03 -30.76
C GLU B 308 6.97 24.41 -29.35
N ILE B 309 7.59 23.81 -28.34
CA ILE B 309 7.31 24.16 -26.96
C ILE B 309 7.72 25.61 -26.68
N ILE B 310 8.94 25.95 -27.06
CA ILE B 310 9.41 27.32 -26.92
C ILE B 310 8.54 28.27 -27.74
N HIS B 311 8.16 27.83 -28.94
CA HIS B 311 7.27 28.60 -29.80
C HIS B 311 5.95 28.89 -29.11
N GLN B 312 5.41 27.88 -28.44
CA GLN B 312 4.17 28.04 -27.68
C GLN B 312 4.37 29.01 -26.52
N GLN B 313 5.35 28.73 -25.67
CA GLN B 313 5.57 29.51 -24.46
C GLN B 313 5.92 30.97 -24.74
N MET B 314 6.76 31.20 -25.75
CA MET B 314 7.16 32.55 -26.11
C MET B 314 6.03 33.31 -26.80
N GLY B 315 5.07 32.57 -27.35
CA GLY B 315 3.90 33.17 -27.96
C GLY B 315 3.01 33.85 -26.93
N GLY B 316 2.97 33.28 -25.73
CA GLY B 316 2.19 33.83 -24.65
C GLY B 316 2.80 35.13 -24.14
N LEU B 317 4.12 35.11 -23.99
CA LEU B 317 4.86 36.29 -23.56
C LEU B 317 4.67 37.44 -24.54
N ARG B 318 4.91 37.17 -25.81
CA ARG B 318 4.74 38.18 -26.85
C ARG B 318 3.32 38.73 -26.88
N SER B 319 2.34 37.85 -26.72
CA SER B 319 0.95 38.27 -26.70
C SER B 319 0.67 39.10 -25.46
N CYS B 320 1.29 38.73 -24.35
CA CYS B 320 1.21 39.50 -23.11
C CYS B 320 1.84 40.88 -23.28
N MET B 321 3.00 40.92 -23.93
CA MET B 321 3.70 42.17 -24.15
C MET B 321 2.90 43.08 -25.07
N GLY B 322 1.95 42.50 -25.79
CA GLY B 322 1.02 43.26 -26.60
C GLY B 322 -0.15 43.76 -25.78
N LEU B 323 -0.49 43.01 -24.73
CA LEU B 323 -1.58 43.39 -23.83
C LEU B 323 -1.13 44.39 -22.79
N THR B 324 0.16 44.42 -22.51
CA THR B 324 0.70 45.30 -21.49
C THR B 324 1.31 46.56 -22.10
N GLY B 325 1.56 46.53 -23.40
CA GLY B 325 2.17 47.66 -24.08
C GLY B 325 3.68 47.64 -23.91
N SER B 326 4.22 46.45 -23.72
CA SER B 326 5.65 46.29 -23.52
C SER B 326 6.35 45.96 -24.82
N ALA B 327 7.14 46.91 -25.32
CA ALA B 327 7.92 46.71 -26.54
C ALA B 327 9.03 45.70 -26.29
N THR B 328 9.78 45.91 -25.22
CA THR B 328 10.85 45.00 -24.84
C THR B 328 10.56 44.36 -23.50
N VAL B 329 11.51 43.53 -23.03
CA VAL B 329 11.36 42.84 -21.76
C VAL B 329 11.53 43.80 -20.60
N GLU B 330 12.40 44.79 -20.78
CA GLU B 330 12.62 45.80 -19.75
C GLU B 330 11.37 46.64 -19.53
N ASP B 331 10.52 46.74 -20.55
CA ASP B 331 9.25 47.41 -20.40
C ASP B 331 8.36 46.63 -19.45
N LEU B 332 8.29 45.32 -19.68
CA LEU B 332 7.48 44.44 -18.85
C LEU B 332 8.07 44.30 -17.46
N ARG B 333 9.40 44.29 -17.38
CA ARG B 333 10.08 44.00 -16.14
C ARG B 333 10.01 45.16 -15.15
N THR B 334 9.85 46.37 -15.66
CA THR B 334 9.96 47.56 -14.82
C THR B 334 8.69 48.41 -14.72
N LYS B 335 7.87 48.38 -15.77
CA LYS B 335 6.76 49.32 -15.86
C LYS B 335 5.36 48.69 -15.77
N ALA B 336 5.28 47.36 -15.80
CA ALA B 336 4.00 46.67 -15.80
C ALA B 336 3.37 46.61 -14.41
N GLN B 337 2.05 46.52 -14.36
CA GLN B 337 1.31 46.55 -13.10
C GLN B 337 0.56 45.25 -12.82
N PHE B 338 0.28 44.99 -11.54
CA PHE B 338 -0.44 43.79 -11.12
C PHE B 338 -1.75 44.13 -10.41
N VAL B 339 -2.67 43.16 -10.42
CA VAL B 339 -3.83 43.19 -9.52
C VAL B 339 -3.79 41.92 -8.68
N ARG B 340 -4.26 42.00 -7.45
CA ARG B 340 -4.26 40.84 -6.56
C ARG B 340 -5.62 40.15 -6.61
N ILE B 341 -5.62 38.85 -6.89
CA ILE B 341 -6.86 38.13 -7.12
C ILE B 341 -7.08 37.03 -6.09
N SER B 342 -8.33 36.65 -5.89
CA SER B 342 -8.68 35.55 -5.00
C SER B 342 -8.66 34.26 -5.80
N GLY B 343 -8.92 33.14 -5.12
CA GLY B 343 -9.01 31.86 -5.78
C GLY B 343 -10.19 31.80 -6.71
N ALA B 344 -11.22 32.58 -6.40
CA ALA B 344 -12.42 32.66 -7.21
C ALA B 344 -12.11 33.36 -8.53
N GLY B 345 -11.16 34.30 -8.50
CA GLY B 345 -10.76 35.00 -9.70
C GLY B 345 -9.82 34.16 -10.53
N MET B 346 -9.01 33.35 -9.87
CA MET B 346 -8.11 32.45 -10.56
C MET B 346 -8.90 31.35 -11.25
N LYS B 347 -9.96 30.88 -10.59
CA LYS B 347 -10.84 29.88 -11.18
C LYS B 347 -11.56 30.43 -12.40
N GLU B 348 -11.78 31.75 -12.40
CA GLU B 348 -12.36 32.40 -13.56
C GLU B 348 -11.33 32.54 -14.69
N SER B 349 -10.07 32.78 -14.32
CA SER B 349 -9.01 32.91 -15.30
C SER B 349 -8.88 31.64 -16.14
N HIS B 350 -9.06 30.51 -15.48
CA HIS B 350 -9.02 29.21 -16.14
C HIS B 350 -10.26 28.97 -16.98
N VAL B 351 -10.26 27.88 -17.73
CA VAL B 351 -11.45 27.40 -18.41
C VAL B 351 -12.40 26.83 -17.36
N HIS B 352 -13.64 27.30 -17.36
CA HIS B 352 -14.57 26.92 -16.31
C HIS B 352 -15.98 26.66 -16.84
N ASP B 353 -16.73 25.85 -16.09
CA ASP B 353 -18.13 25.59 -16.38
C ASP B 353 -18.37 25.05 -17.80
N VAL B 354 -17.44 24.23 -18.27
CA VAL B 354 -17.58 23.57 -19.56
C VAL B 354 -16.70 22.32 -19.56
N GLN B 355 -16.99 21.39 -20.47
CA GLN B 355 -16.21 20.17 -20.57
C GLN B 355 -15.30 20.24 -21.79
N ILE B 356 -14.02 20.53 -21.57
CA ILE B 356 -13.05 20.67 -22.65
C ILE B 356 -13.02 19.43 -23.54
N THR B 357 -13.21 19.63 -24.83
CA THR B 357 -13.28 18.52 -25.77
C THR B 357 -12.07 18.51 -26.72
N LYS B 358 -11.39 19.65 -26.81
CA LYS B 358 -10.17 19.75 -27.61
C LYS B 358 -9.15 20.63 -26.92
N GLU B 359 -8.33 20.04 -26.07
CA GLU B 359 -7.32 20.81 -25.34
C GLU B 359 -6.26 21.38 -26.30
N ALA B 360 -5.73 22.54 -25.93
CA ALA B 360 -4.73 23.20 -26.74
C ALA B 360 -3.34 22.76 -26.28
N PRO B 361 -2.37 22.78 -27.21
CA PRO B 361 -0.98 22.41 -26.86
C PRO B 361 -0.38 23.30 -25.78
N ASN B 362 -0.94 24.49 -25.60
CA ASN B 362 -0.42 25.40 -24.58
C ASN B 362 -1.22 25.39 -23.28
N TYR B 363 -2.37 24.71 -23.30
CA TYR B 363 -3.24 24.69 -22.13
C TYR B 363 -3.32 23.32 -21.47
N ARG B 364 -3.29 22.26 -22.28
CA ARG B 364 -3.32 20.89 -21.80
C ARG B 364 -4.57 20.60 -20.96
N LEU C 7 -19.74 42.17 15.85
CA LEU C 7 -19.38 40.83 16.30
C LEU C 7 -17.99 40.83 16.90
N ARG C 8 -17.85 40.18 18.06
CA ARG C 8 -16.61 40.25 18.83
C ARG C 8 -15.50 39.35 18.30
N ILE C 9 -14.63 39.93 17.48
CA ILE C 9 -13.48 39.22 16.93
C ILE C 9 -12.17 39.77 17.50
N ALA C 10 -11.35 38.90 18.05
CA ALA C 10 -10.06 39.29 18.60
C ALA C 10 -9.03 39.52 17.49
N LYS C 11 -8.49 38.42 16.97
CA LYS C 11 -7.51 38.50 15.89
C LYS C 11 -7.80 37.45 14.82
N GLU C 12 -7.20 37.63 13.65
CA GLU C 12 -7.18 36.59 12.63
C GLU C 12 -6.09 35.59 12.98
N ALA C 13 -6.48 34.35 13.21
CA ALA C 13 -5.53 33.33 13.67
C ALA C 13 -5.07 32.41 12.55
N LEU C 14 -3.83 31.92 12.66
CA LEU C 14 -3.18 31.17 11.60
C LEU C 14 -2.64 29.83 12.07
N THR C 15 -2.27 28.98 11.11
CA THR C 15 -1.60 27.72 11.42
C THR C 15 -0.45 27.42 10.47
N PHE C 16 -0.04 26.15 10.42
CA PHE C 16 1.15 25.73 9.70
C PHE C 16 1.08 26.04 8.21
N ASP C 17 -0.01 25.67 7.56
CA ASP C 17 -0.16 25.88 6.13
C ASP C 17 -0.48 27.33 5.79
N ASP C 18 -0.66 28.17 6.81
CA ASP C 18 -0.91 29.58 6.59
C ASP C 18 0.39 30.36 6.46
N VAL C 19 1.48 29.78 6.93
CA VAL C 19 2.76 30.48 7.00
C VAL C 19 3.94 29.68 6.47
N LEU C 20 5.08 30.35 6.33
CA LEU C 20 6.32 29.72 5.92
C LEU C 20 7.49 30.47 6.56
N LEU C 21 8.57 29.75 6.87
CA LEU C 21 9.73 30.38 7.48
C LEU C 21 10.63 31.02 6.44
N VAL C 22 11.42 31.99 6.87
CA VAL C 22 12.28 32.76 5.98
C VAL C 22 13.74 32.38 6.17
N PRO C 23 14.42 32.03 5.06
CA PRO C 23 15.86 31.70 5.11
C PRO C 23 16.70 32.92 5.45
N ALA C 24 17.63 32.76 6.39
CA ALA C 24 18.50 33.85 6.79
C ALA C 24 19.97 33.51 6.51
N HIS C 25 20.85 34.48 6.72
CA HIS C 25 22.29 34.26 6.59
C HIS C 25 22.72 33.17 7.57
N SER C 26 23.40 32.16 7.06
CA SER C 26 23.65 30.96 7.85
C SER C 26 25.11 30.50 7.89
N THR C 27 25.60 30.26 9.10
CA THR C 27 26.87 29.57 9.30
C THR C 27 26.55 28.22 9.93
N VAL C 28 25.29 27.82 9.81
CA VAL C 28 24.79 26.59 10.39
C VAL C 28 24.62 25.49 9.35
N LEU C 29 25.33 24.38 9.55
CA LEU C 29 25.14 23.19 8.74
C LEU C 29 24.19 22.26 9.47
N PRO C 30 23.32 21.56 8.73
CA PRO C 30 22.34 20.63 9.30
C PRO C 30 23.01 19.58 10.20
N ASN C 31 24.18 19.11 9.80
CA ASN C 31 24.89 18.08 10.56
C ASN C 31 25.44 18.61 11.88
N THR C 32 25.53 19.93 12.01
CA THR C 32 26.10 20.56 13.20
C THR C 32 25.02 21.21 14.05
N ALA C 33 23.76 21.05 13.62
CA ALA C 33 22.63 21.67 14.31
C ALA C 33 22.50 21.19 15.75
N ASP C 34 22.35 22.13 16.67
CA ASP C 34 22.16 21.81 18.07
C ASP C 34 20.68 21.71 18.36
N LEU C 35 20.19 20.48 18.47
CA LEU C 35 18.75 20.23 18.56
C LEU C 35 18.26 20.08 19.99
N ARG C 36 19.13 20.34 20.95
CA ARG C 36 18.77 20.25 22.37
C ARG C 36 17.76 21.34 22.74
N THR C 37 16.96 21.06 23.77
CA THR C 37 15.98 22.02 24.26
C THR C 37 15.54 21.63 25.68
N ARG C 38 14.42 22.18 26.12
CA ARG C 38 13.89 21.88 27.44
C ARG C 38 12.43 21.43 27.35
N LEU C 39 12.09 20.41 28.11
CA LEU C 39 10.70 19.98 28.22
C LEU C 39 10.02 20.85 29.27
N THR C 40 10.69 20.98 30.41
CA THR C 40 10.19 21.82 31.50
C THR C 40 11.28 22.76 32.00
N LYS C 41 11.08 23.31 33.19
CA LYS C 41 12.03 24.22 33.82
C LYS C 41 13.37 23.54 34.07
N ASN C 42 13.32 22.28 34.49
CA ASN C 42 14.53 21.57 34.88
C ASN C 42 14.72 20.23 34.16
N ILE C 43 14.10 20.10 32.99
CA ILE C 43 14.23 18.90 32.19
C ILE C 43 14.59 19.21 30.75
N ALA C 44 15.78 18.78 30.33
CA ALA C 44 16.23 19.01 28.98
C ALA C 44 15.90 17.82 28.08
N LEU C 45 16.03 18.02 26.77
CA LEU C 45 15.80 16.96 25.80
C LEU C 45 16.81 17.08 24.66
N ASN C 46 17.26 15.94 24.14
CA ASN C 46 18.16 15.94 23.00
C ASN C 46 17.43 16.34 21.72
N ILE C 47 16.15 15.97 21.62
CA ILE C 47 15.31 16.40 20.51
C ILE C 47 14.01 16.98 21.06
N PRO C 48 13.40 17.93 20.33
CA PRO C 48 12.19 18.59 20.83
C PRO C 48 10.90 17.85 20.50
N MET C 49 10.92 16.52 20.52
CA MET C 49 9.75 15.73 20.19
C MET C 49 9.34 14.82 21.33
N VAL C 50 8.09 14.94 21.75
CA VAL C 50 7.54 14.07 22.78
C VAL C 50 6.29 13.43 22.20
N SER C 51 5.90 12.28 22.75
CA SER C 51 4.79 11.51 22.20
C SER C 51 3.50 11.71 23.01
N ALA C 52 2.38 11.75 22.30
CA ALA C 52 1.08 11.94 22.92
C ALA C 52 0.69 10.76 23.82
N SER C 53 -0.01 11.05 24.91
CA SER C 53 -0.44 10.01 25.84
C SER C 53 -1.72 9.32 25.38
N MET C 54 -1.67 8.73 24.19
CA MET C 54 -2.82 8.01 23.65
C MET C 54 -2.53 6.52 23.70
N ASP C 55 -3.58 5.71 23.82
CA ASP C 55 -3.39 4.27 23.94
C ASP C 55 -3.11 3.58 22.60
N THR C 56 -2.87 4.37 21.56
CA THR C 56 -2.41 3.83 20.27
C THR C 56 -1.08 4.44 19.88
N VAL C 57 -0.48 5.17 20.82
CA VAL C 57 0.78 5.85 20.56
C VAL C 57 1.83 5.48 21.60
N THR C 58 1.53 5.72 22.88
CA THR C 58 2.55 5.57 23.92
C THR C 58 2.26 4.55 25.01
N GLU C 59 3.01 3.45 24.98
CA GLU C 59 3.11 2.53 26.11
C GLU C 59 4.60 2.32 26.38
N ALA C 60 4.94 1.29 27.13
CA ALA C 60 6.33 1.06 27.54
C ALA C 60 7.34 1.05 26.39
N ARG C 61 7.04 0.31 25.32
CA ARG C 61 7.97 0.15 24.22
C ARG C 61 8.32 1.45 23.49
N LEU C 62 7.30 2.23 23.15
CA LEU C 62 7.52 3.46 22.40
C LEU C 62 8.19 4.53 23.25
N ALA C 63 7.84 4.56 24.53
CA ALA C 63 8.47 5.50 25.46
C ALA C 63 9.97 5.24 25.54
N ILE C 64 10.34 3.97 25.68
CA ILE C 64 11.74 3.57 25.73
C ILE C 64 12.44 3.91 24.42
N ALA C 65 11.78 3.61 23.31
CA ALA C 65 12.31 3.87 21.98
C ALA C 65 12.57 5.36 21.77
N LEU C 66 11.57 6.18 22.11
CA LEU C 66 11.69 7.62 21.94
C LEU C 66 12.74 8.20 22.88
N ALA C 67 12.82 7.65 24.09
CA ALA C 67 13.78 8.14 25.07
C ALA C 67 15.21 7.78 24.68
N GLN C 68 15.39 6.62 24.05
CA GLN C 68 16.70 6.20 23.58
C GLN C 68 17.13 6.96 22.32
N GLU C 69 16.32 7.93 21.91
CA GLU C 69 16.65 8.76 20.75
C GLU C 69 16.71 10.24 21.12
N GLY C 70 16.34 10.56 22.36
CA GLY C 70 16.44 11.92 22.85
C GLY C 70 15.12 12.60 23.14
N GLY C 71 14.04 11.81 23.21
CA GLY C 71 12.74 12.34 23.53
C GLY C 71 12.20 11.82 24.85
N ILE C 72 10.92 12.06 25.09
CA ILE C 72 10.25 11.54 26.29
C ILE C 72 8.83 11.11 25.95
N GLY C 73 8.36 10.05 26.60
CA GLY C 73 7.02 9.55 26.36
C GLY C 73 6.13 9.65 27.59
N PHE C 74 4.83 9.78 27.35
CA PHE C 74 3.85 9.88 28.41
C PHE C 74 2.87 8.71 28.32
N ILE C 75 3.00 7.77 29.24
CA ILE C 75 2.14 6.59 29.25
C ILE C 75 0.69 6.98 29.53
N HIS C 76 -0.20 6.60 28.62
CA HIS C 76 -1.61 6.96 28.71
C HIS C 76 -2.26 6.48 30.02
N LYS C 77 -3.25 7.22 30.48
CA LYS C 77 -3.85 6.96 31.79
C LYS C 77 -4.83 5.79 31.80
N ASN C 78 -5.44 5.49 30.65
CA ASN C 78 -6.49 4.48 30.61
C ASN C 78 -5.98 3.05 30.77
N MET C 79 -5.56 2.72 31.99
CA MET C 79 -5.19 1.37 32.37
C MET C 79 -5.24 1.30 33.88
N SER C 80 -4.92 0.15 34.46
CA SER C 80 -4.92 0.03 35.91
C SER C 80 -3.83 0.92 36.46
N ILE C 81 -4.08 1.49 37.64
CA ILE C 81 -3.11 2.33 38.31
C ILE C 81 -1.80 1.58 38.48
N GLU C 82 -1.91 0.31 38.83
CA GLU C 82 -0.75 -0.53 39.10
C GLU C 82 0.08 -0.75 37.84
N GLN C 83 -0.60 -0.86 36.70
CA GLN C 83 0.09 -1.12 35.44
C GLN C 83 0.81 0.12 34.90
N GLN C 84 0.23 1.29 35.15
CA GLN C 84 0.85 2.53 34.68
C GLN C 84 2.15 2.78 35.42
N ALA C 85 2.14 2.48 36.71
CA ALA C 85 3.35 2.56 37.53
C ALA C 85 4.37 1.55 37.03
N ALA C 86 3.89 0.39 36.62
CA ALA C 86 4.75 -0.65 36.08
C ALA C 86 5.40 -0.17 34.78
N GLN C 87 4.57 0.34 33.87
CA GLN C 87 5.05 0.86 32.60
C GLN C 87 6.04 1.99 32.83
N VAL C 88 5.76 2.83 33.82
CA VAL C 88 6.66 3.91 34.20
C VAL C 88 7.99 3.37 34.71
N HIS C 89 7.90 2.38 35.61
CA HIS C 89 9.08 1.75 36.19
C HIS C 89 9.96 1.07 35.13
N GLN C 90 9.32 0.43 34.16
CA GLN C 90 10.03 -0.30 33.12
C GLN C 90 10.97 0.61 32.35
N VAL C 91 10.44 1.76 31.91
CA VAL C 91 11.21 2.71 31.13
C VAL C 91 12.40 3.26 31.92
N LYS C 92 12.21 3.40 33.23
CA LYS C 92 13.27 3.90 34.10
C LYS C 92 14.49 2.99 34.12
N ILE C 93 14.24 1.69 34.21
CA ILE C 93 15.33 0.71 34.25
C ILE C 93 15.67 0.22 32.84
N SER C 94 15.18 0.92 31.83
CA SER C 94 15.45 0.53 30.45
C SER C 94 16.51 1.42 29.80
N GLY C 95 17.46 1.88 30.59
CA GLY C 95 18.55 2.69 30.06
C GLY C 95 18.72 4.04 30.75
N GLY C 96 18.14 4.17 31.95
CA GLY C 96 18.24 5.41 32.69
C GLY C 96 17.46 6.51 31.99
N LEU C 97 16.36 6.12 31.38
CA LEU C 97 15.56 7.02 30.57
C LEU C 97 14.57 7.82 31.41
N ARG C 98 14.17 8.98 30.89
CA ARG C 98 13.10 9.76 31.49
C ARG C 98 11.77 9.15 31.08
N VAL C 99 10.73 9.41 31.87
CA VAL C 99 9.39 8.98 31.49
C VAL C 99 8.32 9.92 32.03
N GLY C 100 7.35 10.25 31.18
CA GLY C 100 6.21 11.04 31.60
C GLY C 100 5.01 10.14 31.76
N ALA C 101 3.98 10.63 32.41
CA ALA C 101 2.76 9.85 32.62
C ALA C 101 1.55 10.76 32.71
N ALA C 102 0.41 10.26 32.26
CA ALA C 102 -0.80 11.06 32.20
C ALA C 102 -1.82 10.64 33.26
N VAL C 103 -2.50 11.62 33.84
CA VAL C 103 -3.63 11.38 34.73
C VAL C 103 -4.76 12.32 34.35
N GLY C 104 -5.96 12.06 34.88
CA GLY C 104 -7.10 12.91 34.61
C GLY C 104 -7.28 14.00 35.65
N ALA C 105 -8.18 14.94 35.37
CA ALA C 105 -8.49 16.02 36.30
C ALA C 105 -9.91 15.89 36.83
N ALA C 106 -10.09 14.99 37.79
CA ALA C 106 -11.40 14.70 38.33
C ALA C 106 -11.25 14.19 39.76
N PRO C 107 -12.31 14.28 40.58
CA PRO C 107 -12.30 13.73 41.93
C PRO C 107 -11.91 12.26 41.95
N GLY C 108 -11.08 11.88 42.93
CA GLY C 108 -10.60 10.52 43.03
C GLY C 108 -9.54 10.20 41.99
N ASN C 109 -8.41 10.87 42.09
CA ASN C 109 -7.31 10.64 41.15
C ASN C 109 -5.96 10.72 41.85
N GLU C 110 -5.99 11.04 43.14
CA GLU C 110 -4.78 11.23 43.93
C GLU C 110 -3.95 9.95 44.06
N GLU C 111 -4.61 8.81 44.12
CA GLU C 111 -3.91 7.53 44.29
C GLU C 111 -3.09 7.18 43.05
N ARG C 112 -3.60 7.53 41.87
CA ARG C 112 -2.86 7.32 40.64
C ARG C 112 -1.68 8.29 40.59
N VAL C 113 -1.93 9.53 41.02
CA VAL C 113 -0.87 10.53 41.07
C VAL C 113 0.23 10.09 42.04
N LYS C 114 -0.18 9.50 43.16
CA LYS C 114 0.78 9.01 44.15
C LYS C 114 1.60 7.85 43.62
N ALA C 115 0.91 6.84 43.08
CA ALA C 115 1.55 5.61 42.63
C ALA C 115 2.60 5.81 41.53
N LEU C 116 2.33 6.73 40.61
CA LEU C 116 3.24 6.99 39.50
C LEU C 116 4.58 7.57 39.95
N VAL C 117 4.55 8.41 40.97
CA VAL C 117 5.76 9.06 41.47
C VAL C 117 6.77 8.04 42.01
N GLU C 118 6.30 7.15 42.88
CA GLU C 118 7.18 6.16 43.48
C GLU C 118 7.65 5.12 42.46
N ALA C 119 7.02 5.13 41.29
CA ALA C 119 7.46 4.28 40.19
C ALA C 119 8.63 4.93 39.47
N GLY C 120 8.97 6.15 39.90
CA GLY C 120 10.11 6.86 39.35
C GLY C 120 9.76 7.75 38.17
N VAL C 121 8.51 8.21 38.11
CA VAL C 121 8.09 9.08 37.03
C VAL C 121 8.86 10.40 37.08
N ASP C 122 9.11 10.99 35.92
CA ASP C 122 9.89 12.21 35.84
C ASP C 122 9.00 13.45 35.74
N VAL C 123 7.85 13.29 35.11
CA VAL C 123 6.94 14.41 34.92
C VAL C 123 5.49 13.96 34.75
N LEU C 124 4.60 14.58 35.52
CA LEU C 124 3.18 14.24 35.48
C LEU C 124 2.48 15.05 34.39
N LEU C 125 1.45 14.46 33.80
CA LEU C 125 0.71 15.13 32.75
C LEU C 125 -0.79 15.04 32.98
N ILE C 126 -1.43 16.19 33.18
CA ILE C 126 -2.88 16.21 33.28
C ILE C 126 -3.47 16.75 31.98
N ASP C 127 -3.25 16.01 30.90
CA ASP C 127 -3.73 16.40 29.58
C ASP C 127 -5.25 16.55 29.57
N SER C 128 -5.72 17.79 29.50
CA SER C 128 -7.15 18.06 29.57
C SER C 128 -7.68 18.77 28.33
N SER C 129 -8.99 18.63 28.10
CA SER C 129 -9.65 19.26 26.96
C SER C 129 -9.89 20.74 27.23
N HIS C 130 -9.65 21.16 28.47
CA HIS C 130 -9.85 22.54 28.87
C HIS C 130 -8.97 22.91 30.06
N GLY C 131 -7.73 23.32 29.79
CA GLY C 131 -6.79 23.62 30.85
C GLY C 131 -7.10 24.89 31.61
N HIS C 132 -7.97 25.73 31.04
CA HIS C 132 -8.31 27.00 31.67
C HIS C 132 -9.57 26.87 32.53
N SER C 133 -10.07 25.65 32.68
CA SER C 133 -11.21 25.41 33.55
C SER C 133 -10.75 25.56 34.99
N GLU C 134 -11.64 26.06 35.85
CA GLU C 134 -11.31 26.30 37.25
C GLU C 134 -11.00 25.00 37.99
N GLY C 135 -11.60 23.91 37.54
CA GLY C 135 -11.39 22.60 38.15
C GLY C 135 -9.97 22.10 37.93
N VAL C 136 -9.54 22.10 36.66
CA VAL C 136 -8.18 21.74 36.33
C VAL C 136 -7.19 22.69 37.01
N LEU C 137 -7.51 23.99 36.99
CA LEU C 137 -6.70 24.97 37.70
C LEU C 137 -6.61 24.61 39.19
N GLN C 138 -7.73 24.20 39.75
CA GLN C 138 -7.76 23.80 41.15
C GLN C 138 -6.94 22.54 41.36
N ARG C 139 -7.03 21.62 40.40
CA ARG C 139 -6.34 20.34 40.52
C ARG C 139 -4.83 20.50 40.47
N ILE C 140 -4.37 21.61 39.89
CA ILE C 140 -2.95 21.90 39.80
C ILE C 140 -2.44 22.51 41.10
N ARG C 141 -3.24 23.37 41.70
CA ARG C 141 -2.89 24.02 42.98
C ARG C 141 -2.67 22.98 44.06
N GLU C 142 -3.43 21.90 44.01
CA GLU C 142 -3.36 20.84 45.02
C GLU C 142 -2.18 19.92 44.79
N THR C 143 -2.03 19.47 43.55
CA THR C 143 -0.97 18.54 43.21
C THR C 143 0.39 19.17 43.43
N ARG C 144 0.49 20.48 43.18
CA ARG C 144 1.71 21.22 43.43
C ARG C 144 1.96 21.31 44.92
N ALA C 145 0.90 21.52 45.69
CA ALA C 145 1.01 21.57 47.14
C ALA C 145 1.43 20.21 47.69
N ALA C 146 0.81 19.15 47.17
CA ALA C 146 1.13 17.79 47.59
C ALA C 146 2.50 17.35 47.08
N TYR C 147 2.94 17.91 45.97
CA TYR C 147 4.23 17.55 45.38
C TYR C 147 4.93 18.78 44.84
N PRO C 148 5.64 19.50 45.73
CA PRO C 148 6.29 20.77 45.39
C PRO C 148 7.51 20.63 44.48
N HIS C 149 8.14 19.46 44.46
CA HIS C 149 9.33 19.29 43.62
C HIS C 149 9.05 18.41 42.41
N LEU C 150 7.76 18.22 42.12
CA LEU C 150 7.34 17.46 40.94
C LEU C 150 7.23 18.38 39.73
N GLU C 151 7.62 17.88 38.57
CA GLU C 151 7.43 18.63 37.34
C GLU C 151 6.01 18.38 36.81
N ILE C 152 5.27 19.47 36.56
CA ILE C 152 3.87 19.36 36.19
C ILE C 152 3.56 20.04 34.85
N ILE C 153 2.94 19.29 33.95
CA ILE C 153 2.50 19.82 32.66
C ILE C 153 1.04 20.26 32.76
N GLY C 154 0.76 21.47 32.29
CA GLY C 154 -0.59 21.99 32.35
C GLY C 154 -1.18 22.29 30.98
N GLY C 155 -2.49 22.09 30.86
CA GLY C 155 -3.19 22.35 29.62
C GLY C 155 -4.41 21.47 29.46
N ASN C 156 -4.96 21.45 28.25
CA ASN C 156 -4.43 22.25 27.15
C ASN C 156 -5.11 23.61 27.02
N VAL C 157 -4.33 24.60 26.59
CA VAL C 157 -4.84 25.95 26.37
C VAL C 157 -4.56 26.42 24.93
N ALA C 158 -4.99 27.63 24.61
CA ALA C 158 -4.81 28.16 23.26
C ALA C 158 -4.82 29.69 23.24
N THR C 159 -4.69 30.31 24.41
CA THR C 159 -4.65 31.77 24.49
C THR C 159 -3.45 32.24 25.29
N ALA C 160 -3.24 33.56 25.32
CA ALA C 160 -2.18 34.13 26.14
C ALA C 160 -2.56 34.06 27.61
N GLU C 161 -3.85 34.30 27.88
CA GLU C 161 -4.33 34.35 29.25
C GLU C 161 -4.53 32.96 29.84
N GLY C 162 -4.55 31.95 28.97
CA GLY C 162 -4.66 30.58 29.40
C GLY C 162 -3.37 30.06 30.03
N ALA C 163 -2.25 30.34 29.37
CA ALA C 163 -0.95 29.91 29.87
C ALA C 163 -0.59 30.61 31.18
N ARG C 164 -1.08 31.84 31.32
CA ARG C 164 -0.82 32.63 32.53
C ARG C 164 -1.35 31.94 33.78
N ALA C 165 -2.60 31.49 33.70
CA ALA C 165 -3.27 30.86 34.83
C ALA C 165 -2.61 29.53 35.20
N LEU C 166 -2.19 28.78 34.19
CA LEU C 166 -1.49 27.52 34.40
C LEU C 166 -0.21 27.76 35.19
N ILE C 167 0.55 28.78 34.78
CA ILE C 167 1.80 29.16 35.44
C ILE C 167 1.54 29.61 36.88
N GLU C 168 0.50 30.41 37.07
CA GLU C 168 0.12 30.85 38.40
C GLU C 168 -0.35 29.67 39.24
N ALA C 169 -0.90 28.65 38.59
CA ALA C 169 -1.34 27.45 39.28
C ALA C 169 -0.13 26.62 39.72
N GLY C 170 0.98 26.79 39.00
CA GLY C 170 2.23 26.17 39.39
C GLY C 170 2.78 25.13 38.43
N VAL C 171 2.30 25.10 37.20
CA VAL C 171 2.76 24.12 36.23
C VAL C 171 4.23 24.34 35.86
N SER C 172 4.89 23.28 35.42
CA SER C 172 6.28 23.37 34.99
C SER C 172 6.36 23.67 33.50
N ALA C 173 5.29 23.37 32.78
CA ALA C 173 5.21 23.69 31.36
C ALA C 173 3.77 23.84 30.92
N VAL C 174 3.57 24.56 29.82
CA VAL C 174 2.24 24.82 29.30
C VAL C 174 2.01 24.06 28.00
N LYS C 175 1.01 23.18 28.00
CA LYS C 175 0.67 22.46 26.78
C LYS C 175 -0.44 23.19 26.02
N VAL C 176 -0.20 23.39 24.72
CA VAL C 176 -1.12 24.17 23.89
C VAL C 176 -1.79 23.32 22.82
N GLY C 177 -3.12 23.38 22.76
CA GLY C 177 -3.86 22.67 21.73
C GLY C 177 -5.34 22.53 22.03
N ILE C 178 -6.16 23.27 21.29
CA ILE C 178 -7.61 23.14 21.39
C ILE C 178 -8.20 22.87 20.01
N GLY C 179 -8.38 21.59 19.69
CA GLY C 179 -8.98 21.18 18.43
C GLY C 179 -8.13 20.91 17.17
N PRO C 180 -6.79 20.98 17.25
CA PRO C 180 -6.13 20.82 15.95
C PRO C 180 -5.69 19.38 15.66
N GLY C 181 -5.93 18.46 16.60
CA GLY C 181 -5.51 17.08 16.44
C GLY C 181 -6.12 16.42 15.22
N SER C 182 -5.34 15.56 14.57
CA SER C 182 -5.79 14.88 13.35
C SER C 182 -7.09 14.10 13.58
N ILE C 183 -7.23 13.53 14.78
CA ILE C 183 -8.40 12.74 15.11
C ILE C 183 -9.42 13.54 15.92
N CYS C 184 -9.21 14.85 16.02
CA CYS C 184 -10.01 15.69 16.89
C CYS C 184 -11.21 16.34 16.17
N THR C 185 -12.36 16.32 16.83
CA THR C 185 -13.57 16.93 16.29
C THR C 185 -14.11 18.01 17.22
N THR C 186 -13.29 18.44 18.18
CA THR C 186 -13.72 19.40 19.19
C THR C 186 -14.19 20.72 18.59
N ARG C 187 -13.39 21.29 17.70
CA ARG C 187 -13.74 22.54 17.03
C ARG C 187 -15.01 22.40 16.21
N ILE C 188 -15.26 21.21 15.69
CA ILE C 188 -16.46 20.97 14.87
C ILE C 188 -17.68 20.78 15.75
N VAL C 189 -17.50 20.07 16.85
CA VAL C 189 -18.59 19.76 17.77
C VAL C 189 -18.93 20.94 18.68
N THR C 190 -17.91 21.70 19.09
CA THR C 190 -18.12 22.79 20.03
C THR C 190 -18.11 24.16 19.36
N GLY C 191 -17.33 24.29 18.29
CA GLY C 191 -17.15 25.58 17.64
C GLY C 191 -16.01 26.34 18.29
N VAL C 192 -15.42 25.72 19.31
CA VAL C 192 -14.39 26.39 20.09
C VAL C 192 -13.00 25.90 19.72
N GLY C 193 -12.06 26.83 19.61
CA GLY C 193 -10.68 26.49 19.30
C GLY C 193 -9.93 27.64 18.67
N VAL C 194 -8.61 27.58 18.74
CA VAL C 194 -7.75 28.58 18.11
C VAL C 194 -6.69 27.87 17.28
N PRO C 195 -6.53 28.30 16.02
CA PRO C 195 -5.50 27.77 15.13
C PRO C 195 -4.14 27.69 15.82
N GLN C 196 -3.45 26.57 15.64
CA GLN C 196 -2.33 26.18 16.48
C GLN C 196 -1.16 27.17 16.54
N ILE C 197 -0.65 27.59 15.39
CA ILE C 197 0.51 28.49 15.34
C ILE C 197 0.25 29.82 16.07
N THR C 198 -0.92 30.39 15.84
CA THR C 198 -1.35 31.58 16.56
C THR C 198 -1.51 31.25 18.05
N ALA C 199 -1.99 30.04 18.33
CA ALA C 199 -2.19 29.63 19.72
C ALA C 199 -0.86 29.42 20.44
N ILE C 200 0.14 28.90 19.73
CA ILE C 200 1.46 28.71 20.30
C ILE C 200 2.13 30.04 20.58
N ALA C 201 2.00 30.97 19.64
CA ALA C 201 2.60 32.29 19.78
C ALA C 201 2.00 33.08 20.94
N ASP C 202 0.68 33.00 21.08
CA ASP C 202 -0.01 33.69 22.16
C ASP C 202 0.44 33.18 23.53
N ALA C 203 0.58 31.86 23.66
CA ALA C 203 0.96 31.27 24.94
C ALA C 203 2.40 31.60 25.30
N ALA C 204 3.32 31.34 24.38
CA ALA C 204 4.75 31.57 24.59
C ALA C 204 5.07 32.99 25.03
N GLY C 205 4.38 33.96 24.43
CA GLY C 205 4.58 35.36 24.76
C GLY C 205 4.48 35.62 26.25
N VAL C 206 3.52 34.97 26.90
CA VAL C 206 3.39 35.04 28.34
C VAL C 206 4.40 34.10 29.00
N ALA C 207 4.50 32.90 28.45
CA ALA C 207 5.35 31.86 29.03
C ALA C 207 6.84 32.20 28.95
N ASN C 208 7.23 32.95 27.92
CA ASN C 208 8.64 33.29 27.76
C ASN C 208 9.16 34.17 28.88
N GLU C 209 8.29 35.02 29.42
CA GLU C 209 8.69 35.98 30.42
C GLU C 209 8.82 35.35 31.80
N TYR C 210 8.26 34.15 31.95
CA TYR C 210 8.46 33.36 33.15
C TYR C 210 9.61 32.38 32.90
N GLY C 211 10.02 32.28 31.64
CA GLY C 211 11.01 31.30 31.24
C GLY C 211 10.42 29.91 31.28
N ILE C 212 9.13 29.83 30.94
CA ILE C 212 8.42 28.55 30.92
C ILE C 212 8.25 28.05 29.50
N PRO C 213 8.71 26.82 29.23
CA PRO C 213 8.61 26.20 27.90
C PRO C 213 7.17 25.94 27.47
N VAL C 214 6.92 25.99 26.17
CA VAL C 214 5.60 25.72 25.62
C VAL C 214 5.65 24.47 24.74
N ILE C 215 4.69 23.57 24.92
CA ILE C 215 4.62 22.35 24.12
C ILE C 215 3.52 22.42 23.06
N ALA C 216 3.91 22.25 21.81
CA ALA C 216 2.96 22.22 20.72
C ALA C 216 2.33 20.85 20.64
N ASP C 217 1.01 20.79 20.80
CA ASP C 217 0.32 19.53 20.90
C ASP C 217 -0.72 19.33 19.79
N GLY C 218 -0.27 18.78 18.67
CA GLY C 218 -1.17 18.42 17.60
C GLY C 218 -0.99 19.21 16.32
N GLY C 219 -1.58 18.69 15.24
CA GLY C 219 -1.59 19.39 13.96
C GLY C 219 -0.31 19.27 13.19
N ILE C 220 0.56 18.35 13.61
CA ILE C 220 1.83 18.13 12.94
C ILE C 220 1.73 16.96 11.97
N ARG C 221 2.16 17.16 10.74
CA ARG C 221 2.09 16.12 9.73
C ARG C 221 3.44 15.88 9.05
N PHE C 222 4.17 16.95 8.82
CA PHE C 222 5.51 16.84 8.25
C PHE C 222 6.52 17.46 9.21
N SER C 223 7.80 17.31 8.89
CA SER C 223 8.87 17.87 9.72
C SER C 223 8.89 19.39 9.67
N GLY C 224 8.34 19.95 8.59
CA GLY C 224 8.25 21.40 8.45
C GLY C 224 7.33 22.01 9.48
N ASP C 225 6.31 21.27 9.89
CA ASP C 225 5.39 21.73 10.92
C ASP C 225 6.09 21.83 12.26
N ILE C 226 7.03 20.92 12.50
CA ILE C 226 7.83 20.93 13.73
C ILE C 226 8.68 22.19 13.79
N SER C 227 9.20 22.59 12.63
CA SER C 227 10.00 23.81 12.54
C SER C 227 9.14 25.03 12.82
N LYS C 228 7.99 25.09 12.17
CA LYS C 228 7.07 26.21 12.32
C LYS C 228 6.53 26.31 13.75
N ALA C 229 6.33 25.14 14.38
CA ALA C 229 5.79 25.10 15.72
C ALA C 229 6.79 25.69 16.71
N ILE C 230 8.06 25.36 16.52
CA ILE C 230 9.11 25.87 17.39
C ILE C 230 9.36 27.34 17.14
N ALA C 231 9.40 27.73 15.87
CA ALA C 231 9.76 29.10 15.50
C ALA C 231 8.81 30.15 16.07
N ALA C 232 7.57 29.75 16.37
CA ALA C 232 6.60 30.70 16.90
C ALA C 232 6.43 30.61 18.42
N GLY C 233 7.28 29.81 19.07
CA GLY C 233 7.35 29.85 20.52
C GLY C 233 7.50 28.54 21.28
N ALA C 234 7.19 27.42 20.61
CA ALA C 234 7.23 26.14 21.31
C ALA C 234 8.66 25.68 21.58
N SER C 235 8.90 25.23 22.80
CA SER C 235 10.22 24.72 23.18
C SER C 235 10.34 23.26 22.77
N CYS C 236 9.20 22.63 22.52
CA CYS C 236 9.15 21.28 21.98
C CYS C 236 7.76 20.99 21.47
N VAL C 237 7.61 19.89 20.73
CA VAL C 237 6.30 19.54 20.19
C VAL C 237 5.84 18.16 20.66
N MET C 238 4.54 17.99 20.71
CA MET C 238 3.94 16.70 20.99
C MET C 238 3.16 16.18 19.80
N VAL C 239 3.40 14.93 19.43
CA VAL C 239 2.72 14.33 18.28
C VAL C 239 2.04 13.01 18.65
N GLY C 240 1.04 12.63 17.85
CA GLY C 240 0.36 11.37 18.02
C GLY C 240 0.31 10.57 16.74
N SER C 241 -0.25 11.19 15.69
CA SER C 241 -0.39 10.54 14.39
C SER C 241 0.96 10.23 13.76
N MET C 242 1.90 11.19 13.87
CA MET C 242 3.23 11.04 13.31
C MET C 242 3.98 9.84 13.89
N PHE C 243 3.68 9.52 15.15
CA PHE C 243 4.31 8.39 15.82
C PHE C 243 3.46 7.14 15.82
N ALA C 244 2.16 7.30 15.64
CA ALA C 244 1.24 6.17 15.53
C ALA C 244 1.55 5.40 14.26
N GLY C 245 1.30 4.10 14.28
CA GLY C 245 1.58 3.26 13.13
C GLY C 245 2.90 2.55 13.27
N THR C 246 3.85 3.19 13.96
CA THR C 246 5.15 2.58 14.20
C THR C 246 4.98 1.28 14.97
N GLU C 247 5.94 0.37 14.81
CA GLU C 247 5.86 -0.93 15.46
C GLU C 247 5.99 -0.81 16.97
N GLU C 248 6.76 0.19 17.41
CA GLU C 248 6.89 0.46 18.84
C GLU C 248 5.56 0.92 19.43
N ALA C 249 4.78 1.63 18.63
CA ALA C 249 3.45 2.05 19.05
C ALA C 249 2.55 0.84 19.26
N PRO C 250 1.59 0.94 20.19
CA PRO C 250 0.65 -0.13 20.50
C PRO C 250 -0.12 -0.60 19.27
N GLY C 251 -0.03 -1.89 18.96
CA GLY C 251 -0.79 -2.46 17.87
C GLY C 251 -0.01 -3.36 16.94
N GLU C 252 -0.71 -4.38 16.43
CA GLU C 252 -0.15 -5.25 15.41
C GLU C 252 -0.47 -4.63 14.05
N VAL C 253 0.36 -4.92 13.05
CA VAL C 253 0.19 -4.32 11.74
C VAL C 253 -1.14 -4.75 11.10
N ILE C 254 -1.78 -3.83 10.39
CA ILE C 254 -3.05 -4.11 9.75
C ILE C 254 -2.88 -4.17 8.23
N LEU C 255 -3.36 -5.24 7.62
CA LEU C 255 -3.33 -5.37 6.16
C LEU C 255 -4.67 -4.99 5.56
N TYR C 256 -4.73 -3.81 4.96
CA TYR C 256 -5.96 -3.33 4.35
C TYR C 256 -5.76 -2.90 2.90
N GLN C 257 -6.32 -3.69 1.97
CA GLN C 257 -6.31 -3.37 0.54
C GLN C 257 -4.92 -3.04 0.00
N GLY C 258 -3.96 -3.92 0.25
CA GLY C 258 -2.61 -3.75 -0.28
C GLY C 258 -1.74 -2.78 0.50
N ARG C 259 -2.34 -2.09 1.47
CA ARG C 259 -1.59 -1.14 2.30
C ARG C 259 -1.55 -1.57 3.76
N SER C 260 -0.45 -1.24 4.42
CA SER C 260 -0.28 -1.59 5.82
C SER C 260 -0.63 -0.42 6.73
N TYR C 261 -1.29 -0.71 7.85
CA TYR C 261 -1.69 0.32 8.80
C TYR C 261 -1.52 -0.15 10.24
N LYS C 262 -2.01 0.69 11.15
CA LYS C 262 -2.18 0.34 12.55
C LYS C 262 -3.22 1.30 13.11
N ALA C 263 -4.10 0.81 13.98
CA ALA C 263 -5.18 1.61 14.54
C ALA C 263 -4.69 2.88 15.24
N TYR C 264 -5.54 3.89 15.29
CA TYR C 264 -5.22 5.16 15.94
C TYR C 264 -6.48 5.85 16.43
N ARG C 265 -6.79 5.65 17.71
CA ARG C 265 -8.01 6.20 18.30
C ARG C 265 -7.72 7.30 19.30
N GLY C 266 -8.56 8.33 19.29
CA GLY C 266 -8.45 9.41 20.24
C GLY C 266 -8.96 8.99 21.60
N MET C 267 -8.75 9.85 22.59
CA MET C 267 -9.16 9.56 23.96
C MET C 267 -10.59 10.02 24.21
N PRO C 293 -18.50 12.94 22.74
CA PRO C 293 -17.73 12.49 21.58
C PRO C 293 -16.90 13.62 20.96
N GLU C 294 -15.61 13.63 21.26
CA GLU C 294 -14.71 14.70 20.80
C GLU C 294 -13.69 14.19 19.79
N GLY C 295 -13.89 12.98 19.30
CA GLY C 295 -12.96 12.39 18.33
C GLY C 295 -13.45 11.09 17.74
N ILE C 296 -12.71 10.59 16.75
CA ILE C 296 -13.06 9.35 16.08
C ILE C 296 -11.85 8.41 15.94
N GLU C 297 -12.10 7.22 15.41
CA GLU C 297 -11.03 6.26 15.17
C GLU C 297 -10.81 6.10 13.67
N GLY C 298 -9.55 5.93 13.26
CA GLY C 298 -9.22 5.79 11.86
C GLY C 298 -8.03 4.89 11.58
N ARG C 299 -7.44 5.04 10.40
CA ARG C 299 -6.26 4.26 10.01
C ARG C 299 -5.08 5.15 9.65
N ILE C 300 -3.93 4.86 10.23
CA ILE C 300 -2.70 5.58 9.96
C ILE C 300 -1.73 4.68 9.20
N ALA C 301 -1.10 5.22 8.17
CA ALA C 301 -0.15 4.48 7.34
C ALA C 301 0.99 3.90 8.17
N TYR C 302 1.45 2.71 7.79
CA TYR C 302 2.55 2.05 8.48
C TYR C 302 3.88 2.60 7.99
N LYS C 303 4.56 3.33 8.87
CA LYS C 303 5.75 4.08 8.48
C LYS C 303 7.06 3.46 8.98
N GLY C 304 6.96 2.37 9.74
CA GLY C 304 8.13 1.61 10.16
C GLY C 304 8.58 1.84 11.59
N HIS C 305 9.79 1.39 11.90
CA HIS C 305 10.38 1.56 13.23
C HIS C 305 10.49 3.03 13.61
N LEU C 306 10.14 3.35 14.85
CA LEU C 306 10.13 4.72 15.36
C LEU C 306 11.47 5.42 15.16
N LYS C 307 12.55 4.64 15.25
CA LYS C 307 13.90 5.15 15.05
C LYS C 307 14.06 5.78 13.66
N GLU C 308 13.36 5.22 12.68
CA GLU C 308 13.46 5.73 11.31
C GLU C 308 12.71 7.04 11.12
N ILE C 309 11.56 7.16 11.77
CA ILE C 309 10.75 8.37 11.70
C ILE C 309 11.52 9.57 12.22
N ILE C 310 12.09 9.42 13.41
CA ILE C 310 12.83 10.49 14.09
C ILE C 310 13.93 11.09 13.22
N HIS C 311 14.67 10.23 12.53
CA HIS C 311 15.77 10.68 11.70
C HIS C 311 15.31 11.60 10.57
N GLN C 312 14.17 11.29 9.97
CA GLN C 312 13.69 12.08 8.84
C GLN C 312 12.79 13.24 9.25
N GLN C 313 12.38 13.27 10.52
CA GLN C 313 11.63 14.41 11.03
C GLN C 313 12.59 15.44 11.60
N MET C 314 13.66 14.95 12.23
CA MET C 314 14.72 15.82 12.70
C MET C 314 15.62 16.21 11.53
N GLY C 315 15.62 15.38 10.49
CA GLY C 315 16.40 15.66 9.29
C GLY C 315 15.93 16.93 8.60
N GLY C 316 14.63 17.04 8.42
CA GLY C 316 14.05 18.23 7.82
C GLY C 316 14.23 19.42 8.74
N LEU C 317 14.05 19.18 10.03
CA LEU C 317 14.24 20.21 11.03
C LEU C 317 15.69 20.70 11.05
N ARG C 318 16.63 19.78 10.83
CA ARG C 318 18.03 20.16 10.70
C ARG C 318 18.24 21.04 9.48
N SER C 319 17.59 20.68 8.38
CA SER C 319 17.72 21.45 7.14
C SER C 319 17.09 22.83 7.31
N CYS C 320 16.10 22.90 8.18
CA CYS C 320 15.47 24.17 8.52
C CYS C 320 16.44 25.12 9.21
N MET C 321 17.07 24.63 10.27
CA MET C 321 17.99 25.45 11.05
C MET C 321 19.13 25.94 10.16
N GLY C 322 19.62 25.04 9.31
CA GLY C 322 20.65 25.37 8.35
C GLY C 322 20.21 26.44 7.38
N LEU C 323 18.94 26.39 7.00
CA LEU C 323 18.38 27.40 6.10
C LEU C 323 18.18 28.72 6.83
N THR C 324 17.85 28.64 8.11
CA THR C 324 17.52 29.84 8.88
C THR C 324 18.73 30.38 9.63
N GLY C 325 19.79 29.58 9.71
CA GLY C 325 20.99 29.98 10.39
C GLY C 325 20.83 29.94 11.90
N SER C 326 20.00 29.02 12.37
CA SER C 326 19.79 28.87 13.81
C SER C 326 20.68 27.77 14.34
N ALA C 327 21.63 28.14 15.20
CA ALA C 327 22.54 27.17 15.80
C ALA C 327 21.78 26.28 16.79
N THR C 328 20.88 26.88 17.55
CA THR C 328 20.13 26.13 18.57
C THR C 328 18.63 26.26 18.40
N VAL C 329 17.89 25.50 19.18
CA VAL C 329 16.43 25.51 19.12
C VAL C 329 15.85 26.85 19.56
N GLU C 330 16.39 27.40 20.64
CA GLU C 330 15.91 28.67 21.18
C GLU C 330 16.09 29.82 20.18
N ASP C 331 17.13 29.72 19.35
CA ASP C 331 17.35 30.70 18.29
C ASP C 331 16.20 30.70 17.29
N LEU C 332 15.90 29.53 16.73
CA LEU C 332 14.77 29.36 15.83
C LEU C 332 13.49 29.81 16.51
N ARG C 333 13.42 29.54 17.81
CA ARG C 333 12.24 29.83 18.59
C ARG C 333 12.06 31.32 18.79
N THR C 334 13.16 32.07 18.82
CA THR C 334 13.12 33.48 19.18
C THR C 334 13.63 34.44 18.10
N LYS C 335 14.26 33.91 17.05
CA LYS C 335 14.85 34.78 16.03
C LYS C 335 14.19 34.66 14.66
N ALA C 336 13.83 33.43 14.29
CA ALA C 336 13.28 33.15 12.97
C ALA C 336 12.01 33.94 12.68
N GLN C 337 11.83 34.30 11.41
CA GLN C 337 10.67 35.07 10.99
C GLN C 337 9.80 34.28 10.01
N PHE C 338 8.49 34.48 10.11
CA PHE C 338 7.55 33.84 9.20
C PHE C 338 7.15 34.80 8.10
N VAL C 339 6.62 34.25 7.01
CA VAL C 339 5.89 35.04 6.04
C VAL C 339 4.48 34.46 5.93
N ARG C 340 3.51 35.31 5.66
CA ARG C 340 2.15 34.86 5.47
C ARG C 340 1.93 34.47 4.01
N ILE C 341 1.34 33.30 3.80
CA ILE C 341 1.07 32.82 2.46
C ILE C 341 -0.42 32.59 2.25
N SER C 342 -0.80 32.37 1.01
CA SER C 342 -2.20 32.17 0.67
C SER C 342 -2.45 30.75 0.13
N GLY C 343 -3.50 30.60 -0.66
CA GLY C 343 -3.91 29.31 -1.17
C GLY C 343 -2.90 28.69 -2.12
N ALA C 344 -2.56 29.42 -3.18
CA ALA C 344 -1.61 28.91 -4.17
C ALA C 344 -0.22 28.78 -3.58
N GLY C 345 0.09 29.61 -2.59
CA GLY C 345 1.38 29.56 -1.92
C GLY C 345 1.61 28.23 -1.22
N MET C 346 0.53 27.54 -0.89
CA MET C 346 0.63 26.25 -0.23
C MET C 346 0.60 25.14 -1.27
N LYS C 347 0.02 25.43 -2.42
CA LYS C 347 0.04 24.51 -3.55
C LYS C 347 1.42 24.53 -4.19
N GLU C 348 2.01 25.72 -4.24
CA GLU C 348 3.35 25.88 -4.81
C GLU C 348 4.39 25.24 -3.89
N SER C 349 4.04 25.10 -2.62
CA SER C 349 4.93 24.49 -1.63
C SER C 349 4.99 22.98 -1.79
N HIS C 350 3.84 22.36 -1.99
CA HIS C 350 3.76 20.92 -2.21
C HIS C 350 4.19 20.56 -3.62
N VAL C 351 4.22 19.26 -3.88
CA VAL C 351 4.49 18.77 -5.23
C VAL C 351 3.34 19.17 -6.15
N HIS C 352 3.68 19.63 -7.35
CA HIS C 352 2.66 20.03 -8.29
C HIS C 352 3.07 19.79 -9.74
N ASP C 353 2.07 19.68 -10.60
CA ASP C 353 2.27 19.54 -12.05
C ASP C 353 3.03 18.28 -12.47
N VAL C 354 3.40 17.44 -11.51
CA VAL C 354 4.12 16.21 -11.82
C VAL C 354 3.45 15.00 -11.16
N GLN C 355 3.28 13.93 -11.93
CA GLN C 355 2.74 12.69 -11.39
C GLN C 355 3.82 11.91 -10.66
N ILE C 356 3.69 11.84 -9.33
CA ILE C 356 4.69 11.17 -8.50
C ILE C 356 4.86 9.70 -8.86
N THR C 357 6.09 9.33 -9.20
CA THR C 357 6.40 7.97 -9.61
C THR C 357 7.14 7.21 -8.51
N LYS C 358 8.13 7.86 -7.92
CA LYS C 358 8.88 7.27 -6.81
C LYS C 358 8.79 8.18 -5.58
N GLU C 359 7.94 7.79 -4.63
CA GLU C 359 7.67 8.61 -3.46
C GLU C 359 8.89 8.85 -2.59
N ALA C 360 8.84 9.93 -1.81
CA ALA C 360 9.92 10.25 -0.88
C ALA C 360 9.61 9.64 0.48
N PRO C 361 10.67 9.19 1.18
CA PRO C 361 10.52 8.62 2.53
C PRO C 361 9.87 9.60 3.49
N ASN C 362 9.97 10.90 3.19
CA ASN C 362 9.40 11.94 4.03
C ASN C 362 8.24 12.66 3.35
N TYR C 363 7.72 12.06 2.29
CA TYR C 363 6.62 12.64 1.54
C TYR C 363 5.90 11.58 0.71
N MET D 6 -14.19 -26.88 -42.68
CA MET D 6 -14.49 -26.99 -41.25
C MET D 6 -13.36 -26.42 -40.40
N LEU D 7 -13.72 -25.71 -39.33
CA LEU D 7 -12.73 -25.15 -38.43
C LEU D 7 -12.00 -26.26 -37.69
N ARG D 8 -10.68 -26.21 -37.72
CA ARG D 8 -9.88 -27.30 -37.17
C ARG D 8 -9.63 -27.15 -35.67
N ILE D 9 -10.58 -27.61 -34.87
CA ILE D 9 -10.47 -27.55 -33.42
C ILE D 9 -10.05 -28.90 -32.85
N ALA D 10 -8.84 -28.95 -32.28
CA ALA D 10 -8.34 -30.18 -31.69
C ALA D 10 -9.23 -30.63 -30.53
N LYS D 11 -9.32 -29.78 -29.50
CA LYS D 11 -10.20 -30.04 -28.36
C LYS D 11 -10.31 -28.78 -27.51
N GLU D 12 -11.19 -28.81 -26.51
CA GLU D 12 -11.32 -27.70 -25.58
C GLU D 12 -10.23 -27.77 -24.52
N ALA D 13 -9.58 -26.64 -24.27
CA ALA D 13 -8.44 -26.61 -23.35
C ALA D 13 -8.74 -25.79 -22.10
N LEU D 14 -8.23 -26.25 -20.96
CA LEU D 14 -8.54 -25.60 -19.67
C LEU D 14 -7.29 -25.15 -18.94
N THR D 15 -7.47 -24.16 -18.07
CA THR D 15 -6.38 -23.74 -17.18
C THR D 15 -6.87 -23.66 -15.74
N PHE D 16 -6.07 -23.04 -14.88
CA PHE D 16 -6.29 -23.09 -13.43
C PHE D 16 -7.69 -22.74 -12.96
N ASP D 17 -8.21 -21.59 -13.41
CA ASP D 17 -9.51 -21.12 -12.95
C ASP D 17 -10.69 -21.92 -13.50
N ASP D 18 -10.41 -22.85 -14.41
CA ASP D 18 -11.45 -23.68 -15.00
C ASP D 18 -11.71 -24.94 -14.19
N VAL D 19 -10.78 -25.28 -13.30
CA VAL D 19 -10.87 -26.54 -12.56
C VAL D 19 -10.62 -26.40 -11.06
N LEU D 20 -11.01 -27.42 -10.31
CA LEU D 20 -10.73 -27.52 -8.89
C LEU D 20 -10.42 -28.96 -8.55
N LEU D 21 -9.66 -29.17 -7.47
CA LEU D 21 -9.30 -30.51 -7.05
C LEU D 21 -10.33 -31.10 -6.10
N VAL D 22 -10.34 -32.43 -6.00
CA VAL D 22 -11.34 -33.12 -5.21
C VAL D 22 -10.77 -33.72 -3.94
N PRO D 23 -11.40 -33.43 -2.78
CA PRO D 23 -10.96 -34.01 -1.51
C PRO D 23 -11.28 -35.50 -1.43
N ALA D 24 -10.27 -36.30 -1.08
CA ALA D 24 -10.46 -37.74 -0.95
C ALA D 24 -10.21 -38.18 0.49
N HIS D 25 -10.38 -39.47 0.75
CA HIS D 25 -10.06 -40.01 2.07
C HIS D 25 -8.60 -39.75 2.39
N SER D 26 -8.34 -39.20 3.58
CA SER D 26 -7.01 -38.73 3.89
C SER D 26 -6.40 -39.33 5.16
N THR D 27 -5.16 -39.79 5.04
CA THR D 27 -4.38 -40.21 6.20
C THR D 27 -3.11 -39.38 6.22
N VAL D 28 -3.17 -38.21 5.59
CA VAL D 28 -2.03 -37.33 5.50
C VAL D 28 -2.33 -35.98 6.14
N LEU D 29 -1.70 -35.70 7.27
CA LEU D 29 -1.76 -34.37 7.86
C LEU D 29 -0.84 -33.47 7.06
N PRO D 30 -1.27 -32.23 6.80
CA PRO D 30 -0.53 -31.25 5.99
C PRO D 30 0.94 -31.11 6.38
N ASN D 31 1.21 -31.07 7.69
CA ASN D 31 2.58 -30.91 8.16
C ASN D 31 3.46 -32.14 7.93
N THR D 32 2.84 -33.29 7.74
CA THR D 32 3.59 -34.53 7.54
C THR D 32 3.86 -34.79 6.07
N ALA D 33 3.08 -34.15 5.20
CA ALA D 33 3.15 -34.37 3.76
C ALA D 33 4.56 -34.29 3.20
N ASP D 34 4.89 -35.24 2.33
CA ASP D 34 6.20 -35.30 1.71
C ASP D 34 6.20 -34.48 0.42
N LEU D 35 6.76 -33.28 0.50
CA LEU D 35 6.75 -32.35 -0.63
C LEU D 35 7.92 -32.60 -1.60
N ARG D 36 8.71 -33.62 -1.32
CA ARG D 36 9.87 -33.94 -2.14
C ARG D 36 9.46 -34.38 -3.55
N THR D 37 10.22 -33.93 -4.55
CA THR D 37 9.95 -34.28 -5.94
C THR D 37 11.24 -34.29 -6.75
N ARG D 38 11.12 -34.27 -8.07
CA ARG D 38 12.29 -34.30 -8.94
C ARG D 38 12.25 -33.20 -10.00
N LEU D 39 13.37 -32.49 -10.14
CA LEU D 39 13.49 -31.46 -11.18
C LEU D 39 13.73 -32.13 -12.53
N THR D 40 14.73 -33.01 -12.57
CA THR D 40 15.05 -33.75 -13.78
C THR D 40 15.15 -35.24 -13.50
N LYS D 41 15.78 -35.96 -14.42
CA LYS D 41 15.94 -37.40 -14.32
C LYS D 41 16.78 -37.80 -13.10
N ASN D 42 17.75 -36.97 -12.75
CA ASN D 42 18.68 -37.30 -11.68
C ASN D 42 18.88 -36.18 -10.66
N ILE D 43 17.94 -35.23 -10.63
CA ILE D 43 18.03 -34.11 -9.69
C ILE D 43 16.76 -33.95 -8.87
N ALA D 44 16.87 -34.14 -7.56
CA ALA D 44 15.74 -34.05 -6.66
C ALA D 44 15.57 -32.63 -6.11
N LEU D 45 14.39 -32.36 -5.58
CA LEU D 45 14.11 -31.10 -4.90
C LEU D 45 13.36 -31.39 -3.60
N ASN D 46 13.56 -30.53 -2.61
CA ASN D 46 12.82 -30.67 -1.35
C ASN D 46 11.43 -30.06 -1.46
N ILE D 47 11.28 -29.08 -2.33
CA ILE D 47 9.98 -28.50 -2.67
C ILE D 47 9.87 -28.36 -4.19
N PRO D 48 8.64 -28.44 -4.72
CA PRO D 48 8.44 -28.43 -6.18
C PRO D 48 8.44 -27.03 -6.80
N MET D 49 9.32 -26.15 -6.34
CA MET D 49 9.35 -24.78 -6.83
C MET D 49 10.70 -24.39 -7.42
N VAL D 50 10.66 -23.81 -8.60
CA VAL D 50 11.85 -23.27 -9.24
C VAL D 50 11.56 -21.86 -9.74
N SER D 51 12.60 -21.04 -9.92
CA SER D 51 12.40 -19.64 -10.28
C SER D 51 12.74 -19.37 -11.74
N ALA D 52 11.98 -18.47 -12.35
CA ALA D 52 12.15 -18.13 -13.76
C ALA D 52 13.44 -17.38 -14.04
N SER D 53 14.04 -17.62 -15.21
CA SER D 53 15.28 -16.96 -15.57
C SER D 53 15.04 -15.58 -16.16
N MET D 54 14.46 -14.70 -15.34
CA MET D 54 14.18 -13.33 -15.75
C MET D 54 15.07 -12.39 -14.95
N ASP D 55 15.50 -11.31 -15.57
CA ASP D 55 16.44 -10.40 -14.91
C ASP D 55 15.81 -9.60 -13.76
N THR D 56 14.52 -9.80 -13.55
CA THR D 56 13.81 -9.17 -12.43
C THR D 56 13.29 -10.22 -11.46
N VAL D 57 13.87 -11.42 -11.52
CA VAL D 57 13.48 -12.50 -10.63
C VAL D 57 14.69 -13.22 -10.02
N THR D 58 15.53 -13.78 -10.89
CA THR D 58 16.59 -14.68 -10.42
C THR D 58 18.02 -14.23 -10.71
N GLU D 59 18.74 -13.91 -9.64
CA GLU D 59 20.19 -13.79 -9.68
C GLU D 59 20.69 -14.57 -8.47
N ALA D 60 21.95 -14.38 -8.09
CA ALA D 60 22.57 -15.18 -7.04
C ALA D 60 21.77 -15.24 -5.73
N ARG D 61 21.39 -14.09 -5.20
CA ARG D 61 20.74 -14.02 -3.89
C ARG D 61 19.44 -14.81 -3.80
N LEU D 62 18.54 -14.60 -4.76
CA LEU D 62 17.27 -15.33 -4.78
C LEU D 62 17.50 -16.80 -5.03
N ALA D 63 18.47 -17.11 -5.90
CA ALA D 63 18.84 -18.49 -6.20
C ALA D 63 19.32 -19.18 -4.93
N ILE D 64 20.22 -18.53 -4.21
CA ILE D 64 20.74 -19.04 -2.94
C ILE D 64 19.62 -19.22 -1.93
N ALA D 65 18.74 -18.23 -1.84
CA ALA D 65 17.61 -18.28 -0.93
C ALA D 65 16.65 -19.43 -1.26
N LEU D 66 16.30 -19.56 -2.53
CA LEU D 66 15.40 -20.62 -2.98
C LEU D 66 16.05 -21.99 -2.84
N ALA D 67 17.36 -22.05 -3.07
CA ALA D 67 18.10 -23.30 -2.92
C ALA D 67 18.24 -23.66 -1.45
N GLN D 68 18.40 -22.65 -0.60
CA GLN D 68 18.47 -22.88 0.84
C GLN D 68 17.09 -23.08 1.45
N GLU D 69 16.12 -23.43 0.61
CA GLU D 69 14.77 -23.71 1.07
C GLU D 69 14.20 -24.97 0.42
N GLY D 70 14.97 -25.57 -0.46
CA GLY D 70 14.57 -26.82 -1.09
C GLY D 70 14.25 -26.70 -2.56
N GLY D 71 14.63 -25.59 -3.19
CA GLY D 71 14.38 -25.38 -4.60
C GLY D 71 15.66 -25.14 -5.39
N ILE D 72 15.52 -24.53 -6.55
CA ILE D 72 16.67 -24.18 -7.38
C ILE D 72 16.36 -22.96 -8.25
N GLY D 73 17.38 -22.13 -8.49
CA GLY D 73 17.21 -20.95 -9.30
C GLY D 73 17.93 -21.04 -10.63
N PHE D 74 17.42 -20.34 -11.63
CA PHE D 74 18.05 -20.29 -12.94
C PHE D 74 18.48 -18.87 -13.28
N ILE D 75 19.78 -18.62 -13.15
CA ILE D 75 20.32 -17.28 -13.39
C ILE D 75 20.04 -16.85 -14.82
N HIS D 76 19.42 -15.69 -14.99
CA HIS D 76 19.08 -15.19 -16.32
C HIS D 76 20.32 -14.97 -17.17
N LYS D 77 20.12 -14.74 -18.46
CA LYS D 77 21.24 -14.79 -19.41
C LYS D 77 21.68 -13.44 -19.97
N ASN D 78 20.90 -12.38 -19.77
CA ASN D 78 21.30 -11.08 -20.28
C ASN D 78 22.37 -10.43 -19.42
N MET D 79 23.54 -11.06 -19.40
CA MET D 79 24.71 -10.54 -18.71
C MET D 79 25.89 -10.71 -19.65
N SER D 80 27.09 -10.43 -19.14
CA SER D 80 28.29 -10.84 -19.83
C SER D 80 28.36 -12.33 -19.59
N ILE D 81 29.02 -13.06 -20.49
CA ILE D 81 29.19 -14.49 -20.32
C ILE D 81 29.89 -14.79 -19.00
N GLU D 82 30.80 -13.90 -18.62
CA GLU D 82 31.60 -14.07 -17.42
C GLU D 82 30.81 -13.77 -16.14
N GLN D 83 29.82 -12.89 -16.25
CA GLN D 83 28.99 -12.53 -15.10
C GLN D 83 28.09 -13.69 -14.66
N GLN D 84 27.49 -14.36 -15.63
CA GLN D 84 26.57 -15.45 -15.35
C GLN D 84 27.32 -16.63 -14.70
N ALA D 85 28.55 -16.84 -15.14
CA ALA D 85 29.40 -17.89 -14.57
C ALA D 85 29.72 -17.54 -13.12
N ALA D 86 29.96 -16.26 -12.87
CA ALA D 86 30.24 -15.78 -11.52
C ALA D 86 29.02 -16.00 -10.63
N GLN D 87 27.85 -15.59 -11.13
CA GLN D 87 26.60 -15.74 -10.40
C GLN D 87 26.30 -17.19 -10.06
N VAL D 88 26.60 -18.08 -11.00
CA VAL D 88 26.45 -19.52 -10.76
C VAL D 88 27.40 -19.96 -9.65
N HIS D 89 28.66 -19.56 -9.78
CA HIS D 89 29.69 -19.94 -8.82
C HIS D 89 29.37 -19.44 -7.41
N GLN D 90 28.82 -18.23 -7.32
CA GLN D 90 28.45 -17.64 -6.04
C GLN D 90 27.47 -18.55 -5.31
N VAL D 91 26.49 -19.06 -6.04
CA VAL D 91 25.50 -19.96 -5.47
C VAL D 91 26.19 -21.27 -5.05
N LYS D 92 27.14 -21.72 -5.85
CA LYS D 92 27.82 -22.98 -5.59
C LYS D 92 28.64 -22.96 -4.30
N ILE D 93 29.32 -21.85 -4.05
CA ILE D 93 30.13 -21.72 -2.84
C ILE D 93 29.28 -21.29 -1.65
N SER D 94 28.03 -20.89 -1.92
CA SER D 94 27.13 -20.43 -0.87
C SER D 94 26.43 -21.59 -0.16
N GLY D 95 27.19 -22.64 0.14
CA GLY D 95 26.65 -23.77 0.88
C GLY D 95 26.48 -25.02 0.04
N GLY D 96 27.18 -25.07 -1.09
CA GLY D 96 27.14 -26.23 -1.96
C GLY D 96 25.78 -26.42 -2.59
N LEU D 97 25.07 -25.32 -2.79
CA LEU D 97 23.72 -25.36 -3.31
C LEU D 97 23.70 -25.73 -4.79
N ARG D 98 22.63 -26.39 -5.22
CA ARG D 98 22.42 -26.68 -6.62
C ARG D 98 21.97 -25.41 -7.31
N VAL D 99 22.26 -25.29 -8.61
CA VAL D 99 21.91 -24.07 -9.34
C VAL D 99 21.77 -24.33 -10.84
N GLY D 100 20.85 -23.60 -11.46
CA GLY D 100 20.68 -23.65 -12.89
C GLY D 100 20.93 -22.28 -13.50
N ALA D 101 20.95 -22.23 -14.82
CA ALA D 101 21.16 -20.98 -15.55
C ALA D 101 20.65 -21.13 -16.96
N ALA D 102 20.21 -20.03 -17.56
CA ALA D 102 19.60 -20.07 -18.89
C ALA D 102 20.55 -19.60 -19.98
N VAL D 103 20.42 -20.20 -21.16
CA VAL D 103 21.12 -19.73 -22.35
C VAL D 103 20.16 -19.64 -23.52
N GLY D 104 20.60 -19.02 -24.61
CA GLY D 104 19.78 -18.91 -25.80
C GLY D 104 20.20 -19.90 -26.86
N ALA D 105 19.96 -19.54 -28.12
CA ALA D 105 20.36 -20.37 -29.25
C ALA D 105 20.60 -19.52 -30.49
N ALA D 106 21.43 -18.50 -30.33
CA ALA D 106 21.78 -17.59 -31.43
C ALA D 106 23.01 -18.11 -32.16
N PRO D 107 23.39 -17.48 -33.29
CA PRO D 107 24.66 -17.83 -33.93
C PRO D 107 25.86 -17.65 -32.98
N GLY D 108 25.98 -18.53 -31.99
CA GLY D 108 27.04 -18.44 -31.00
C GLY D 108 26.51 -18.40 -29.58
N ASN D 109 26.52 -19.54 -28.91
CA ASN D 109 26.06 -19.63 -27.53
C ASN D 109 26.82 -20.65 -26.69
N GLU D 110 27.47 -21.58 -27.35
CA GLU D 110 28.22 -22.63 -26.66
C GLU D 110 29.35 -22.08 -25.80
N GLU D 111 29.86 -20.91 -26.18
CA GLU D 111 30.86 -20.19 -25.38
C GLU D 111 30.30 -19.88 -24.00
N ARG D 112 29.06 -19.39 -23.97
CA ARG D 112 28.36 -19.15 -22.72
C ARG D 112 28.06 -20.47 -22.04
N VAL D 113 27.66 -21.45 -22.83
CA VAL D 113 27.37 -22.79 -22.32
C VAL D 113 28.62 -23.39 -21.70
N LYS D 114 29.76 -23.23 -22.36
CA LYS D 114 31.03 -23.75 -21.88
C LYS D 114 31.42 -23.11 -20.55
N ALA D 115 31.27 -21.80 -20.47
CA ALA D 115 31.64 -21.04 -19.28
C ALA D 115 30.76 -21.38 -18.08
N LEU D 116 29.50 -21.69 -18.34
CA LEU D 116 28.55 -21.99 -17.26
C LEU D 116 28.81 -23.33 -16.59
N VAL D 117 29.11 -24.36 -17.39
CA VAL D 117 29.34 -25.70 -16.88
C VAL D 117 30.53 -25.73 -15.91
N GLU D 118 31.60 -25.03 -16.27
CA GLU D 118 32.79 -25.00 -15.44
C GLU D 118 32.67 -23.99 -14.30
N ALA D 119 31.52 -23.34 -14.20
CA ALA D 119 31.22 -22.49 -13.06
C ALA D 119 30.60 -23.33 -11.96
N GLY D 120 30.38 -24.60 -12.25
CA GLY D 120 29.81 -25.53 -11.29
C GLY D 120 28.32 -25.71 -11.47
N VAL D 121 27.76 -25.15 -12.54
CA VAL D 121 26.33 -25.21 -12.78
C VAL D 121 25.85 -26.66 -12.92
N ASP D 122 24.63 -26.93 -12.50
CA ASP D 122 24.14 -28.28 -12.42
C ASP D 122 23.21 -28.61 -13.57
N VAL D 123 22.24 -27.74 -13.81
CA VAL D 123 21.29 -27.95 -14.88
C VAL D 123 21.27 -26.77 -15.85
N LEU D 124 21.42 -27.07 -17.13
CA LEU D 124 21.39 -26.04 -18.16
C LEU D 124 19.96 -25.84 -18.67
N LEU D 125 19.53 -24.59 -18.69
CA LEU D 125 18.23 -24.23 -19.24
C LEU D 125 18.39 -23.48 -20.55
N ILE D 126 17.64 -23.89 -21.56
CA ILE D 126 17.64 -23.15 -22.83
C ILE D 126 16.23 -22.67 -23.10
N ASP D 127 15.78 -21.67 -22.33
CA ASP D 127 14.42 -21.16 -22.42
C ASP D 127 14.17 -20.49 -23.75
N SER D 128 13.27 -21.07 -24.54
CA SER D 128 12.90 -20.50 -25.84
C SER D 128 11.42 -20.17 -25.87
N SER D 129 11.05 -19.27 -26.78
CA SER D 129 9.65 -18.91 -26.96
C SER D 129 8.96 -19.92 -27.86
N HIS D 130 9.70 -20.95 -28.27
CA HIS D 130 9.18 -22.00 -29.13
C HIS D 130 10.06 -23.25 -29.06
N GLY D 131 9.76 -24.13 -28.12
CA GLY D 131 10.55 -25.33 -27.91
C GLY D 131 10.48 -26.34 -29.03
N HIS D 132 9.41 -26.28 -29.83
CA HIS D 132 9.21 -27.26 -30.90
C HIS D 132 9.74 -26.80 -32.24
N SER D 133 10.51 -25.72 -32.25
CA SER D 133 11.16 -25.28 -33.48
C SER D 133 12.38 -26.16 -33.74
N GLU D 134 12.69 -26.37 -35.01
CA GLU D 134 13.78 -27.25 -35.41
C GLU D 134 15.13 -26.75 -34.91
N GLY D 135 15.34 -25.43 -34.96
CA GLY D 135 16.57 -24.82 -34.50
C GLY D 135 16.84 -25.11 -33.03
N VAL D 136 15.81 -24.95 -32.21
CA VAL D 136 15.91 -25.30 -30.80
C VAL D 136 16.16 -26.79 -30.65
N LEU D 137 15.36 -27.60 -31.36
CA LEU D 137 15.53 -29.05 -31.33
C LEU D 137 16.93 -29.46 -31.77
N GLN D 138 17.47 -28.73 -32.75
CA GLN D 138 18.83 -28.99 -33.23
C GLN D 138 19.86 -28.54 -32.21
N ARG D 139 19.65 -27.34 -31.66
CA ARG D 139 20.59 -26.79 -30.69
C ARG D 139 20.63 -27.62 -29.42
N ILE D 140 19.54 -28.36 -29.17
CA ILE D 140 19.47 -29.27 -28.03
C ILE D 140 20.26 -30.55 -28.29
N ARG D 141 20.18 -31.07 -29.52
CA ARG D 141 20.89 -32.30 -29.86
C ARG D 141 22.40 -32.10 -29.81
N GLU D 142 22.86 -30.96 -30.30
CA GLU D 142 24.28 -30.65 -30.32
C GLU D 142 24.83 -30.59 -28.91
N THR D 143 24.13 -29.85 -28.05
CA THR D 143 24.54 -29.66 -26.67
C THR D 143 24.61 -30.99 -25.93
N ARG D 144 23.60 -31.83 -26.13
CA ARG D 144 23.61 -33.16 -25.54
C ARG D 144 24.77 -33.99 -26.09
N ALA D 145 25.08 -33.81 -27.38
CA ALA D 145 26.21 -34.49 -27.98
C ALA D 145 27.51 -33.90 -27.45
N ALA D 146 27.53 -32.58 -27.32
CA ALA D 146 28.70 -31.87 -26.82
C ALA D 146 28.84 -32.03 -25.30
N TYR D 147 27.73 -32.29 -24.64
CA TYR D 147 27.73 -32.50 -23.19
C TYR D 147 26.78 -33.63 -22.85
N PRO D 148 27.28 -34.86 -22.82
CA PRO D 148 26.44 -36.06 -22.69
C PRO D 148 25.90 -36.31 -21.28
N HIS D 149 26.56 -35.76 -20.26
CA HIS D 149 26.12 -35.99 -18.89
CA HIS D 149 26.16 -35.99 -18.88
C HIS D 149 25.58 -34.72 -18.24
N LEU D 150 25.54 -33.64 -19.01
CA LEU D 150 24.97 -32.39 -18.54
C LEU D 150 23.45 -32.45 -18.59
N GLU D 151 22.82 -32.24 -17.44
CA GLU D 151 21.35 -32.26 -17.38
C GLU D 151 20.77 -31.08 -18.15
N ILE D 152 19.95 -31.37 -19.14
CA ILE D 152 19.41 -30.36 -20.05
C ILE D 152 17.90 -30.17 -19.92
N ILE D 153 17.47 -28.93 -19.73
CA ILE D 153 16.04 -28.62 -19.70
C ILE D 153 15.60 -27.97 -21.01
N GLY D 154 14.59 -28.56 -21.64
CA GLY D 154 14.10 -28.08 -22.91
C GLY D 154 12.67 -27.54 -22.83
N GLY D 155 12.38 -26.58 -23.70
CA GLY D 155 11.07 -25.95 -23.74
C GLY D 155 11.13 -24.62 -24.46
N ASN D 156 10.01 -23.91 -24.51
CA ASN D 156 8.76 -24.38 -23.93
C ASN D 156 7.84 -25.00 -24.97
N VAL D 157 7.03 -25.95 -24.53
CA VAL D 157 6.03 -26.57 -25.39
C VAL D 157 4.68 -26.56 -24.69
N ALA D 158 3.63 -26.88 -25.43
CA ALA D 158 2.28 -26.88 -24.86
C ALA D 158 1.43 -28.01 -25.43
N THR D 159 2.07 -28.97 -26.09
CA THR D 159 1.36 -30.10 -26.68
C THR D 159 1.99 -31.42 -26.27
N ALA D 160 1.35 -32.52 -26.65
CA ALA D 160 1.90 -33.84 -26.35
C ALA D 160 3.06 -34.15 -27.30
N GLU D 161 2.87 -33.80 -28.56
CA GLU D 161 3.85 -34.08 -29.60
C GLU D 161 5.09 -33.21 -29.44
N GLY D 162 4.91 -32.06 -28.79
CA GLY D 162 6.01 -31.14 -28.55
C GLY D 162 6.98 -31.67 -27.53
N ALA D 163 6.46 -32.23 -26.44
CA ALA D 163 7.32 -32.79 -25.39
C ALA D 163 8.05 -34.02 -25.90
N ARG D 164 7.42 -34.76 -26.81
CA ARG D 164 8.05 -35.94 -27.40
C ARG D 164 9.36 -35.58 -28.09
N ALA D 165 9.34 -34.52 -28.89
CA ALA D 165 10.53 -34.08 -29.61
C ALA D 165 11.68 -33.70 -28.68
N LEU D 166 11.38 -32.90 -27.65
CA LEU D 166 12.36 -32.51 -26.65
C LEU D 166 13.04 -33.72 -26.03
N ILE D 167 12.23 -34.68 -25.61
CA ILE D 167 12.72 -35.90 -24.98
C ILE D 167 13.59 -36.70 -25.94
N GLU D 168 13.14 -36.80 -27.19
CA GLU D 168 13.90 -37.53 -28.20
C GLU D 168 15.11 -36.73 -28.67
N ALA D 169 15.09 -35.41 -28.45
CA ALA D 169 16.23 -34.56 -28.77
C ALA D 169 17.30 -34.67 -27.70
N GLY D 170 16.90 -35.01 -26.48
CA GLY D 170 17.85 -35.32 -25.43
C GLY D 170 17.69 -34.53 -24.14
N VAL D 171 16.58 -33.84 -23.97
CA VAL D 171 16.39 -33.04 -22.76
C VAL D 171 16.23 -33.92 -21.53
N SER D 172 16.58 -33.38 -20.37
CA SER D 172 16.43 -34.11 -19.11
C SER D 172 15.07 -33.78 -18.51
N ALA D 173 14.51 -32.66 -18.94
CA ALA D 173 13.20 -32.22 -18.45
C ALA D 173 12.48 -31.38 -19.51
N VAL D 174 11.16 -31.45 -19.50
CA VAL D 174 10.34 -30.70 -20.42
C VAL D 174 9.64 -29.54 -19.72
N LYS D 175 9.85 -28.33 -20.22
CA LYS D 175 9.20 -27.15 -19.66
C LYS D 175 7.99 -26.76 -20.50
N VAL D 176 6.87 -26.47 -19.83
CA VAL D 176 5.59 -26.23 -20.48
C VAL D 176 5.07 -24.80 -20.27
N GLY D 177 4.73 -24.12 -21.37
CA GLY D 177 4.17 -22.79 -21.28
C GLY D 177 4.23 -22.00 -22.58
N ILE D 178 3.08 -21.77 -23.18
CA ILE D 178 2.98 -20.90 -24.36
C ILE D 178 1.95 -19.81 -24.14
N GLY D 179 2.42 -18.66 -23.67
CA GLY D 179 1.58 -17.50 -23.42
C GLY D 179 0.72 -17.37 -22.16
N PRO D 180 1.05 -18.09 -21.06
CA PRO D 180 0.15 -17.88 -19.92
C PRO D 180 0.74 -16.97 -18.84
N GLY D 181 1.99 -16.55 -19.02
CA GLY D 181 2.67 -15.72 -18.04
C GLY D 181 1.98 -14.39 -17.78
N SER D 182 2.10 -13.90 -16.55
CA SER D 182 1.48 -12.65 -16.14
C SER D 182 1.88 -11.49 -17.05
N ILE D 183 3.14 -11.50 -17.48
CA ILE D 183 3.68 -10.43 -18.32
C ILE D 183 3.64 -10.76 -19.81
N CYS D 184 3.10 -11.93 -20.15
CA CYS D 184 3.15 -12.44 -21.51
C CYS D 184 2.03 -11.93 -22.42
N THR D 185 2.40 -11.54 -23.64
CA THR D 185 1.43 -11.08 -24.63
C THR D 185 1.52 -11.90 -25.91
N THR D 186 2.21 -13.04 -25.82
CA THR D 186 2.42 -13.89 -26.98
C THR D 186 1.12 -14.38 -27.61
N ARG D 187 0.20 -14.84 -26.76
CA ARG D 187 -1.10 -15.30 -27.23
C ARG D 187 -1.92 -14.17 -27.86
N ILE D 188 -1.75 -12.97 -27.35
CA ILE D 188 -2.50 -11.82 -27.86
C ILE D 188 -1.89 -11.33 -29.17
N VAL D 189 -0.56 -11.32 -29.21
CA VAL D 189 0.19 -10.84 -30.38
C VAL D 189 0.17 -11.83 -31.54
N THR D 190 0.28 -13.12 -31.23
CA THR D 190 0.37 -14.14 -32.27
C THR D 190 -0.91 -14.96 -32.45
N GLY D 191 -1.69 -15.09 -31.38
CA GLY D 191 -2.90 -15.89 -31.42
C GLY D 191 -2.62 -17.34 -31.09
N VAL D 192 -1.37 -17.63 -30.73
CA VAL D 192 -0.93 -18.99 -30.50
C VAL D 192 -0.74 -19.30 -29.01
N GLY D 193 -1.26 -20.44 -28.57
CA GLY D 193 -1.08 -20.85 -27.19
C GLY D 193 -2.09 -21.89 -26.74
N VAL D 194 -1.80 -22.54 -25.62
CA VAL D 194 -2.73 -23.50 -25.03
C VAL D 194 -2.81 -23.24 -23.52
N PRO D 195 -4.05 -23.17 -22.98
CA PRO D 195 -4.27 -23.01 -21.55
C PRO D 195 -3.42 -23.98 -20.73
N GLN D 196 -2.76 -23.47 -19.69
CA GLN D 196 -1.69 -24.18 -18.98
C GLN D 196 -2.02 -25.59 -18.48
N ILE D 197 -3.13 -25.73 -17.79
CA ILE D 197 -3.51 -27.02 -17.20
C ILE D 197 -3.68 -28.11 -18.26
N THR D 198 -4.38 -27.80 -19.34
CA THR D 198 -4.48 -28.71 -20.47
C THR D 198 -3.10 -28.93 -21.08
N ALA D 199 -2.33 -27.85 -21.19
CA ALA D 199 -0.97 -27.95 -21.71
C ALA D 199 -0.09 -28.83 -20.84
N ILE D 200 -0.29 -28.75 -19.53
CA ILE D 200 0.47 -29.57 -18.58
C ILE D 200 0.18 -31.05 -18.77
N ALA D 201 -1.11 -31.39 -18.82
CA ALA D 201 -1.57 -32.78 -18.93
C ALA D 201 -1.13 -33.47 -20.21
N ASP D 202 -1.08 -32.70 -21.30
CA ASP D 202 -0.75 -33.26 -22.60
C ASP D 202 0.72 -33.64 -22.70
N ALA D 203 1.59 -32.78 -22.18
CA ALA D 203 3.02 -33.04 -22.18
C ALA D 203 3.35 -34.16 -21.20
N ALA D 204 2.75 -34.09 -20.02
CA ALA D 204 2.98 -35.09 -18.98
C ALA D 204 2.62 -36.49 -19.45
N GLY D 205 1.47 -36.63 -20.11
CA GLY D 205 0.99 -37.91 -20.59
C GLY D 205 2.00 -38.64 -21.44
N VAL D 206 2.81 -37.88 -22.17
CA VAL D 206 3.90 -38.42 -22.97
C VAL D 206 5.15 -38.60 -22.11
N ALA D 207 5.51 -37.55 -21.37
CA ALA D 207 6.75 -37.54 -20.61
C ALA D 207 6.80 -38.55 -19.47
N ASN D 208 5.63 -38.91 -18.95
CA ASN D 208 5.55 -39.90 -17.88
C ASN D 208 5.99 -41.28 -18.34
N GLU D 209 5.75 -41.57 -19.61
CA GLU D 209 6.08 -42.88 -20.17
C GLU D 209 7.58 -43.04 -20.34
N TYR D 210 8.28 -41.92 -20.48
CA TYR D 210 9.73 -41.93 -20.50
C TYR D 210 10.26 -41.77 -19.09
N GLY D 211 9.38 -41.41 -18.17
CA GLY D 211 9.77 -41.13 -16.80
C GLY D 211 10.40 -39.77 -16.68
N ILE D 212 10.12 -38.91 -17.66
CA ILE D 212 10.69 -37.56 -17.69
C ILE D 212 9.79 -36.55 -16.98
N PRO D 213 10.37 -35.76 -16.07
CA PRO D 213 9.66 -34.72 -15.32
C PRO D 213 9.16 -33.59 -16.21
N VAL D 214 7.99 -33.05 -15.86
CA VAL D 214 7.42 -31.90 -16.55
C VAL D 214 7.39 -30.69 -15.62
N ILE D 215 7.83 -29.54 -16.13
CA ILE D 215 7.87 -28.32 -15.34
C ILE D 215 6.81 -27.33 -15.79
N ALA D 216 6.03 -26.82 -14.83
CA ALA D 216 4.98 -25.84 -15.13
C ALA D 216 5.54 -24.41 -15.07
N ASP D 217 5.59 -23.76 -16.22
CA ASP D 217 6.20 -22.43 -16.32
C ASP D 217 5.19 -21.33 -16.59
N GLY D 218 4.68 -20.70 -15.53
CA GLY D 218 3.79 -19.56 -15.66
C GLY D 218 2.33 -19.82 -15.35
N GLY D 219 1.60 -18.76 -15.01
CA GLY D 219 0.17 -18.85 -14.78
C GLY D 219 -0.18 -19.05 -13.32
N ILE D 220 0.84 -19.16 -12.49
CA ILE D 220 0.65 -19.40 -11.07
C ILE D 220 0.47 -18.09 -10.32
N ARG D 221 -0.69 -17.91 -9.70
CA ARG D 221 -0.99 -16.69 -8.95
C ARG D 221 -1.04 -16.95 -7.45
N PHE D 222 -1.50 -18.14 -7.09
CA PHE D 222 -1.55 -18.54 -5.68
C PHE D 222 -1.00 -19.95 -5.50
N SER D 223 -1.01 -20.41 -4.25
CA SER D 223 -0.54 -21.75 -3.93
C SER D 223 -1.48 -22.83 -4.48
N GLY D 224 -2.73 -22.45 -4.68
CA GLY D 224 -3.73 -23.37 -5.22
C GLY D 224 -3.40 -23.78 -6.64
N ASP D 225 -2.83 -22.86 -7.40
CA ASP D 225 -2.43 -23.12 -8.77
C ASP D 225 -1.29 -24.12 -8.81
N ILE D 226 -0.41 -24.02 -7.82
CA ILE D 226 0.73 -24.93 -7.70
C ILE D 226 0.22 -26.36 -7.55
N SER D 227 -0.83 -26.52 -6.74
CA SER D 227 -1.41 -27.83 -6.50
C SER D 227 -2.02 -28.40 -7.79
N LYS D 228 -2.74 -27.55 -8.50
CA LYS D 228 -3.40 -27.95 -9.74
C LYS D 228 -2.40 -28.29 -10.84
N ALA D 229 -1.31 -27.53 -10.92
CA ALA D 229 -0.29 -27.75 -11.93
C ALA D 229 0.38 -29.12 -11.74
N ILE D 230 0.60 -29.47 -10.49
CA ILE D 230 1.19 -30.76 -10.16
C ILE D 230 0.21 -31.90 -10.45
N ALA D 231 -1.03 -31.73 -10.00
CA ALA D 231 -2.05 -32.75 -10.20
C ALA D 231 -2.32 -33.03 -11.67
N ALA D 232 -2.08 -32.04 -12.52
CA ALA D 232 -2.27 -32.19 -13.95
C ALA D 232 -1.12 -32.94 -14.61
N GLY D 233 0.00 -33.07 -13.89
CA GLY D 233 1.11 -33.87 -14.36
C GLY D 233 2.51 -33.30 -14.18
N ALA D 234 2.61 -32.04 -13.78
CA ALA D 234 3.91 -31.41 -13.61
C ALA D 234 4.63 -31.90 -12.35
N SER D 235 5.92 -32.21 -12.48
CA SER D 235 6.70 -32.66 -11.34
C SER D 235 7.14 -31.48 -10.46
N CYS D 236 7.16 -30.30 -11.05
CA CYS D 236 7.45 -29.07 -10.32
C CYS D 236 6.97 -27.88 -11.12
N VAL D 237 6.92 -26.71 -10.48
CA VAL D 237 6.45 -25.51 -11.16
C VAL D 237 7.51 -24.42 -11.20
N MET D 238 7.41 -23.57 -12.22
CA MET D 238 8.29 -22.41 -12.32
C MET D 238 7.45 -21.14 -12.21
N VAL D 239 7.89 -20.22 -11.38
CA VAL D 239 7.15 -18.98 -11.17
C VAL D 239 8.01 -17.74 -11.43
N GLY D 240 7.35 -16.67 -11.84
CA GLY D 240 8.00 -15.40 -12.09
C GLY D 240 7.47 -14.31 -11.18
N SER D 241 6.19 -13.98 -11.33
CA SER D 241 5.57 -12.92 -10.55
C SER D 241 5.51 -13.25 -9.06
N MET D 242 5.28 -14.51 -8.74
CA MET D 242 5.11 -14.95 -7.37
C MET D 242 6.38 -14.72 -6.53
N PHE D 243 7.53 -14.82 -7.17
CA PHE D 243 8.81 -14.58 -6.50
C PHE D 243 9.35 -13.18 -6.74
N ALA D 244 8.86 -12.54 -7.79
CA ALA D 244 9.25 -11.18 -8.10
C ALA D 244 8.78 -10.22 -7.01
N GLY D 245 9.52 -9.14 -6.81
CA GLY D 245 9.16 -8.13 -5.83
C GLY D 245 9.80 -8.36 -4.49
N THR D 246 10.17 -9.60 -4.23
CA THR D 246 10.79 -9.97 -2.96
C THR D 246 12.14 -9.28 -2.77
N GLU D 247 12.63 -9.27 -1.53
CA GLU D 247 13.91 -8.69 -1.20
C GLU D 247 15.04 -9.30 -2.02
N GLU D 248 15.08 -10.63 -2.06
CA GLU D 248 16.15 -11.34 -2.76
C GLU D 248 16.04 -11.20 -4.27
N ALA D 249 14.83 -10.88 -4.74
CA ALA D 249 14.62 -10.58 -6.15
C ALA D 249 15.32 -9.26 -6.48
N PRO D 250 15.96 -9.19 -7.65
CA PRO D 250 16.74 -8.01 -8.04
C PRO D 250 15.91 -6.73 -8.12
N GLY D 251 16.51 -5.63 -7.67
CA GLY D 251 15.86 -4.33 -7.73
C GLY D 251 15.63 -3.73 -6.36
N GLU D 252 15.69 -2.40 -6.29
CA GLU D 252 15.36 -1.68 -5.07
C GLU D 252 13.85 -1.77 -4.87
N VAL D 253 13.39 -1.51 -3.65
CA VAL D 253 11.95 -1.38 -3.43
C VAL D 253 11.48 -0.07 -4.04
N ILE D 254 10.26 -0.06 -4.55
CA ILE D 254 9.70 1.15 -5.17
C ILE D 254 8.52 1.65 -4.36
N LEU D 255 8.47 2.96 -4.15
CA LEU D 255 7.35 3.57 -3.42
C LEU D 255 6.40 4.25 -4.40
N TYR D 256 5.15 3.78 -4.43
CA TYR D 256 4.18 4.33 -5.37
C TYR D 256 2.79 4.45 -4.75
N GLN D 257 2.40 5.70 -4.49
CA GLN D 257 1.06 6.02 -3.98
C GLN D 257 0.66 5.19 -2.75
N GLY D 258 1.52 5.18 -1.75
CA GLY D 258 1.22 4.50 -0.50
C GLY D 258 1.60 3.02 -0.51
N ARG D 259 1.62 2.42 -1.69
CA ARG D 259 1.96 1.01 -1.82
C ARG D 259 3.42 0.80 -2.25
N SER D 260 4.00 -0.29 -1.79
CA SER D 260 5.40 -0.62 -2.11
C SER D 260 5.48 -1.69 -3.18
N TYR D 261 6.46 -1.57 -4.07
CA TYR D 261 6.62 -2.49 -5.17
C TYR D 261 8.09 -2.80 -5.49
N LYS D 262 8.28 -3.55 -6.57
CA LYS D 262 9.59 -3.75 -7.17
C LYS D 262 9.33 -4.07 -8.64
N ALA D 263 10.28 -3.76 -9.51
CA ALA D 263 10.10 -3.94 -10.95
C ALA D 263 9.98 -5.39 -11.36
N TYR D 264 9.36 -5.63 -12.52
CA TYR D 264 9.20 -6.96 -13.08
C TYR D 264 9.04 -6.88 -14.61
N ARG D 265 10.12 -7.16 -15.34
CA ARG D 265 10.09 -7.07 -16.79
C ARG D 265 10.20 -8.44 -17.46
N GLY D 266 9.40 -8.64 -18.51
CA GLY D 266 9.51 -9.84 -19.32
C GLY D 266 10.72 -9.74 -20.22
N MET D 267 11.16 -10.87 -20.76
CA MET D 267 12.36 -10.90 -21.57
C MET D 267 12.03 -10.77 -23.05
N PRO D 293 7.80 -7.77 -30.22
CA PRO D 293 7.38 -7.43 -28.86
C PRO D 293 6.44 -8.50 -28.31
N GLU D 294 6.90 -9.24 -27.31
CA GLU D 294 6.18 -10.41 -26.82
C GLU D 294 5.76 -10.26 -25.36
N GLY D 295 5.98 -9.07 -24.80
CA GLY D 295 5.64 -8.83 -23.42
C GLY D 295 5.69 -7.36 -23.03
N ILE D 296 5.46 -7.10 -21.75
CA ILE D 296 5.49 -5.73 -21.23
C ILE D 296 6.14 -5.64 -19.86
N GLU D 297 6.23 -4.42 -19.34
CA GLU D 297 6.82 -4.17 -18.03
C GLU D 297 5.78 -3.56 -17.10
N GLY D 298 5.83 -3.92 -15.82
CA GLY D 298 4.83 -3.44 -14.87
C GLY D 298 5.26 -3.49 -13.41
N ARG D 299 4.29 -3.28 -12.52
CA ARG D 299 4.56 -3.26 -11.09
C ARG D 299 4.00 -4.47 -10.37
N ILE D 300 4.85 -5.12 -9.57
CA ILE D 300 4.40 -6.24 -8.74
C ILE D 300 4.55 -5.82 -7.27
N ALA D 301 3.67 -6.30 -6.42
CA ALA D 301 3.67 -5.90 -5.02
C ALA D 301 4.86 -6.46 -4.25
N TYR D 302 5.32 -5.70 -3.25
CA TYR D 302 6.40 -6.12 -2.37
C TYR D 302 5.88 -7.15 -1.38
N LYS D 303 6.57 -8.29 -1.30
CA LYS D 303 6.08 -9.42 -0.52
C LYS D 303 7.13 -10.03 0.41
N GLY D 304 7.94 -9.17 1.03
CA GLY D 304 8.89 -9.58 2.06
C GLY D 304 9.98 -10.55 1.61
N HIS D 305 10.70 -11.10 2.59
CA HIS D 305 11.75 -12.08 2.31
C HIS D 305 11.17 -13.32 1.67
N LEU D 306 11.92 -13.92 0.74
CA LEU D 306 11.46 -15.08 -0.01
C LEU D 306 11.10 -16.27 0.89
N LYS D 307 11.78 -16.37 2.02
CA LYS D 307 11.52 -17.44 2.99
C LYS D 307 10.07 -17.41 3.44
N GLU D 308 9.55 -16.20 3.59
CA GLU D 308 8.18 -16.00 4.06
C GLU D 308 7.15 -16.39 2.99
N ILE D 309 7.47 -16.10 1.73
CA ILE D 309 6.57 -16.45 0.63
C ILE D 309 6.39 -17.95 0.52
N ILE D 310 7.51 -18.67 0.48
CA ILE D 310 7.51 -20.12 0.27
C ILE D 310 6.72 -20.88 1.33
N HIS D 311 6.87 -20.50 2.59
CA HIS D 311 6.13 -21.16 3.66
C HIS D 311 4.62 -21.06 3.45
N GLN D 312 4.16 -19.91 2.99
CA GLN D 312 2.74 -19.71 2.74
C GLN D 312 2.28 -20.49 1.50
N GLN D 313 3.10 -20.46 0.46
CA GLN D 313 2.78 -21.17 -0.78
C GLN D 313 2.86 -22.68 -0.60
N MET D 314 3.80 -23.14 0.21
CA MET D 314 3.89 -24.56 0.51
C MET D 314 2.85 -24.95 1.55
N GLY D 315 2.47 -23.99 2.41
CA GLY D 315 1.44 -24.21 3.39
C GLY D 315 0.11 -24.54 2.76
N GLY D 316 -0.26 -23.75 1.75
CA GLY D 316 -1.47 -24.00 0.99
C GLY D 316 -1.41 -25.33 0.26
N LEU D 317 -0.22 -25.67 -0.24
CA LEU D 317 0.00 -26.93 -0.92
C LEU D 317 -0.14 -28.09 0.06
N ARG D 318 0.32 -27.88 1.29
CA ARG D 318 0.20 -28.90 2.32
C ARG D 318 -1.26 -29.12 2.70
N SER D 319 -2.02 -28.04 2.77
CA SER D 319 -3.44 -28.12 3.07
C SER D 319 -4.19 -28.78 1.91
N CYS D 320 -3.59 -28.77 0.73
CA CYS D 320 -4.18 -29.43 -0.44
C CYS D 320 -4.00 -30.94 -0.34
N MET D 321 -2.75 -31.35 -0.13
CA MET D 321 -2.40 -32.77 -0.03
C MET D 321 -3.15 -33.43 1.11
N GLY D 322 -3.30 -32.69 2.20
CA GLY D 322 -4.09 -33.16 3.33
C GLY D 322 -5.54 -33.37 2.94
N LEU D 323 -6.05 -32.50 2.08
CA LEU D 323 -7.42 -32.64 1.60
C LEU D 323 -7.57 -33.80 0.63
N THR D 324 -6.56 -34.00 -0.20
CA THR D 324 -6.63 -35.02 -1.25
C THR D 324 -6.22 -36.39 -0.73
N GLY D 325 -5.60 -36.42 0.44
CA GLY D 325 -5.07 -37.65 0.98
C GLY D 325 -3.81 -38.08 0.26
N SER D 326 -3.10 -37.09 -0.31
CA SER D 326 -1.87 -37.36 -1.03
C SER D 326 -0.67 -37.31 -0.10
N ALA D 327 0.07 -38.43 -0.04
CA ALA D 327 1.24 -38.50 0.82
C ALA D 327 2.44 -37.80 0.20
N THR D 328 2.64 -38.03 -1.10
CA THR D 328 3.77 -37.45 -1.80
C THR D 328 3.33 -36.72 -3.07
N VAL D 329 4.24 -35.96 -3.67
CA VAL D 329 3.96 -35.20 -4.88
C VAL D 329 3.49 -36.11 -6.02
N GLU D 330 4.11 -37.28 -6.13
CA GLU D 330 3.76 -38.25 -7.16
C GLU D 330 2.29 -38.66 -7.11
N ASP D 331 1.76 -38.85 -5.91
CA ASP D 331 0.36 -39.24 -5.73
C ASP D 331 -0.57 -38.14 -6.20
N LEU D 332 -0.34 -36.92 -5.72
CA LEU D 332 -1.10 -35.76 -6.16
C LEU D 332 -1.01 -35.61 -7.67
N ARG D 333 0.18 -35.90 -8.19
CA ARG D 333 0.46 -35.78 -9.62
C ARG D 333 -0.27 -36.85 -10.45
N THR D 334 -0.50 -38.01 -9.84
CA THR D 334 -1.01 -39.16 -10.60
C THR D 334 -2.36 -39.72 -10.11
N LYS D 335 -2.79 -39.35 -8.91
CA LYS D 335 -4.01 -39.93 -8.35
C LYS D 335 -5.15 -38.93 -8.23
N ALA D 336 -4.80 -37.69 -7.90
CA ALA D 336 -5.80 -36.65 -7.63
C ALA D 336 -6.71 -36.37 -8.83
N GLN D 337 -8.00 -36.23 -8.56
CA GLN D 337 -8.98 -35.98 -9.61
C GLN D 337 -9.42 -34.51 -9.63
N PHE D 338 -9.76 -34.03 -10.81
CA PHE D 338 -10.26 -32.66 -10.96
C PHE D 338 -11.76 -32.65 -11.19
N VAL D 339 -12.37 -31.49 -10.99
CA VAL D 339 -13.73 -31.24 -11.48
C VAL D 339 -13.71 -29.96 -12.29
N ARG D 340 -14.51 -29.91 -13.34
CA ARG D 340 -14.60 -28.73 -14.17
C ARG D 340 -15.62 -27.76 -13.57
N ILE D 341 -15.22 -26.50 -13.41
CA ILE D 341 -16.11 -25.51 -12.82
C ILE D 341 -16.51 -24.44 -13.82
N SER D 342 -17.51 -23.64 -13.46
CA SER D 342 -17.98 -22.56 -14.32
C SER D 342 -17.50 -21.22 -13.81
N GLY D 343 -17.99 -20.15 -14.41
CA GLY D 343 -17.63 -18.80 -13.99
C GLY D 343 -18.12 -18.49 -12.59
N ALA D 344 -19.34 -18.95 -12.29
CA ALA D 344 -19.94 -18.75 -10.98
C ALA D 344 -19.18 -19.56 -9.94
N GLY D 345 -18.73 -20.74 -10.33
CA GLY D 345 -18.01 -21.63 -9.44
C GLY D 345 -16.66 -21.05 -9.06
N MET D 346 -16.15 -20.16 -9.90
CA MET D 346 -14.87 -19.53 -9.65
C MET D 346 -15.04 -18.29 -8.78
N LYS D 347 -16.25 -17.74 -8.76
CA LYS D 347 -16.55 -16.60 -7.91
C LYS D 347 -16.90 -17.06 -6.51
N GLU D 348 -17.49 -18.25 -6.41
CA GLU D 348 -17.80 -18.85 -5.13
C GLU D 348 -16.52 -19.28 -4.42
N SER D 349 -15.47 -19.52 -5.21
CA SER D 349 -14.18 -19.96 -4.69
C SER D 349 -13.46 -18.81 -4.00
N HIS D 350 -13.43 -17.66 -4.67
CA HIS D 350 -12.83 -16.47 -4.11
C HIS D 350 -13.70 -15.91 -2.99
N VAL D 351 -13.18 -14.89 -2.31
CA VAL D 351 -13.96 -14.16 -1.33
C VAL D 351 -15.12 -13.46 -2.04
N HIS D 352 -16.33 -13.63 -1.51
CA HIS D 352 -17.49 -12.92 -2.03
C HIS D 352 -18.33 -12.32 -0.90
N ASP D 353 -19.24 -11.43 -1.27
CA ASP D 353 -20.15 -10.76 -0.33
C ASP D 353 -19.43 -9.83 0.66
N VAL D 354 -18.55 -10.39 1.48
CA VAL D 354 -17.87 -9.63 2.52
C VAL D 354 -16.87 -8.63 1.93
N GLN D 355 -16.71 -7.51 2.62
CA GLN D 355 -15.68 -6.53 2.27
C GLN D 355 -14.45 -6.74 3.13
N ILE D 356 -13.34 -7.09 2.49
CA ILE D 356 -12.10 -7.42 3.20
C ILE D 356 -11.60 -6.30 4.11
N THR D 357 -11.56 -6.58 5.41
CA THR D 357 -11.12 -5.61 6.41
C THR D 357 -9.68 -5.88 6.85
N LYS D 358 -9.35 -7.15 7.07
CA LYS D 358 -7.98 -7.56 7.37
C LYS D 358 -7.51 -8.62 6.40
N GLU D 359 -6.70 -8.20 5.43
CA GLU D 359 -6.21 -9.10 4.39
C GLU D 359 -5.39 -10.26 4.93
N ALA D 360 -5.51 -11.41 4.28
CA ALA D 360 -4.74 -12.58 4.64
C ALA D 360 -3.44 -12.63 3.85
N PRO D 361 -2.36 -13.13 4.46
CA PRO D 361 -1.04 -13.24 3.82
C PRO D 361 -1.10 -13.85 2.41
N ASN D 362 -1.89 -14.90 2.26
CA ASN D 362 -2.02 -15.58 0.97
C ASN D 362 -3.21 -15.08 0.17
N TYR D 363 -3.71 -13.90 0.52
CA TYR D 363 -4.86 -13.34 -0.16
C TYR D 363 -4.96 -11.83 0.06
P IMP E . -21.09 -18.06 4.53
O1P IMP E . -22.40 -18.55 5.10
O2P IMP E . -20.67 -16.63 4.79
O3P IMP E . -21.18 -18.22 3.03
O5' IMP E . -19.89 -18.97 5.03
C5' IMP E . -19.88 -19.49 6.36
C4' IMP E . -19.33 -20.90 6.39
O4' IMP E . -17.92 -20.90 6.02
C3' IMP E . -19.33 -21.57 7.76
O3' IMP E . -20.61 -22.07 8.11
C2' IMP E . -18.27 -22.65 7.61
O2' IMP E . -18.79 -23.80 6.97
C1' IMP E . -17.27 -21.98 6.66
N9 IMP E . -16.08 -21.46 7.38
C8 IMP E . -15.90 -20.22 7.90
N7 IMP E . -14.67 -20.16 8.46
C5 IMP E . -14.06 -21.36 8.30
C6 IMP E . -12.81 -21.84 8.66
O6 IMP E . -11.91 -21.04 8.92
N1 IMP E . -12.48 -23.14 8.35
C2 IMP E . -13.36 -23.95 7.67
N3 IMP E . -14.60 -23.46 7.31
C4 IMP E . -14.94 -22.18 7.61
P IMP F . 10.34 23.46 -11.91
O1P IMP F . 10.94 24.14 -13.13
O2P IMP F . 9.76 22.10 -12.11
O3P IMP F . 9.26 24.32 -11.33
O5' IMP F . 11.51 23.27 -10.84
C5' IMP F . 12.87 23.26 -11.24
C4' IMP F . 13.78 23.91 -10.21
O4' IMP F . 13.68 23.22 -8.95
C3' IMP F . 15.26 23.87 -10.53
O3' IMP F . 15.64 24.86 -11.48
C2' IMP F . 15.90 24.05 -9.16
O2' IMP F . 15.93 25.42 -8.78
C1' IMP F . 14.91 23.33 -8.25
N9 IMP F . 15.38 21.99 -7.87
C8 IMP F . 15.03 20.80 -8.44
N7 IMP F . 15.70 19.80 -7.81
C5 IMP F . 16.47 20.34 -6.85
C6 IMP F . 17.34 19.79 -5.92
O6 IMP F . 17.12 18.62 -5.56
N1 IMP F . 18.01 20.62 -5.05
C2 IMP F . 17.81 21.98 -5.10
N3 IMP F . 16.94 22.52 -6.02
C4 IMP F . 16.29 21.72 -6.89
K K G . 7.05 22.64 -4.48
P IMP H . -1.92 14.60 16.39
O1P IMP H . -0.47 14.83 16.74
O2P IMP H . -2.32 13.23 15.96
O3P IMP H . -2.33 15.52 15.28
O5' IMP H . -2.83 14.89 17.68
C5' IMP H . -2.45 14.44 18.97
C4' IMP H . -3.08 15.28 20.07
O4' IMP H . -4.50 15.40 19.84
C3' IMP H . -2.97 14.72 21.47
O3' IMP H . -1.72 14.96 22.07
C2' IMP H . -4.14 15.40 22.19
O2' IMP H . -3.78 16.72 22.57
C1' IMP H . -5.18 15.48 21.09
N9 IMP H . -6.15 14.38 21.15
C8 IMP H . -5.90 13.03 21.23
N7 IMP H . -7.08 12.37 21.27
C5 IMP H . -8.09 13.27 21.22
C6 IMP H . -9.48 13.14 21.23
O6 IMP H . -10.00 12.04 21.04
N1 IMP H . -10.27 14.27 21.17
C2 IMP H . -9.68 15.52 21.10
N3 IMP H . -8.31 15.64 21.09
C4 IMP H . -7.52 14.53 21.15
K K I . -9.10 18.53 14.25
K K J . -15.07 -18.64 -0.99
P IMP K . 4.76 -15.96 -14.28
O1P IMP K . 5.28 -17.04 -13.35
O2P IMP K . 5.02 -14.53 -13.90
O3P IMP K . 3.26 -16.16 -14.42
O5' IMP K . 5.44 -16.16 -15.71
C5' IMP K . 6.83 -16.41 -15.85
C4' IMP K . 7.15 -17.09 -17.16
O4' IMP K . 6.64 -16.29 -18.27
C3' IMP K . 8.63 -17.26 -17.48
O3' IMP K . 9.21 -18.36 -16.82
C2' IMP K . 8.62 -17.38 -19.00
O2' IMP K . 8.28 -18.70 -19.42
C1' IMP K . 7.48 -16.45 -19.39
N9 IMP K . 7.98 -15.12 -19.81
C8 IMP K . 8.82 -14.31 -19.11
N7 IMP K . 9.03 -13.19 -19.83
C5 IMP K . 8.32 -13.28 -20.98
C6 IMP K . 8.18 -12.41 -22.07
O6 IMP K . 8.51 -11.23 -21.94
N1 IMP K . 7.37 -12.78 -23.12
C2 IMP K . 6.72 -14.00 -23.10
N3 IMP K . 6.86 -14.84 -22.02
C4 IMP K . 7.66 -14.49 -20.97
K K L . -0.48 -13.86 -20.67
#